data_6QSK
#
_entry.id   6QSK
#
_cell.length_a   45.705
_cell.length_b   102.716
_cell.length_c   181.253
_cell.angle_alpha   89.93
_cell.angle_beta   90.08
_cell.angle_gamma   90.19
#
_symmetry.space_group_name_H-M   'P 1'
#
loop_
_entity.id
_entity.type
_entity.pdbx_description
1 polymer 'GDP-mannose transporter 1'
2 non-polymer '(2R)-2,3-dihydroxypropyl (9Z)-octadec-9-enoate'
3 non-polymer "GUANOSINE-5'-MONOPHOSPHATE"
4 non-polymer 'SODIUM ION'
5 water water
#
_entity_poly.entity_id   1
_entity_poly.type   'polypeptide(L)'
_entity_poly.pdbx_seq_one_letter_code
;MSELKTGHAGHNPWASVANSGPISILSYCGSSILMTVTNKFVVNLKDFNMNFVMLFVQSLVCTITLIILRILGYAKFRSL
NKTDAKNWFPISFLLVLMIYTSSKALQYLAVPIYTIFKNLTIILIAYGEVLFFGGSVTSMELSSFLLMVLSSVVATWGDQ
QAVAAKAASLAEGAAGAVASFNPGYFWMFTNCITSALFVLIMRKRIKLTNFKDFDTMFYNNVLALPILLLFSFCVEDWSS
VNLTNNFSNDSLTAMIISGVASVGISYCSGWCVRVTSSTTYSMVGALNKLPIALSGLIFFDAPRNFLSILSIFIGFLSGI
IYAVAKQKKQQAQPLRK
;
_entity_poly.pdbx_strand_id   A,B,C,D,E,F,G,H
#
# COMPACT_ATOMS: atom_id res chain seq x y z
N ASN A 19 -7.61 48.22 64.46
CA ASN A 19 -6.95 47.92 63.19
C ASN A 19 -5.87 46.84 63.36
N SER A 20 -6.25 45.61 63.02
CA SER A 20 -5.34 44.48 63.01
C SER A 20 -6.02 43.27 62.35
N GLY A 21 -5.19 42.35 61.85
CA GLY A 21 -5.64 41.10 61.31
C GLY A 21 -5.79 41.10 59.80
N PRO A 22 -6.86 40.47 59.31
CA PRO A 22 -7.12 40.45 57.87
C PRO A 22 -7.63 41.78 57.32
N ILE A 23 -7.83 42.76 58.20
CA ILE A 23 -8.24 44.10 57.79
C ILE A 23 -7.10 44.78 57.07
N SER A 24 -5.88 44.56 57.55
CA SER A 24 -4.75 45.15 56.85
C SER A 24 -4.64 44.57 55.46
N ILE A 25 -4.96 43.29 55.31
CA ILE A 25 -4.79 42.62 54.03
C ILE A 25 -5.77 43.14 52.99
N LEU A 26 -7.05 43.30 53.35
CA LEU A 26 -8.00 43.92 52.43
C LEU A 26 -7.62 45.36 52.10
N SER A 27 -7.03 46.06 53.07
CA SER A 27 -6.63 47.44 52.87
C SER A 27 -5.50 47.53 51.86
N TYR A 28 -4.48 46.70 52.05
CA TYR A 28 -3.35 46.73 51.12
C TYR A 28 -3.86 46.44 49.72
N CYS A 29 -4.84 45.55 49.61
CA CYS A 29 -5.38 45.19 48.31
C CYS A 29 -6.09 46.37 47.66
N GLY A 30 -6.99 47.02 48.40
CA GLY A 30 -7.67 48.19 47.87
C GLY A 30 -6.74 49.30 47.40
N SER A 31 -5.73 49.63 48.20
CA SER A 31 -4.82 50.71 47.80
C SER A 31 -3.92 50.30 46.64
N SER A 32 -3.59 49.01 46.52
CA SER A 32 -2.88 48.52 45.33
C SER A 32 -3.74 48.60 44.08
N ILE A 33 -4.97 48.10 44.19
CA ILE A 33 -5.91 48.07 43.06
C ILE A 33 -6.21 49.47 42.60
N LEU A 34 -6.37 50.39 43.55
CA LEU A 34 -6.57 51.79 43.22
C LEU A 34 -5.37 52.39 42.51
N MET A 35 -4.15 52.05 42.93
CA MET A 35 -2.97 52.63 42.29
C MET A 35 -2.73 52.01 40.95
N THR A 36 -3.06 50.72 40.82
CA THR A 36 -2.95 50.07 39.52
C THR A 36 -3.89 50.73 38.51
N VAL A 37 -5.09 51.10 38.96
CA VAL A 37 -6.03 51.76 38.06
C VAL A 37 -5.60 53.19 37.79
N THR A 38 -5.20 53.91 38.83
CA THR A 38 -4.74 55.27 38.62
C THR A 38 -3.52 55.31 37.70
N ASN A 39 -2.56 54.40 37.87
CA ASN A 39 -1.40 54.52 36.99
C ASN A 39 -1.76 54.10 35.58
N LYS A 40 -2.78 53.26 35.41
CA LYS A 40 -3.11 52.75 34.10
C LYS A 40 -4.30 53.44 33.44
N PHE A 41 -5.12 54.18 34.20
CA PHE A 41 -6.24 54.92 33.61
C PHE A 41 -6.10 56.43 33.73
N VAL A 42 -5.98 56.97 34.95
CA VAL A 42 -6.03 58.42 35.15
C VAL A 42 -4.85 59.13 34.50
N VAL A 43 -3.66 58.58 34.64
CA VAL A 43 -2.44 59.21 34.12
C VAL A 43 -2.01 58.53 32.83
N ASN A 44 -2.19 59.24 31.71
CA ASN A 44 -1.81 58.72 30.41
C ASN A 44 -0.28 58.70 30.26
N LEU A 45 0.25 57.51 30.02
CA LEU A 45 1.67 57.22 29.88
C LEU A 45 2.43 57.74 31.11
N LYS A 46 2.55 56.88 32.10
CA LYS A 46 3.36 57.14 33.28
C LYS A 46 4.78 56.61 33.15
N ASP A 47 5.19 56.16 31.97
CA ASP A 47 6.57 55.73 31.75
C ASP A 47 7.44 56.95 31.45
N PHE A 48 7.70 57.67 32.54
CA PHE A 48 8.37 58.94 32.61
C PHE A 48 9.88 58.78 32.37
N ASN A 49 10.51 59.92 32.07
CA ASN A 49 11.94 59.97 31.83
C ASN A 49 12.76 59.78 33.10
N MET A 50 12.36 60.40 34.22
CA MET A 50 13.11 60.38 35.49
C MET A 50 12.34 59.66 36.62
N ASN A 51 12.62 58.37 36.81
CA ASN A 51 11.80 57.56 37.72
C ASN A 51 11.95 57.96 39.19
N PHE A 52 13.18 58.19 39.68
CA PHE A 52 13.32 58.49 41.11
C PHE A 52 12.76 59.86 41.45
N VAL A 53 12.64 60.74 40.46
CA VAL A 53 12.06 62.07 40.65
C VAL A 53 10.55 61.98 40.85
N MET A 54 9.90 61.08 40.11
CA MET A 54 8.50 60.78 40.36
C MET A 54 8.30 60.18 41.75
N LEU A 55 9.19 59.26 42.17
CA LEU A 55 9.01 58.70 43.51
C LEU A 55 9.28 59.75 44.59
N PHE A 56 10.14 60.72 44.31
CA PHE A 56 10.44 61.73 45.30
C PHE A 56 9.24 62.62 45.55
N VAL A 57 8.52 62.94 44.48
CA VAL A 57 7.27 63.69 44.60
C VAL A 57 6.19 62.82 45.24
N GLN A 58 6.12 61.55 44.82
CA GLN A 58 5.17 60.63 45.42
C GLN A 58 5.31 60.59 46.92
N SER A 59 6.55 60.45 47.40
CA SER A 59 6.83 60.50 48.83
C SER A 59 6.73 61.92 49.36
N LEU A 60 6.96 62.91 48.51
CA LEU A 60 6.78 64.28 48.97
C LEU A 60 5.32 64.56 49.24
N VAL A 61 4.43 64.00 48.42
CA VAL A 61 3.00 64.15 48.69
C VAL A 61 2.60 63.41 49.97
N CYS A 62 3.11 62.17 50.19
CA CYS A 62 2.78 61.37 51.37
C CYS A 62 3.23 62.03 52.68
N THR A 63 4.37 62.71 52.65
CA THR A 63 4.83 63.43 53.84
C THR A 63 3.93 64.65 54.13
N ILE A 64 3.65 65.47 53.10
CA ILE A 64 2.79 66.63 53.31
C ILE A 64 1.46 66.20 53.90
N THR A 65 0.87 65.14 53.33
CA THR A 65 -0.43 64.68 53.80
C THR A 65 -0.38 64.34 55.28
N LEU A 66 0.70 63.69 55.74
CA LEU A 66 0.73 63.30 57.14
C LEU A 66 0.78 64.51 58.05
N ILE A 67 1.54 65.55 57.69
CA ILE A 67 1.68 66.73 58.56
C ILE A 67 0.34 67.44 58.74
N ILE A 68 -0.42 67.58 57.66
CA ILE A 68 -1.75 68.18 57.77
C ILE A 68 -2.63 67.32 58.69
N LEU A 69 -2.46 66.00 58.63
CA LEU A 69 -3.29 65.11 59.42
C LEU A 69 -2.92 65.14 60.89
N ARG A 70 -1.62 65.28 61.18
CA ARG A 70 -1.15 65.34 62.56
C ARG A 70 -1.73 66.54 63.28
N ILE A 71 -1.78 67.68 62.58
CA ILE A 71 -2.29 68.92 63.16
C ILE A 71 -3.82 68.93 63.12
N LEU A 72 -4.44 67.81 62.72
CA LEU A 72 -5.89 67.58 62.71
C LEU A 72 -6.17 66.16 63.24
N GLY A 73 -6.21 66.00 64.55
CA GLY A 73 -6.49 64.70 65.14
C GLY A 73 -6.82 64.78 66.62
N PHE A 77 -1.03 61.39 66.56
CA PHE A 77 -0.89 60.83 65.22
C PHE A 77 0.49 60.16 64.97
N ARG A 78 1.60 60.85 65.25
CA ARG A 78 2.93 60.32 64.90
C ARG A 78 4.00 61.15 65.62
N SER A 79 5.27 60.71 65.50
CA SER A 79 6.42 61.33 66.19
C SER A 79 7.61 61.56 65.25
N LEU A 80 8.53 62.45 65.65
CA LEU A 80 9.72 62.83 64.88
C LEU A 80 10.95 62.81 65.77
N ASN A 81 11.96 62.00 65.44
CA ASN A 81 13.09 61.81 66.37
C ASN A 81 14.42 62.06 65.70
N LYS A 82 15.46 61.79 66.50
CA LYS A 82 16.88 61.73 66.15
C LYS A 82 17.50 60.37 66.40
N THR A 83 17.09 59.65 67.45
CA THR A 83 17.59 58.29 67.66
C THR A 83 16.91 57.30 66.73
N ASP A 84 15.59 57.46 66.55
CA ASP A 84 14.84 56.60 65.65
C ASP A 84 15.28 56.80 64.20
N ALA A 85 15.67 58.03 63.83
CA ALA A 85 16.05 58.27 62.44
C ALA A 85 17.28 57.47 62.06
N LYS A 86 18.30 57.45 62.93
CA LYS A 86 19.53 56.74 62.61
C LYS A 86 19.32 55.23 62.51
N ASN A 87 18.29 54.72 63.17
CA ASN A 87 17.98 53.31 63.08
C ASN A 87 17.03 53.00 61.95
N TRP A 88 16.24 53.98 61.52
CA TRP A 88 15.34 53.77 60.40
C TRP A 88 16.02 54.03 59.09
N PHE A 89 17.12 54.79 59.12
CA PHE A 89 17.81 55.15 57.88
C PHE A 89 18.22 53.94 57.04
N PRO A 90 18.73 52.85 57.61
CA PRO A 90 19.04 51.70 56.76
C PRO A 90 17.82 51.13 56.08
N ILE A 91 16.65 51.21 56.72
CA ILE A 91 15.41 50.71 56.10
C ILE A 91 15.06 51.52 54.84
N SER A 92 15.19 52.84 54.91
CA SER A 92 14.91 53.73 53.76
C SER A 92 15.87 53.44 52.61
N PHE A 93 17.15 53.27 52.92
CA PHE A 93 18.15 53.00 51.91
C PHE A 93 17.91 51.63 51.30
N LEU A 94 17.45 50.68 52.12
CA LEU A 94 17.06 49.40 51.59
C LEU A 94 15.90 49.55 50.61
N LEU A 95 15.03 50.53 50.83
CA LEU A 95 13.92 50.74 49.89
C LEU A 95 14.43 51.29 48.57
N VAL A 96 15.16 52.40 48.61
CA VAL A 96 15.58 53.08 47.38
C VAL A 96 16.46 52.17 46.54
N LEU A 97 17.34 51.44 47.18
CA LEU A 97 18.12 50.43 46.49
C LEU A 97 17.25 49.28 46.00
N MET A 98 16.20 48.92 46.74
CA MET A 98 15.28 47.89 46.28
C MET A 98 14.66 48.28 44.96
N ILE A 99 14.24 49.54 44.82
CA ILE A 99 13.69 50.04 43.56
C ILE A 99 14.75 50.09 42.48
N TYR A 100 15.97 50.53 42.84
CA TYR A 100 17.03 50.68 41.87
C TYR A 100 17.41 49.34 41.25
N THR A 101 17.60 48.30 42.07
CA THR A 101 17.95 47.01 41.51
C THR A 101 16.80 46.45 40.69
N SER A 102 15.59 46.71 41.14
CA SER A 102 14.41 46.23 40.43
C SER A 102 14.26 46.93 39.10
N SER A 103 14.57 48.23 39.02
CA SER A 103 14.60 48.89 37.71
C SER A 103 15.69 48.28 36.84
N LYS A 104 16.91 48.17 37.39
CA LYS A 104 18.03 47.59 36.66
C LYS A 104 17.82 46.12 36.36
N ALA A 105 17.06 45.40 37.22
CA ALA A 105 16.76 44.00 36.90
C ALA A 105 15.91 43.92 35.63
N LEU A 106 14.86 44.75 35.57
CA LEU A 106 13.90 44.72 34.48
C LEU A 106 14.44 45.32 33.18
N GLN A 107 15.55 46.06 33.22
CA GLN A 107 16.09 46.53 31.95
C GLN A 107 16.54 45.36 31.10
N TYR A 108 17.06 44.30 31.72
CA TYR A 108 17.57 43.11 31.03
C TYR A 108 16.71 41.85 31.12
N LEU A 109 15.70 41.80 32.01
CA LEU A 109 14.89 40.59 32.19
C LEU A 109 13.38 40.81 31.92
N ALA A 110 12.75 39.79 31.31
CA ALA A 110 11.33 39.85 31.00
C ALA A 110 10.51 39.91 32.26
N VAL A 111 9.33 40.51 32.21
CA VAL A 111 8.48 40.64 33.38
C VAL A 111 8.08 39.28 33.95
N PRO A 112 7.67 38.28 33.13
CA PRO A 112 7.27 36.99 33.71
C PRO A 112 8.35 36.30 34.53
N ILE A 113 9.61 36.34 34.04
CA ILE A 113 10.79 35.84 34.75
C ILE A 113 11.13 36.69 35.98
N TYR A 114 11.09 38.02 35.84
CA TYR A 114 11.28 38.87 37.00
C TYR A 114 10.34 38.41 38.07
N THR A 115 9.11 38.06 37.70
CA THR A 115 8.19 37.56 38.72
C THR A 115 8.62 36.20 39.26
N ILE A 116 9.12 35.29 38.43
CA ILE A 116 9.60 34.04 39.01
C ILE A 116 10.56 34.34 40.16
N PHE A 117 11.61 35.11 39.90
CA PHE A 117 12.52 35.40 41.01
C PHE A 117 11.82 36.21 42.09
N LYS A 118 10.88 37.07 41.75
CA LYS A 118 10.24 37.80 42.82
C LYS A 118 9.48 36.86 43.73
N ASN A 119 8.95 35.76 43.18
CA ASN A 119 8.22 34.81 44.02
C ASN A 119 9.15 33.95 44.83
N LEU A 120 10.36 33.73 44.31
CA LEU A 120 11.36 32.91 44.98
C LEU A 120 11.87 33.61 46.22
N THR A 121 11.85 34.96 46.20
CA THR A 121 12.20 35.74 47.38
C THR A 121 11.20 35.53 48.51
N ILE A 122 9.94 35.26 48.20
CA ILE A 122 9.00 34.94 49.27
C ILE A 122 9.50 33.76 50.10
N ILE A 123 10.17 32.80 49.48
CA ILE A 123 10.69 31.67 50.24
C ILE A 123 11.80 32.14 51.19
N LEU A 124 12.81 32.85 50.69
CA LEU A 124 13.84 33.28 51.62
C LEU A 124 13.32 34.30 52.59
N ILE A 125 12.30 35.08 52.20
CA ILE A 125 11.70 35.99 53.17
C ILE A 125 11.06 35.20 54.30
N ALA A 126 10.34 34.13 53.95
CA ALA A 126 9.77 33.24 54.95
C ALA A 126 10.85 32.55 55.79
N TYR A 127 11.90 32.05 55.16
CA TYR A 127 12.93 31.50 56.03
C TYR A 127 13.78 32.59 56.63
N GLY A 128 13.68 33.80 56.08
CA GLY A 128 14.34 34.93 56.69
C GLY A 128 13.67 35.34 57.97
N GLU A 129 12.34 35.17 58.04
CA GLU A 129 11.60 35.43 59.28
C GLU A 129 11.97 34.44 60.39
N VAL A 130 12.34 33.20 60.06
CA VAL A 130 12.73 32.27 61.11
C VAL A 130 14.00 32.73 61.80
N LEU A 131 14.96 33.24 61.01
CA LEU A 131 16.22 33.77 61.53
C LEU A 131 16.08 35.16 62.13
N PHE A 132 14.92 35.81 61.97
CA PHE A 132 14.62 37.14 62.52
C PHE A 132 13.67 37.13 63.70
N PHE A 133 12.76 36.18 63.76
CA PHE A 133 11.81 36.18 64.85
C PHE A 133 11.76 34.75 65.37
N GLY A 134 11.60 33.77 64.46
CA GLY A 134 11.66 32.38 64.85
C GLY A 134 10.50 31.50 64.43
N GLY A 135 9.36 32.10 64.09
CA GLY A 135 8.20 31.31 63.72
C GLY A 135 8.43 30.43 62.49
N SER A 136 8.79 29.17 62.76
CA SER A 136 9.21 28.18 61.75
C SER A 136 8.21 28.05 60.60
N VAL A 137 8.74 27.64 59.44
CA VAL A 137 7.95 27.52 58.22
C VAL A 137 7.19 26.19 58.23
N THR A 138 5.87 26.26 58.18
CA THR A 138 5.10 25.03 58.16
C THR A 138 5.35 24.29 56.88
N SER A 139 5.22 22.98 56.95
CA SER A 139 5.29 22.22 55.71
C SER A 139 4.19 22.67 54.77
N MET A 140 3.03 23.03 55.30
CA MET A 140 1.96 23.49 54.41
C MET A 140 2.27 24.89 53.87
N GLU A 141 2.98 25.73 54.63
CA GLU A 141 3.38 27.03 54.12
C GLU A 141 4.34 26.90 52.95
N LEU A 142 5.27 25.97 53.05
CA LEU A 142 6.22 25.76 51.96
C LEU A 142 5.48 25.31 50.68
N SER A 143 4.39 24.55 50.80
CA SER A 143 3.64 24.14 49.61
C SER A 143 3.07 25.33 48.85
N SER A 144 2.59 26.33 49.61
CA SER A 144 2.05 27.55 49.02
C SER A 144 3.12 28.25 48.22
N PHE A 145 4.33 28.35 48.78
CA PHE A 145 5.42 29.01 48.07
C PHE A 145 5.80 28.24 46.80
N LEU A 146 5.76 26.91 46.85
CA LEU A 146 6.05 26.15 45.65
C LEU A 146 4.94 26.35 44.63
N LEU A 147 3.70 26.45 45.11
CA LEU A 147 2.59 26.67 44.19
C LEU A 147 2.69 28.03 43.57
N MET A 148 3.21 28.99 44.29
CA MET A 148 3.37 30.30 43.69
C MET A 148 4.52 30.28 42.67
N VAL A 149 5.55 29.50 42.95
CA VAL A 149 6.62 29.36 41.98
C VAL A 149 6.10 28.58 40.78
N LEU A 150 5.40 27.48 41.03
CA LEU A 150 4.81 26.73 39.93
C LEU A 150 4.00 27.63 39.04
N SER A 151 3.13 28.43 39.66
CA SER A 151 2.25 29.30 38.91
C SER A 151 3.04 30.19 37.95
N SER A 152 4.03 30.93 38.47
CA SER A 152 4.79 31.85 37.61
C SER A 152 5.57 31.10 36.52
N VAL A 153 6.19 29.97 36.87
CA VAL A 153 6.95 29.26 35.86
C VAL A 153 6.03 28.89 34.73
N VAL A 154 4.81 28.46 35.07
CA VAL A 154 3.77 28.17 34.11
C VAL A 154 3.32 29.42 33.38
N ALA A 155 3.28 30.57 34.08
CA ALA A 155 2.92 31.81 33.41
C ALA A 155 4.00 32.25 32.43
N THR A 156 5.27 32.05 32.78
CA THR A 156 6.37 32.28 31.85
C THR A 156 6.35 31.27 30.70
N TRP A 157 6.18 29.99 31.04
CA TRP A 157 6.09 28.98 29.99
C TRP A 157 5.01 29.39 28.99
N GLY A 158 4.02 30.17 29.43
CA GLY A 158 2.99 30.65 28.52
C GLY A 158 3.20 32.02 27.93
N ASP A 159 4.39 32.31 27.38
CA ASP A 159 4.72 33.65 26.88
C ASP A 159 5.88 33.62 25.85
N GLN A 160 6.24 34.81 25.34
CA GLN A 160 7.42 35.02 24.49
C GLN A 160 8.56 35.73 25.22
N GLN A 161 8.46 37.05 25.37
CA GLN A 161 9.48 37.83 26.07
C GLN A 161 8.69 38.80 26.93
N ASN A 182 21.60 38.55 30.17
CA ASN A 182 22.37 37.89 31.21
C ASN A 182 22.73 38.91 32.28
N PRO A 183 23.17 40.11 31.91
CA PRO A 183 23.47 41.10 32.96
C PRO A 183 22.29 41.29 33.91
N GLY A 184 21.06 41.11 33.45
CA GLY A 184 19.91 41.24 34.31
C GLY A 184 19.88 40.25 35.47
N TYR A 185 20.57 39.10 35.33
CA TYR A 185 20.53 38.14 36.43
C TYR A 185 21.33 38.59 37.63
N PHE A 186 22.41 39.35 37.44
CA PHE A 186 23.16 39.84 38.59
C PHE A 186 22.27 40.76 39.42
N TRP A 187 21.57 41.67 38.73
CA TRP A 187 20.67 42.63 39.37
C TRP A 187 19.43 41.96 39.99
N MET A 188 18.98 40.82 39.44
CA MET A 188 17.91 40.05 40.13
C MET A 188 18.45 39.40 41.38
N PHE A 189 19.66 38.89 41.34
CA PHE A 189 20.23 38.37 42.57
C PHE A 189 20.29 39.48 43.63
N THR A 190 20.54 40.72 43.19
CA THR A 190 20.58 41.89 44.07
C THR A 190 19.20 42.46 44.42
N ASN A 191 18.17 42.29 43.57
CA ASN A 191 16.85 42.77 43.94
C ASN A 191 16.25 41.87 45.01
N CYS A 192 16.55 40.57 44.92
CA CYS A 192 16.01 39.58 45.84
C CYS A 192 16.50 39.81 47.26
N ILE A 193 17.79 40.09 47.41
CA ILE A 193 18.32 40.22 48.76
C ILE A 193 17.96 41.59 49.36
N THR A 194 17.94 42.65 48.55
CA THR A 194 17.51 43.94 49.08
C THR A 194 15.99 44.01 49.28
N SER A 195 15.22 43.16 48.60
CA SER A 195 13.80 43.07 48.94
C SER A 195 13.60 42.35 50.28
N ALA A 196 14.40 41.31 50.54
CA ALA A 196 14.25 40.55 51.78
C ALA A 196 14.80 41.33 52.98
N LEU A 197 16.01 41.87 52.87
CA LEU A 197 16.58 42.66 53.96
C LEU A 197 15.72 43.87 54.26
N PHE A 198 15.01 44.37 53.25
CA PHE A 198 14.15 45.52 53.47
C PHE A 198 12.92 45.12 54.28
N VAL A 199 12.20 44.09 53.84
CA VAL A 199 10.96 43.69 54.49
C VAL A 199 11.20 43.12 55.89
N LEU A 200 12.37 42.52 56.13
CA LEU A 200 12.64 41.91 57.42
C LEU A 200 13.09 42.95 58.45
N ILE A 201 14.05 43.80 58.05
CA ILE A 201 14.61 44.78 58.97
C ILE A 201 13.58 45.84 59.33
N MET A 202 12.66 46.15 58.42
CA MET A 202 11.60 47.11 58.74
C MET A 202 10.63 46.53 59.76
N ARG A 203 10.16 45.31 59.50
CA ARG A 203 9.32 44.63 60.46
C ARG A 203 10.07 44.43 61.77
N LYS A 204 11.41 44.24 61.73
CA LYS A 204 12.20 44.15 62.96
C LYS A 204 12.22 45.48 63.71
N ARG A 205 12.64 46.56 63.08
CA ARG A 205 12.68 47.86 63.74
C ARG A 205 11.29 48.39 64.09
N ILE A 206 10.25 47.95 63.40
CA ILE A 206 8.91 48.36 63.77
C ILE A 206 8.57 47.76 65.14
N LYS A 207 8.68 46.45 65.24
CA LYS A 207 8.42 45.75 66.50
C LYS A 207 9.40 46.16 67.60
N LEU A 208 10.58 46.66 67.23
CA LEU A 208 11.56 47.11 68.22
C LEU A 208 11.20 48.46 68.84
N THR A 209 10.78 49.44 68.05
CA THR A 209 10.43 50.75 68.59
C THR A 209 8.93 51.00 68.64
N ASN A 210 8.14 49.95 68.74
CA ASN A 210 6.69 50.06 68.83
C ASN A 210 6.14 51.18 67.93
N PHE A 211 6.62 51.17 66.69
CA PHE A 211 6.17 52.08 65.64
C PHE A 211 4.76 51.72 65.22
N LYS A 212 3.85 52.69 65.21
CA LYS A 212 2.50 52.44 64.72
C LYS A 212 2.36 52.88 63.26
N ASP A 213 1.34 52.36 62.59
CA ASP A 213 1.11 52.64 61.18
C ASP A 213 0.78 54.11 61.05
N PHE A 214 1.66 54.89 60.42
CA PHE A 214 1.63 56.35 60.46
C PHE A 214 3.01 56.83 60.87
N ASP A 215 3.55 56.23 61.93
CA ASP A 215 4.96 56.41 62.23
C ASP A 215 5.81 55.66 61.22
N THR A 216 5.44 54.41 60.94
CA THR A 216 6.09 53.69 59.87
C THR A 216 5.91 54.42 58.55
N MET A 217 4.69 54.94 58.28
CA MET A 217 4.44 55.68 57.05
C MET A 217 5.27 56.96 56.95
N PHE A 218 5.28 57.76 58.00
CA PHE A 218 6.04 59.01 58.00
C PHE A 218 7.54 58.75 57.90
N TYR A 219 8.08 57.82 58.69
CA TYR A 219 9.53 57.58 58.63
C TYR A 219 9.99 57.07 57.27
N ASN A 220 9.19 56.23 56.61
CA ASN A 220 9.63 55.74 55.30
C ASN A 220 9.65 56.86 54.28
N ASN A 221 8.57 57.65 54.23
CA ASN A 221 8.45 58.68 53.22
C ASN A 221 9.40 59.85 53.47
N VAL A 222 9.65 60.20 54.73
CA VAL A 222 10.53 61.32 55.00
C VAL A 222 11.98 60.96 54.64
N LEU A 223 12.51 59.89 55.23
CA LEU A 223 13.91 59.55 55.00
C LEU A 223 14.22 59.05 53.59
N ALA A 224 13.21 58.77 52.75
CA ALA A 224 13.49 58.38 51.36
C ALA A 224 13.87 59.60 50.52
N LEU A 225 13.21 60.72 50.77
CA LEU A 225 13.45 61.96 50.05
C LEU A 225 14.92 62.24 49.75
N PRO A 226 15.83 62.23 50.73
CA PRO A 226 17.24 62.53 50.40
C PRO A 226 17.92 61.42 49.64
N ILE A 227 17.58 60.17 49.97
CA ILE A 227 18.19 59.08 49.23
C ILE A 227 17.62 58.98 47.82
N LEU A 228 16.38 59.40 47.59
CA LEU A 228 15.88 59.41 46.21
C LEU A 228 16.63 60.41 45.33
N LEU A 229 16.89 61.61 45.86
CA LEU A 229 17.59 62.67 45.14
C LEU A 229 19.06 62.34 44.91
N LEU A 230 19.69 61.66 45.86
CA LEU A 230 21.03 61.18 45.59
C LEU A 230 21.00 60.15 44.49
N PHE A 231 19.98 59.27 44.50
CA PHE A 231 19.92 58.27 43.46
C PHE A 231 19.54 58.85 42.12
N SER A 232 18.70 59.89 42.07
CA SER A 232 18.40 60.45 40.76
C SER A 232 19.62 61.15 40.20
N PHE A 233 20.31 61.93 41.04
CA PHE A 233 21.44 62.65 40.48
C PHE A 233 22.50 61.68 39.97
N CYS A 234 22.65 60.53 40.60
CA CYS A 234 23.72 59.66 40.16
C CYS A 234 23.34 58.84 38.93
N VAL A 235 22.06 58.58 38.71
CA VAL A 235 21.60 57.66 37.68
C VAL A 235 20.90 58.37 36.52
N GLU A 236 19.98 59.29 36.80
CA GLU A 236 19.31 59.99 35.71
C GLU A 236 20.13 61.16 35.15
N ASP A 237 19.84 61.52 33.90
CA ASP A 237 20.50 62.62 33.19
C ASP A 237 19.70 63.92 33.34
N TRP A 238 20.31 64.90 34.01
CA TRP A 238 19.73 66.21 34.29
C TRP A 238 20.28 67.22 33.28
N SER A 239 19.44 67.66 32.35
CA SER A 239 19.87 68.64 31.35
C SER A 239 18.77 69.68 31.15
N SER A 240 19.09 70.95 31.39
CA SER A 240 18.06 71.98 31.30
C SER A 240 17.59 72.12 29.86
N VAL A 241 18.50 72.00 28.90
CA VAL A 241 18.14 72.23 27.51
C VAL A 241 17.21 71.12 27.02
N ASN A 242 17.28 69.94 27.62
CA ASN A 242 16.47 68.81 27.18
C ASN A 242 15.40 68.44 28.22
N LEU A 243 15.78 67.77 29.32
CA LEU A 243 14.81 67.12 30.18
C LEU A 243 13.99 68.07 31.04
N THR A 244 14.36 69.35 31.13
CA THR A 244 13.52 70.33 31.80
C THR A 244 12.24 70.58 31.02
N ASN A 245 12.33 70.52 29.69
CA ASN A 245 11.10 70.58 28.91
C ASN A 245 10.29 69.32 29.12
N ASN A 246 10.95 68.20 29.40
CA ASN A 246 10.24 66.93 29.47
C ASN A 246 9.30 66.86 30.66
N PHE A 247 9.57 67.54 31.76
CA PHE A 247 8.58 67.60 32.84
C PHE A 247 7.91 68.99 32.82
N SER A 248 6.72 69.04 32.23
CA SER A 248 5.97 70.26 32.03
C SER A 248 5.00 70.47 33.18
N ASN A 249 4.11 71.47 33.06
CA ASN A 249 3.02 71.64 34.01
C ASN A 249 2.08 70.44 34.00
N ASP A 250 1.90 69.81 32.84
CA ASP A 250 0.96 68.70 32.80
C ASP A 250 1.55 67.43 33.42
N SER A 251 2.83 67.13 33.17
CA SER A 251 3.45 65.94 33.77
C SER A 251 3.62 66.11 35.28
N LEU A 252 3.90 67.33 35.73
CA LEU A 252 3.93 67.61 37.16
C LEU A 252 2.58 67.35 37.77
N THR A 253 1.51 67.69 37.04
CA THR A 253 0.17 67.36 37.51
C THR A 253 -0.01 65.86 37.64
N ALA A 254 0.57 65.08 36.72
CA ALA A 254 0.48 63.62 36.83
C ALA A 254 1.22 63.08 38.07
N MET A 255 2.37 63.66 38.44
CA MET A 255 3.10 63.08 39.56
C MET A 255 2.38 63.32 40.87
N ILE A 256 1.59 64.38 40.94
CA ILE A 256 0.82 64.67 42.15
C ILE A 256 -0.40 63.77 42.23
N ILE A 257 -1.05 63.53 41.10
CA ILE A 257 -2.12 62.53 41.04
C ILE A 257 -1.57 61.16 41.45
N SER A 258 -0.36 60.86 41.01
CA SER A 258 0.29 59.62 41.41
C SER A 258 0.61 59.63 42.90
N GLY A 259 0.94 60.81 43.42
CA GLY A 259 1.23 60.93 44.85
C GLY A 259 0.01 60.73 45.72
N VAL A 260 -1.15 61.26 45.32
CA VAL A 260 -2.33 61.02 46.12
C VAL A 260 -2.65 59.53 46.13
N ALA A 261 -2.46 58.86 44.99
CA ALA A 261 -2.72 57.42 44.93
C ALA A 261 -1.77 56.64 45.85
N SER A 262 -0.49 57.04 45.90
CA SER A 262 0.45 56.25 46.68
C SER A 262 0.26 56.42 48.19
N VAL A 263 -0.56 57.37 48.65
CA VAL A 263 -0.83 57.43 50.09
C VAL A 263 -1.49 56.14 50.58
N GLY A 264 -2.35 55.56 49.76
CA GLY A 264 -3.01 54.33 50.14
C GLY A 264 -2.03 53.22 50.48
N ILE A 265 -1.28 52.76 49.47
CA ILE A 265 -0.33 51.68 49.67
C ILE A 265 0.77 52.05 50.68
N SER A 266 1.10 53.34 50.84
CA SER A 266 2.13 53.70 51.83
C SER A 266 1.70 53.33 53.24
N TYR A 267 0.46 53.64 53.62
CA TYR A 267 0.05 53.34 54.97
C TYR A 267 -0.06 51.83 55.19
N CYS A 268 -0.62 51.12 54.20
CA CYS A 268 -0.91 49.69 54.33
C CYS A 268 0.31 48.80 54.28
N SER A 269 1.40 49.22 53.65
CA SER A 269 2.55 48.33 53.68
C SER A 269 3.05 48.11 55.11
N GLY A 270 3.34 49.21 55.83
CA GLY A 270 3.82 49.09 57.20
C GLY A 270 2.78 48.58 58.17
N TRP A 271 1.49 48.82 57.86
CA TRP A 271 0.40 48.25 58.65
C TRP A 271 0.33 46.74 58.44
N CYS A 272 0.39 46.29 57.17
CA CYS A 272 0.35 44.87 56.87
C CYS A 272 1.56 44.13 57.43
N VAL A 273 2.77 44.59 57.13
CA VAL A 273 3.95 43.87 57.64
C VAL A 273 3.90 43.79 59.17
N ARG A 274 3.35 44.81 59.82
CA ARG A 274 3.29 44.83 61.29
C ARG A 274 2.25 43.84 61.85
N VAL A 275 0.98 43.98 61.47
CA VAL A 275 -0.05 43.18 62.10
C VAL A 275 -0.03 41.73 61.61
N THR A 276 0.46 41.49 60.40
CA THR A 276 0.62 40.12 59.92
C THR A 276 2.08 39.66 59.89
N SER A 277 2.72 39.67 58.73
CA SER A 277 4.12 39.27 58.73
C SER A 277 4.81 39.83 57.49
N SER A 278 6.15 39.72 57.51
CA SER A 278 6.95 40.08 56.35
C SER A 278 6.66 39.12 55.24
N THR A 279 6.32 37.89 55.59
CA THR A 279 6.00 36.89 54.61
C THR A 279 4.58 37.05 54.08
N THR A 280 3.61 37.26 54.98
CA THR A 280 2.25 37.51 54.53
C THR A 280 2.19 38.74 53.62
N TYR A 281 2.97 39.78 53.94
CA TYR A 281 3.04 40.96 53.07
C TYR A 281 3.53 40.59 51.67
N SER A 282 4.57 39.77 51.59
CA SER A 282 5.15 39.43 50.30
C SER A 282 4.26 38.49 49.52
N MET A 283 3.50 37.65 50.22
CA MET A 283 2.52 36.78 49.58
C MET A 283 1.32 37.58 49.09
N VAL A 284 0.77 38.41 49.98
CA VAL A 284 -0.35 39.24 49.57
C VAL A 284 0.05 40.10 48.36
N GLY A 285 1.28 40.63 48.37
CA GLY A 285 1.73 41.48 47.27
C GLY A 285 1.80 40.79 45.91
N ALA A 286 2.39 39.59 45.88
CA ALA A 286 2.44 38.85 44.62
C ALA A 286 1.06 38.31 44.25
N LEU A 287 0.23 37.90 45.22
CA LEU A 287 -1.10 37.39 44.90
C LEU A 287 -1.98 38.50 44.32
N ASN A 288 -1.77 39.72 44.76
CA ASN A 288 -2.53 40.85 44.24
C ASN A 288 -2.46 40.96 42.73
N LYS A 289 -1.33 40.58 42.15
CA LYS A 289 -1.15 40.75 40.72
C LYS A 289 -2.19 39.93 39.95
N LEU A 290 -2.65 38.82 40.55
CA LEU A 290 -3.54 37.89 39.84
C LEU A 290 -4.93 38.46 39.53
N PRO A 291 -5.69 39.01 40.50
CA PRO A 291 -7.01 39.55 40.12
C PRO A 291 -6.91 40.68 39.09
N ILE A 292 -5.82 41.45 39.12
CA ILE A 292 -5.60 42.41 38.05
C ILE A 292 -5.40 41.70 36.73
N ALA A 293 -4.66 40.60 36.74
CA ALA A 293 -4.51 39.82 35.50
C ALA A 293 -5.82 39.20 35.08
N LEU A 294 -6.61 38.68 36.01
CA LEU A 294 -7.91 38.13 35.65
C LEU A 294 -8.86 39.21 35.20
N SER A 295 -8.68 40.43 35.71
CA SER A 295 -9.48 41.56 35.25
C SER A 295 -9.26 41.84 33.79
N GLY A 296 -8.00 41.91 33.37
CA GLY A 296 -7.70 42.19 31.98
C GLY A 296 -8.26 41.14 31.05
N LEU A 297 -8.47 39.94 31.55
CA LEU A 297 -9.00 38.89 30.69
C LEU A 297 -10.52 38.99 30.57
N ILE A 298 -11.20 39.44 31.62
CA ILE A 298 -12.65 39.57 31.57
C ILE A 298 -13.04 40.85 30.85
N PHE A 299 -12.44 41.96 31.28
CA PHE A 299 -12.74 43.30 30.78
C PHE A 299 -12.11 43.64 29.43
N PHE A 300 -11.33 42.77 28.79
CA PHE A 300 -10.74 43.14 27.51
C PHE A 300 -10.67 41.93 26.58
N ASP A 301 -10.74 42.20 25.27
CA ASP A 301 -10.74 41.19 24.21
C ASP A 301 -9.33 40.85 23.69
N ALA A 302 -8.29 41.06 24.49
CA ALA A 302 -6.95 40.69 24.10
C ALA A 302 -6.81 39.18 24.04
N PRO A 303 -5.84 38.69 23.28
CA PRO A 303 -5.57 37.24 23.21
C PRO A 303 -5.11 36.64 24.54
N ARG A 304 -5.60 35.43 24.85
CA ARG A 304 -5.32 34.67 26.05
C ARG A 304 -4.69 33.29 25.69
N ASN A 305 -4.09 32.60 26.67
CA ASN A 305 -3.56 31.25 26.43
C ASN A 305 -3.96 30.33 27.58
N PHE A 306 -4.17 29.05 27.27
CA PHE A 306 -4.55 28.14 28.33
C PHE A 306 -3.52 28.16 29.44
N LEU A 307 -2.25 28.26 29.08
CA LEU A 307 -1.23 28.32 30.10
C LEU A 307 -1.42 29.55 30.98
N SER A 308 -1.88 30.66 30.39
CA SER A 308 -2.07 31.87 31.17
C SER A 308 -3.20 31.71 32.18
N ILE A 309 -4.33 31.18 31.70
CA ILE A 309 -5.44 30.98 32.60
C ILE A 309 -5.06 29.98 33.69
N LEU A 310 -4.27 28.97 33.33
CA LEU A 310 -3.74 28.04 34.33
C LEU A 310 -2.99 28.76 35.43
N SER A 311 -1.96 29.51 35.04
CA SER A 311 -1.12 30.14 36.05
C SER A 311 -1.96 30.93 37.04
N ILE A 312 -3.00 31.62 36.54
CA ILE A 312 -3.82 32.44 37.43
C ILE A 312 -4.55 31.57 38.43
N PHE A 313 -5.17 30.48 37.97
CA PHE A 313 -5.90 29.66 38.93
C PHE A 313 -4.94 28.89 39.84
N ILE A 314 -3.74 28.59 39.34
CA ILE A 314 -2.71 28.02 40.20
C ILE A 314 -2.31 29.02 41.26
N GLY A 315 -2.10 30.27 40.88
CA GLY A 315 -1.87 31.27 41.91
C GLY A 315 -3.02 31.38 42.90
N PHE A 316 -4.27 31.18 42.45
CA PHE A 316 -5.39 31.23 43.39
C PHE A 316 -5.33 30.04 44.32
N LEU A 317 -5.05 28.86 43.77
CA LEU A 317 -4.88 27.70 44.63
C LEU A 317 -3.80 27.96 45.66
N SER A 318 -2.75 28.71 45.27
CA SER A 318 -1.67 28.97 46.21
C SER A 318 -2.16 29.83 47.36
N GLY A 319 -2.96 30.85 47.08
CA GLY A 319 -3.45 31.68 48.17
C GLY A 319 -4.29 30.86 49.14
N ILE A 320 -5.12 29.95 48.60
CA ILE A 320 -6.02 29.14 49.42
C ILE A 320 -5.21 28.25 50.35
N ILE A 321 -4.18 27.62 49.80
CA ILE A 321 -3.28 26.80 50.61
C ILE A 321 -2.61 27.66 51.65
N TYR A 322 -2.25 28.89 51.29
CA TYR A 322 -1.62 29.75 52.27
C TYR A 322 -2.63 30.13 53.34
N ALA A 323 -3.87 30.40 52.94
CA ALA A 323 -4.87 30.78 53.92
C ALA A 323 -5.04 29.69 54.96
N VAL A 324 -5.05 28.43 54.52
CA VAL A 324 -5.26 27.29 55.44
C VAL A 324 -4.05 27.12 56.37
N ALA A 325 -2.85 27.14 55.81
CA ALA A 325 -1.66 26.95 56.64
C ALA A 325 -1.63 27.94 57.77
N LYS A 326 -2.15 29.15 57.55
CA LYS A 326 -2.23 30.08 58.66
C LYS A 326 -3.25 29.60 59.67
N GLN A 327 -4.39 29.08 59.21
CA GLN A 327 -5.38 28.57 60.15
C GLN A 327 -4.83 27.38 60.93
N LYS A 328 -4.16 26.46 60.25
CA LYS A 328 -3.64 25.31 60.97
C LYS A 328 -2.47 25.70 61.85
N LYS A 329 -1.73 26.75 61.50
CA LYS A 329 -0.60 27.16 62.34
C LYS A 329 -1.10 27.70 63.66
N GLN A 330 -2.22 28.42 63.64
CA GLN A 330 -2.79 28.92 64.88
C GLN A 330 -3.29 27.77 65.73
N GLN A 331 -4.03 26.83 65.13
CA GLN A 331 -4.65 25.73 65.88
C GLN A 331 -3.63 24.77 66.48
N ALA A 332 -2.53 24.49 65.78
CA ALA A 332 -1.50 23.61 66.31
C ALA A 332 -0.66 24.33 67.37
N GLN A 333 -0.27 25.57 67.07
CA GLN A 333 0.56 26.40 67.95
C GLN A 333 -0.25 27.56 68.53
N ASN B 19 -11.31 -27.80 -7.67
CA ASN B 19 -12.24 -28.24 -6.62
C ASN B 19 -13.67 -27.85 -6.98
N SER B 20 -14.38 -28.78 -7.58
CA SER B 20 -15.78 -28.61 -7.91
C SER B 20 -16.36 -29.93 -8.39
N GLY B 21 -17.68 -30.04 -8.30
CA GLY B 21 -18.40 -31.19 -8.79
C GLY B 21 -18.74 -32.15 -7.68
N PRO B 22 -18.62 -33.46 -7.96
CA PRO B 22 -18.86 -34.47 -6.93
C PRO B 22 -17.75 -34.57 -5.88
N ILE B 23 -16.66 -33.83 -6.08
CA ILE B 23 -15.61 -33.84 -5.08
C ILE B 23 -16.09 -33.20 -3.80
N SER B 24 -16.88 -32.15 -3.91
CA SER B 24 -17.40 -31.55 -2.70
C SER B 24 -18.29 -32.55 -1.98
N ILE B 25 -19.02 -33.36 -2.74
CA ILE B 25 -19.99 -34.28 -2.14
C ILE B 25 -19.30 -35.40 -1.35
N LEU B 26 -18.25 -36.00 -1.91
CA LEU B 26 -17.45 -36.97 -1.16
C LEU B 26 -16.77 -36.31 0.06
N SER B 27 -16.37 -35.05 -0.08
CA SER B 27 -15.75 -34.31 1.02
C SER B 27 -16.76 -34.06 2.12
N TYR B 28 -17.95 -33.58 1.74
CA TYR B 28 -18.96 -33.34 2.76
C TYR B 28 -19.26 -34.65 3.49
N CYS B 29 -19.29 -35.75 2.75
CA CYS B 29 -19.52 -37.03 3.39
C CYS B 29 -18.35 -37.40 4.30
N GLY B 30 -17.13 -37.34 3.76
CA GLY B 30 -15.98 -37.63 4.58
C GLY B 30 -15.98 -36.82 5.87
N SER B 31 -16.31 -35.53 5.78
CA SER B 31 -16.29 -34.68 6.97
C SER B 31 -17.44 -34.97 7.91
N SER B 32 -18.62 -35.33 7.38
CA SER B 32 -19.74 -35.77 8.21
C SER B 32 -19.44 -37.08 8.89
N ILE B 33 -18.93 -38.04 8.12
CA ILE B 33 -18.63 -39.36 8.65
C ILE B 33 -17.62 -39.26 9.78
N LEU B 34 -16.64 -38.35 9.64
CA LEU B 34 -15.64 -38.14 10.69
C LEU B 34 -16.20 -37.50 11.96
N MET B 35 -17.09 -36.50 11.83
CA MET B 35 -17.61 -35.83 13.02
C MET B 35 -18.61 -36.71 13.73
N THR B 36 -19.34 -37.52 12.97
CA THR B 36 -20.26 -38.47 13.59
C THR B 36 -19.50 -39.42 14.51
N VAL B 37 -18.34 -39.90 14.04
CA VAL B 37 -17.55 -40.83 14.85
C VAL B 37 -16.88 -40.12 16.01
N THR B 38 -16.30 -38.96 15.74
CA THR B 38 -15.70 -38.22 16.83
C THR B 38 -16.74 -37.89 17.89
N ASN B 39 -17.96 -37.53 17.48
CA ASN B 39 -18.93 -37.21 18.52
C ASN B 39 -19.43 -38.41 19.27
N LYS B 40 -19.40 -39.59 18.64
CA LYS B 40 -19.91 -40.79 19.27
C LYS B 40 -18.83 -41.73 19.77
N PHE B 41 -17.56 -41.51 19.40
CA PHE B 41 -16.45 -42.31 19.93
C PHE B 41 -15.46 -41.51 20.77
N VAL B 42 -14.80 -40.48 20.21
CA VAL B 42 -13.72 -39.78 20.93
C VAL B 42 -14.22 -39.01 22.14
N VAL B 43 -15.35 -38.34 22.03
CA VAL B 43 -15.89 -37.55 23.13
C VAL B 43 -17.01 -38.32 23.81
N ASN B 44 -16.74 -38.78 25.02
CA ASN B 44 -17.72 -39.53 25.80
C ASN B 44 -18.83 -38.59 26.29
N LEU B 45 -20.06 -38.90 25.89
CA LEU B 45 -21.26 -38.15 26.23
C LEU B 45 -21.05 -36.68 25.88
N LYS B 46 -21.38 -36.32 24.67
CA LYS B 46 -21.37 -34.94 24.22
C LYS B 46 -22.70 -34.24 24.44
N ASP B 47 -23.64 -34.85 25.16
CA ASP B 47 -24.92 -34.20 25.43
C ASP B 47 -24.73 -33.24 26.62
N PHE B 48 -24.05 -32.14 26.30
CA PHE B 48 -23.55 -31.12 27.19
C PHE B 48 -24.69 -30.26 27.76
N ASN B 49 -24.37 -29.53 28.83
CA ASN B 49 -25.36 -28.66 29.46
C ASN B 49 -25.65 -27.46 28.57
N MET B 50 -24.61 -26.82 28.02
CA MET B 50 -24.74 -25.59 27.23
C MET B 50 -24.33 -25.81 25.78
N ASN B 51 -25.33 -26.05 24.91
CA ASN B 51 -25.08 -26.42 23.51
C ASN B 51 -24.51 -25.26 22.70
N PHE B 52 -25.03 -24.03 22.90
CA PHE B 52 -24.57 -22.89 22.10
C PHE B 52 -23.15 -22.44 22.48
N VAL B 53 -22.70 -22.77 23.69
CA VAL B 53 -21.32 -22.48 24.14
C VAL B 53 -20.35 -23.48 23.52
N MET B 54 -20.78 -24.73 23.38
CA MET B 54 -20.05 -25.70 22.60
C MET B 54 -19.97 -25.28 21.14
N LEU B 55 -21.06 -24.74 20.59
CA LEU B 55 -20.97 -24.26 19.21
C LEU B 55 -20.09 -23.02 19.12
N PHE B 56 -20.09 -22.17 20.15
CA PHE B 56 -19.27 -20.97 20.12
C PHE B 56 -17.79 -21.32 20.16
N VAL B 57 -17.45 -22.36 20.92
CA VAL B 57 -16.08 -22.88 20.93
C VAL B 57 -15.80 -23.56 19.61
N GLN B 58 -16.77 -24.34 19.12
CA GLN B 58 -16.61 -25.03 17.85
C GLN B 58 -16.26 -24.07 16.73
N SER B 59 -16.97 -22.94 16.66
CA SER B 59 -16.64 -21.92 15.68
C SER B 59 -15.38 -21.19 16.06
N LEU B 60 -15.11 -21.10 17.36
CA LEU B 60 -13.92 -20.39 17.80
C LEU B 60 -12.67 -21.13 17.40
N VAL B 61 -12.73 -22.47 17.39
CA VAL B 61 -11.63 -23.28 16.89
C VAL B 61 -11.44 -23.08 15.37
N CYS B 62 -12.55 -23.08 14.60
CA CYS B 62 -12.57 -22.90 13.14
C CYS B 62 -12.05 -21.56 12.67
N THR B 63 -12.32 -20.49 13.43
CA THR B 63 -11.77 -19.19 13.07
C THR B 63 -10.26 -19.16 13.28
N ILE B 64 -9.80 -19.58 14.46
CA ILE B 64 -8.36 -19.57 14.73
C ILE B 64 -7.62 -20.35 13.66
N THR B 65 -8.13 -21.52 13.32
CA THR B 65 -7.48 -22.33 12.31
C THR B 65 -7.34 -21.57 11.00
N LEU B 66 -8.38 -20.83 10.63
CA LEU B 66 -8.31 -20.11 9.39
C LEU B 66 -7.21 -19.06 9.42
N ILE B 67 -7.06 -18.36 10.56
CA ILE B 67 -6.04 -17.30 10.68
C ILE B 67 -4.63 -17.86 10.60
N ILE B 68 -4.39 -19.01 11.22
CA ILE B 68 -3.07 -19.63 11.12
C ILE B 68 -2.78 -19.97 9.66
N LEU B 69 -3.82 -20.41 8.93
CA LEU B 69 -3.65 -20.82 7.54
C LEU B 69 -3.49 -19.63 6.61
N ARG B 70 -4.13 -18.51 6.94
CA ARG B 70 -4.04 -17.30 6.13
C ARG B 70 -2.61 -16.79 6.09
N ILE B 71 -1.91 -16.90 7.23
CA ILE B 71 -0.52 -16.46 7.34
C ILE B 71 0.46 -17.53 6.86
N LEU B 72 -0.05 -18.67 6.33
CA LEU B 72 0.76 -19.75 5.78
C LEU B 72 0.11 -20.25 4.47
N GLY B 73 0.34 -19.53 3.38
CA GLY B 73 -0.24 -19.92 2.09
C GLY B 73 0.38 -19.16 0.94
N PHE B 77 -5.63 -16.76 1.84
CA PHE B 77 -6.72 -17.38 1.09
C PHE B 77 -8.13 -16.76 1.32
N ARG B 78 -8.26 -15.84 2.27
CA ARG B 78 -9.55 -15.30 2.70
C ARG B 78 -9.49 -13.76 2.84
N SER B 79 -10.65 -13.11 3.06
CA SER B 79 -10.76 -11.65 3.19
C SER B 79 -11.69 -11.20 4.33
N LEU B 80 -11.56 -9.94 4.79
CA LEU B 80 -12.34 -9.39 5.92
C LEU B 80 -12.89 -8.00 5.57
N ASN B 81 -14.22 -7.81 5.59
CA ASN B 81 -14.83 -6.54 5.15
C ASN B 81 -15.79 -5.94 6.15
N LYS B 82 -16.43 -4.86 5.68
CA LYS B 82 -17.52 -4.12 6.31
C LYS B 82 -18.80 -4.10 5.49
N THR B 83 -18.71 -4.07 4.15
CA THR B 83 -19.92 -4.21 3.34
C THR B 83 -20.40 -5.66 3.33
N ASP B 84 -19.46 -6.60 3.18
CA ASP B 84 -19.79 -8.02 3.26
C ASP B 84 -20.32 -8.41 4.63
N ALA B 85 -19.79 -7.81 5.69
CA ALA B 85 -20.22 -8.24 7.01
C ALA B 85 -21.71 -8.00 7.18
N LYS B 86 -22.19 -6.81 6.81
CA LYS B 86 -23.60 -6.48 6.98
C LYS B 86 -24.53 -7.30 6.09
N ASN B 87 -24.02 -7.84 4.99
CA ASN B 87 -24.80 -8.69 4.11
C ASN B 87 -24.71 -10.16 4.50
N TRP B 88 -23.61 -10.55 5.15
CA TRP B 88 -23.47 -11.92 5.61
C TRP B 88 -24.14 -12.11 6.93
N PHE B 89 -24.39 -11.00 7.63
CA PHE B 89 -25.00 -11.07 8.95
C PHE B 89 -26.33 -11.78 9.01
N PRO B 90 -27.28 -11.55 8.10
CA PRO B 90 -28.52 -12.32 8.16
C PRO B 90 -28.28 -13.81 7.95
N ILE B 91 -27.27 -14.15 7.16
CA ILE B 91 -26.95 -15.57 6.94
C ILE B 91 -26.50 -16.23 8.24
N SER B 92 -25.64 -15.54 9.01
CA SER B 92 -25.16 -16.07 10.29
C SER B 92 -26.29 -16.16 11.32
N PHE B 93 -27.14 -15.13 11.39
CA PHE B 93 -28.30 -15.17 12.27
C PHE B 93 -29.28 -16.23 11.82
N LEU B 94 -29.40 -16.44 10.51
CA LEU B 94 -30.22 -17.54 10.05
C LEU B 94 -29.70 -18.87 10.55
N LEU B 95 -28.36 -19.01 10.65
CA LEU B 95 -27.78 -20.26 11.10
C LEU B 95 -28.14 -20.52 12.56
N VAL B 96 -27.87 -19.53 13.43
CA VAL B 96 -28.02 -19.68 14.87
C VAL B 96 -29.48 -19.94 15.25
N LEU B 97 -30.39 -19.21 14.64
CA LEU B 97 -31.79 -19.52 14.79
C LEU B 97 -32.14 -20.89 14.20
N MET B 98 -31.50 -21.28 13.09
CA MET B 98 -31.77 -22.60 12.54
C MET B 98 -31.46 -23.67 13.58
N ILE B 99 -30.33 -23.51 14.29
CA ILE B 99 -29.98 -24.42 15.39
C ILE B 99 -30.99 -24.33 16.52
N TYR B 100 -31.41 -23.10 16.87
CA TYR B 100 -32.32 -22.93 18.00
C TYR B 100 -33.68 -23.58 17.73
N THR B 101 -34.24 -23.37 16.55
CA THR B 101 -35.51 -24.00 16.26
C THR B 101 -35.36 -25.52 16.19
N SER B 102 -34.21 -26.00 15.72
CA SER B 102 -33.99 -27.44 15.64
C SER B 102 -33.87 -28.07 17.03
N SER B 103 -33.25 -27.38 18.00
CA SER B 103 -33.21 -27.90 19.37
C SER B 103 -34.61 -27.96 19.98
N LYS B 104 -35.35 -26.85 19.89
CA LYS B 104 -36.69 -26.79 20.46
C LYS B 104 -37.66 -27.72 19.75
N ALA B 105 -37.46 -27.96 18.46
CA ALA B 105 -38.32 -28.93 17.78
C ALA B 105 -38.15 -30.30 18.42
N LEU B 106 -36.89 -30.69 18.64
CA LEU B 106 -36.50 -31.98 19.23
C LEU B 106 -36.76 -32.06 20.73
N GLN B 107 -36.96 -30.96 21.42
CA GLN B 107 -37.33 -31.12 22.82
C GLN B 107 -38.68 -31.81 22.91
N TYR B 108 -39.58 -31.53 21.94
CA TYR B 108 -40.93 -32.08 21.92
C TYR B 108 -41.22 -33.17 20.88
N LEU B 109 -40.38 -33.39 19.87
CA LEU B 109 -40.68 -34.38 18.84
C LEU B 109 -39.65 -35.50 18.74
N ALA B 110 -40.14 -36.72 18.45
CA ALA B 110 -39.28 -37.90 18.29
C ALA B 110 -38.36 -37.73 17.09
N VAL B 111 -37.18 -38.33 17.16
CA VAL B 111 -36.17 -38.10 16.11
C VAL B 111 -36.64 -38.53 14.72
N PRO B 112 -37.28 -39.70 14.54
CA PRO B 112 -37.71 -40.11 13.19
C PRO B 112 -38.67 -39.15 12.48
N ILE B 113 -39.59 -38.52 13.23
CA ILE B 113 -40.50 -37.49 12.73
C ILE B 113 -39.77 -36.19 12.41
N TYR B 114 -38.82 -35.80 13.26
CA TYR B 114 -38.00 -34.67 12.90
C TYR B 114 -37.41 -34.92 11.54
N THR B 115 -36.94 -36.16 11.29
CA THR B 115 -36.41 -36.46 9.96
C THR B 115 -37.49 -36.41 8.89
N ILE B 116 -38.71 -36.89 9.15
CA ILE B 116 -39.75 -36.72 8.14
C ILE B 116 -39.82 -35.27 7.68
N PHE B 117 -40.04 -34.35 8.63
CA PHE B 117 -40.12 -32.95 8.21
C PHE B 117 -38.80 -32.46 7.67
N LYS B 118 -37.68 -32.92 8.19
CA LYS B 118 -36.47 -32.37 7.63
C LYS B 118 -36.35 -32.74 6.17
N ASN B 119 -36.93 -33.87 5.79
CA ASN B 119 -36.85 -34.28 4.39
C ASN B 119 -37.86 -33.52 3.56
N LEU B 120 -38.94 -33.07 4.19
CA LEU B 120 -39.96 -32.27 3.54
C LEU B 120 -39.45 -30.88 3.26
N THR B 121 -38.52 -30.38 4.07
CA THR B 121 -37.89 -29.11 3.76
C THR B 121 -37.05 -29.19 2.50
N ILE B 122 -36.49 -30.38 2.21
CA ILE B 122 -35.78 -30.56 0.95
C ILE B 122 -36.67 -30.21 -0.25
N ILE B 123 -37.96 -30.50 -0.17
CA ILE B 123 -38.87 -30.14 -1.24
C ILE B 123 -39.00 -28.62 -1.36
N LEU B 124 -39.34 -27.93 -0.25
CA LEU B 124 -39.49 -26.49 -0.38
C LEU B 124 -38.16 -25.86 -0.66
N ILE B 125 -37.07 -26.46 -0.22
CA ILE B 125 -35.77 -25.94 -0.60
C ILE B 125 -35.60 -26.06 -2.11
N ALA B 126 -35.97 -27.22 -2.67
CA ALA B 126 -35.92 -27.40 -4.12
C ALA B 126 -36.82 -26.40 -4.85
N TYR B 127 -38.05 -26.20 -4.37
CA TYR B 127 -38.88 -25.19 -5.01
C TYR B 127 -38.53 -23.79 -4.56
N GLY B 128 -37.73 -23.67 -3.50
CA GLY B 128 -37.21 -22.38 -3.14
C GLY B 128 -36.12 -21.95 -4.09
N GLU B 129 -35.32 -22.91 -4.58
CA GLU B 129 -34.28 -22.60 -5.57
C GLU B 129 -34.85 -22.11 -6.91
N VAL B 130 -36.06 -22.53 -7.29
CA VAL B 130 -36.63 -22.02 -8.53
C VAL B 130 -36.97 -20.55 -8.39
N LEU B 131 -37.47 -20.16 -7.21
CA LEU B 131 -37.79 -18.77 -6.92
C LEU B 131 -36.58 -17.94 -6.61
N PHE B 132 -35.40 -18.56 -6.45
CA PHE B 132 -34.15 -17.87 -6.15
C PHE B 132 -33.19 -17.80 -7.33
N PHE B 133 -33.20 -18.79 -8.20
CA PHE B 133 -32.25 -18.77 -9.30
C PHE B 133 -33.01 -19.07 -10.59
N GLY B 134 -33.87 -20.08 -10.59
CA GLY B 134 -34.70 -20.38 -11.75
C GLY B 134 -34.70 -21.82 -12.24
N GLY B 135 -33.70 -22.60 -11.86
CA GLY B 135 -33.64 -23.99 -12.32
C GLY B 135 -34.79 -24.88 -11.84
N SER B 136 -35.82 -25.01 -12.70
CA SER B 136 -37.06 -25.72 -12.40
C SER B 136 -36.82 -27.15 -11.88
N VAL B 137 -37.77 -27.64 -11.09
CA VAL B 137 -37.66 -28.97 -10.49
C VAL B 137 -38.13 -30.04 -11.49
N THR B 138 -37.24 -30.97 -11.83
CA THR B 138 -37.61 -32.01 -12.79
C THR B 138 -38.63 -32.98 -12.21
N SER B 139 -39.44 -33.58 -13.08
CA SER B 139 -40.37 -34.61 -12.62
C SER B 139 -39.63 -35.72 -11.93
N MET B 140 -38.41 -36.03 -12.39
CA MET B 140 -37.65 -37.10 -11.76
C MET B 140 -37.07 -36.67 -10.42
N GLU B 141 -36.70 -35.39 -10.25
CA GLU B 141 -36.18 -34.88 -8.97
C GLU B 141 -37.24 -34.98 -7.86
N LEU B 142 -38.49 -34.69 -8.21
CA LEU B 142 -39.58 -34.78 -7.26
C LEU B 142 -39.78 -36.21 -6.74
N SER B 143 -39.59 -37.21 -7.59
CA SER B 143 -39.75 -38.59 -7.14
C SER B 143 -38.72 -38.94 -6.07
N SER B 144 -37.50 -38.42 -6.22
CA SER B 144 -36.47 -38.61 -5.22
C SER B 144 -36.94 -38.04 -3.89
N PHE B 145 -37.47 -36.81 -3.92
CA PHE B 145 -37.93 -36.21 -2.67
C PHE B 145 -39.09 -37.00 -2.09
N LEU B 146 -39.99 -37.49 -2.96
CA LEU B 146 -41.04 -38.34 -2.46
C LEU B 146 -40.46 -39.62 -1.90
N LEU B 147 -39.40 -40.12 -2.54
CA LEU B 147 -38.79 -41.36 -2.09
C LEU B 147 -38.05 -41.16 -0.79
N MET B 148 -37.46 -39.99 -0.59
CA MET B 148 -36.81 -39.67 0.68
C MET B 148 -37.86 -39.42 1.76
N VAL B 149 -39.01 -38.88 1.38
CA VAL B 149 -40.08 -38.75 2.34
C VAL B 149 -40.64 -40.10 2.70
N LEU B 150 -40.90 -40.93 1.70
CA LEU B 150 -41.38 -42.28 1.94
C LEU B 150 -40.48 -43.00 2.91
N SER B 151 -39.17 -42.92 2.64
CA SER B 151 -38.15 -43.59 3.44
C SER B 151 -38.29 -43.22 4.90
N SER B 152 -38.29 -41.92 5.20
CA SER B 152 -38.40 -41.47 6.58
C SER B 152 -39.72 -41.92 7.20
N VAL B 153 -40.84 -41.77 6.49
CA VAL B 153 -42.13 -42.20 7.02
C VAL B 153 -42.07 -43.66 7.34
N VAL B 154 -41.43 -44.43 6.45
CA VAL B 154 -41.27 -45.86 6.63
C VAL B 154 -40.38 -46.17 7.81
N ALA B 155 -39.33 -45.37 8.03
CA ALA B 155 -38.49 -45.59 9.19
C ALA B 155 -39.24 -45.28 10.49
N THR B 156 -40.02 -44.20 10.49
CA THR B 156 -40.85 -43.86 11.65
C THR B 156 -41.87 -44.95 11.93
N TRP B 157 -42.58 -45.39 10.90
CA TRP B 157 -43.57 -46.44 11.06
C TRP B 157 -42.94 -47.64 11.76
N GLY B 158 -41.62 -47.82 11.62
CA GLY B 158 -40.89 -48.87 12.30
C GLY B 158 -40.19 -48.47 13.60
N ASP B 159 -40.90 -47.82 14.54
CA ASP B 159 -40.28 -47.35 15.78
C ASP B 159 -41.36 -47.11 16.85
N GLN B 160 -40.95 -46.67 18.06
CA GLN B 160 -41.87 -46.25 19.13
C GLN B 160 -41.92 -44.74 19.31
N GLN B 161 -40.85 -44.16 19.84
CA GLN B 161 -40.82 -42.72 20.05
C GLN B 161 -39.45 -42.21 19.64
N ALA B 177 -53.24 -34.36 27.10
CA ALA B 177 -53.12 -32.96 27.52
C ALA B 177 -53.40 -31.94 26.37
N VAL B 178 -53.49 -32.45 25.14
CA VAL B 178 -53.70 -31.67 23.92
C VAL B 178 -52.48 -30.81 23.61
N ALA B 179 -52.09 -29.96 24.59
CA ALA B 179 -50.94 -29.07 24.44
C ALA B 179 -49.68 -29.80 24.87
N SER B 180 -49.61 -31.07 24.48
CA SER B 180 -48.40 -31.88 24.58
C SER B 180 -47.67 -31.97 23.24
N PHE B 181 -48.33 -32.49 22.19
CA PHE B 181 -47.80 -32.39 20.83
C PHE B 181 -47.49 -30.94 20.48
N ASN B 182 -48.49 -30.06 20.65
CA ASN B 182 -48.53 -28.70 20.08
C ASN B 182 -47.22 -27.93 20.10
N PRO B 183 -46.47 -27.85 21.20
CA PRO B 183 -45.23 -27.06 21.14
C PRO B 183 -44.24 -27.61 20.13
N GLY B 184 -44.17 -28.93 19.98
CA GLY B 184 -43.16 -29.50 19.10
C GLY B 184 -43.36 -29.12 17.65
N TYR B 185 -44.63 -29.09 17.19
CA TYR B 185 -44.88 -28.82 15.78
C TYR B 185 -44.71 -27.36 15.39
N PHE B 186 -45.00 -26.43 16.30
CA PHE B 186 -44.75 -25.03 15.97
C PHE B 186 -43.27 -24.80 15.70
N TRP B 187 -42.41 -25.34 16.58
CA TRP B 187 -40.97 -25.17 16.41
C TRP B 187 -40.43 -25.88 15.16
N MET B 188 -41.07 -26.98 14.70
CA MET B 188 -40.67 -27.58 13.41
C MET B 188 -41.07 -26.72 12.23
N PHE B 189 -42.27 -26.18 12.24
CA PHE B 189 -42.62 -25.30 11.13
C PHE B 189 -41.62 -24.15 11.03
N THR B 190 -41.08 -23.71 12.17
CA THR B 190 -40.06 -22.66 12.20
C THR B 190 -38.66 -23.17 11.80
N ASN B 191 -38.35 -24.46 12.05
CA ASN B 191 -37.04 -24.95 11.63
C ASN B 191 -37.03 -25.15 10.13
N CYS B 192 -38.21 -25.47 9.58
CA CYS B 192 -38.35 -25.68 8.15
C CYS B 192 -38.13 -24.39 7.38
N ILE B 193 -38.69 -23.30 7.87
CA ILE B 193 -38.56 -22.04 7.16
C ILE B 193 -37.16 -21.44 7.39
N THR B 194 -36.59 -21.59 8.58
CA THR B 194 -35.23 -21.09 8.80
C THR B 194 -34.17 -21.99 8.20
N SER B 195 -34.45 -23.28 8.05
CA SER B 195 -33.47 -24.11 7.37
C SER B 195 -33.45 -23.79 5.86
N ALA B 196 -34.61 -23.49 5.28
CA ALA B 196 -34.67 -23.18 3.84
C ALA B 196 -34.10 -21.81 3.53
N LEU B 197 -34.56 -20.77 4.23
CA LEU B 197 -34.05 -19.42 4.01
C LEU B 197 -32.55 -19.36 4.26
N PHE B 198 -32.04 -20.24 5.13
CA PHE B 198 -30.61 -20.22 5.41
C PHE B 198 -29.80 -20.75 4.22
N VAL B 199 -30.13 -21.94 3.74
CA VAL B 199 -29.37 -22.52 2.63
C VAL B 199 -29.62 -21.77 1.33
N LEU B 200 -30.78 -21.11 1.20
CA LEU B 200 -31.03 -20.40 -0.04
C LEU B 200 -30.30 -19.06 -0.06
N ILE B 201 -30.45 -18.27 1.01
CA ILE B 201 -29.85 -16.94 1.07
C ILE B 201 -28.35 -17.03 1.19
N MET B 202 -27.84 -18.08 1.83
CA MET B 202 -26.39 -18.27 1.89
C MET B 202 -25.82 -18.51 0.50
N ARG B 203 -26.42 -19.45 -0.23
CA ARG B 203 -26.00 -19.70 -1.58
C ARG B 203 -26.16 -18.46 -2.44
N LYS B 204 -27.21 -17.65 -2.21
CA LYS B 204 -27.39 -16.43 -3.00
C LYS B 204 -26.23 -15.46 -2.79
N ARG B 205 -25.96 -15.08 -1.55
CA ARG B 205 -24.89 -14.13 -1.25
C ARG B 205 -23.51 -14.67 -1.56
N ILE B 206 -23.32 -15.99 -1.64
CA ILE B 206 -22.03 -16.50 -2.08
C ILE B 206 -21.86 -16.13 -3.56
N LYS B 207 -22.82 -16.57 -4.39
CA LYS B 207 -22.74 -16.28 -5.82
C LYS B 207 -22.78 -14.78 -6.08
N LEU B 208 -23.32 -13.98 -5.15
CA LEU B 208 -23.38 -12.53 -5.33
C LEU B 208 -22.02 -11.86 -5.12
N THR B 209 -21.26 -12.25 -4.09
CA THR B 209 -19.94 -11.64 -3.89
C THR B 209 -18.80 -12.58 -4.17
N ASN B 210 -19.01 -13.53 -5.07
CA ASN B 210 -17.97 -14.42 -5.54
C ASN B 210 -17.07 -14.90 -4.38
N PHE B 211 -17.72 -15.37 -3.34
CA PHE B 211 -17.08 -15.95 -2.16
C PHE B 211 -16.50 -17.31 -2.49
N LYS B 212 -15.23 -17.52 -2.18
CA LYS B 212 -14.67 -18.85 -2.34
C LYS B 212 -14.71 -19.57 -1.00
N ASP B 213 -14.65 -20.90 -1.05
CA ASP B 213 -14.79 -21.74 0.13
C ASP B 213 -13.61 -21.49 1.05
N PHE B 214 -13.87 -20.84 2.18
CA PHE B 214 -12.82 -20.23 3.00
C PHE B 214 -13.31 -18.85 3.36
N ASP B 215 -13.73 -18.10 2.36
CA ASP B 215 -14.45 -16.88 2.65
C ASP B 215 -15.82 -17.21 3.22
N THR B 216 -16.53 -18.14 2.59
CA THR B 216 -17.78 -18.61 3.18
C THR B 216 -17.52 -19.20 4.57
N MET B 217 -16.44 -19.98 4.71
CA MET B 217 -16.13 -20.58 5.99
C MET B 217 -15.81 -19.53 7.06
N PHE B 218 -14.96 -18.57 6.71
CA PHE B 218 -14.59 -17.52 7.68
C PHE B 218 -15.79 -16.65 8.05
N TYR B 219 -16.57 -16.19 7.08
CA TYR B 219 -17.71 -15.32 7.41
C TYR B 219 -18.76 -16.02 8.28
N ASN B 220 -18.93 -17.33 8.10
CA ASN B 220 -19.93 -18.06 8.89
C ASN B 220 -19.44 -18.26 10.33
N ASN B 221 -18.18 -18.67 10.50
CA ASN B 221 -17.63 -18.95 11.83
C ASN B 221 -17.35 -17.69 12.63
N VAL B 222 -16.93 -16.60 11.94
CA VAL B 222 -16.68 -15.34 12.62
C VAL B 222 -17.99 -14.64 12.99
N LEU B 223 -18.89 -14.43 12.03
CA LEU B 223 -20.13 -13.72 12.35
C LEU B 223 -21.10 -14.51 13.23
N ALA B 224 -20.85 -15.80 13.46
CA ALA B 224 -21.68 -16.59 14.38
C ALA B 224 -21.33 -16.33 15.85
N LEU B 225 -20.04 -16.19 16.16
CA LEU B 225 -19.56 -15.98 17.51
C LEU B 225 -20.45 -15.05 18.34
N PRO B 226 -20.82 -13.85 17.87
CA PRO B 226 -21.67 -12.99 18.71
C PRO B 226 -23.09 -13.47 18.81
N ILE B 227 -23.64 -14.00 17.72
CA ILE B 227 -25.01 -14.44 17.82
C ILE B 227 -25.12 -15.69 18.69
N LEU B 228 -24.10 -16.55 18.70
CA LEU B 228 -24.15 -17.70 19.62
C LEU B 228 -24.09 -17.25 21.07
N LEU B 229 -23.27 -16.24 21.36
CA LEU B 229 -23.15 -15.70 22.71
C LEU B 229 -24.41 -14.94 23.13
N LEU B 230 -25.03 -14.21 22.21
CA LEU B 230 -26.30 -13.59 22.55
C LEU B 230 -27.35 -14.65 22.77
N PHE B 231 -27.32 -15.71 21.97
CA PHE B 231 -28.26 -16.81 22.13
C PHE B 231 -27.98 -17.64 23.35
N SER B 232 -26.72 -17.76 23.79
CA SER B 232 -26.50 -18.53 25.02
C SER B 232 -27.05 -17.76 26.20
N PHE B 233 -26.77 -16.46 26.27
CA PHE B 233 -27.23 -15.77 27.46
C PHE B 233 -28.74 -15.83 27.56
N CYS B 234 -29.43 -15.83 26.44
CA CYS B 234 -30.89 -15.72 26.52
C CYS B 234 -31.57 -17.03 26.85
N VAL B 235 -30.95 -18.17 26.50
CA VAL B 235 -31.60 -19.48 26.59
C VAL B 235 -31.01 -20.36 27.70
N GLU B 236 -29.69 -20.45 27.79
CA GLU B 236 -29.04 -21.24 28.84
C GLU B 236 -28.91 -20.50 30.18
N ASP B 237 -28.81 -21.28 31.27
CA ASP B 237 -28.66 -20.76 32.63
C ASP B 237 -27.18 -20.70 33.06
N TRP B 238 -26.70 -19.48 33.30
CA TRP B 238 -25.32 -19.19 33.70
C TRP B 238 -25.28 -18.96 35.21
N SER B 239 -24.70 -19.90 35.95
CA SER B 239 -24.62 -19.75 37.39
C SER B 239 -23.24 -20.22 37.85
N SER B 240 -22.49 -19.33 38.48
CA SER B 240 -21.12 -19.69 38.84
C SER B 240 -21.11 -20.83 39.84
N VAL B 241 -22.08 -20.85 40.76
CA VAL B 241 -22.10 -21.84 41.83
C VAL B 241 -22.41 -23.24 41.29
N ASN B 242 -23.11 -23.34 40.16
CA ASN B 242 -23.48 -24.63 39.61
C ASN B 242 -22.76 -24.92 38.29
N LEU B 243 -23.15 -24.26 37.21
CA LEU B 243 -22.72 -24.66 35.87
C LEU B 243 -21.26 -24.31 35.57
N THR B 244 -20.58 -23.51 36.42
CA THR B 244 -19.14 -23.30 36.28
C THR B 244 -18.35 -24.57 36.59
N ASN B 245 -18.84 -25.35 37.55
CA ASN B 245 -18.24 -26.65 37.81
C ASN B 245 -18.55 -27.62 36.67
N ASN B 246 -19.65 -27.43 35.97
CA ASN B 246 -20.05 -28.39 34.96
C ASN B 246 -19.08 -28.40 33.78
N PHE B 247 -18.46 -27.28 33.45
CA PHE B 247 -17.44 -27.30 32.40
C PHE B 247 -16.05 -27.25 33.05
N SER B 248 -15.42 -28.41 33.16
CA SER B 248 -14.14 -28.59 33.83
C SER B 248 -12.99 -28.49 32.84
N ASN B 249 -11.76 -28.79 33.30
CA ASN B 249 -10.64 -28.90 32.37
C ASN B 249 -10.88 -30.00 31.34
N ASP B 250 -11.57 -31.07 31.73
CA ASP B 250 -11.75 -32.19 30.80
C ASP B 250 -12.81 -31.89 29.73
N SER B 251 -13.95 -31.31 30.10
CA SER B 251 -14.99 -31.04 29.10
C SER B 251 -14.57 -29.97 28.09
N LEU B 252 -13.81 -28.96 28.54
CA LEU B 252 -13.21 -28.01 27.60
C LEU B 252 -12.34 -28.72 26.60
N THR B 253 -11.63 -29.75 27.07
CA THR B 253 -10.83 -30.57 26.16
C THR B 253 -11.72 -31.23 25.12
N ALA B 254 -12.92 -31.68 25.50
CA ALA B 254 -13.82 -32.26 24.51
C ALA B 254 -14.32 -31.21 23.49
N MET B 255 -14.58 -29.97 23.92
CA MET B 255 -15.10 -28.99 22.94
C MET B 255 -14.05 -28.57 21.95
N ILE B 256 -12.78 -28.66 22.32
CA ILE B 256 -11.71 -28.36 21.38
C ILE B 256 -11.50 -29.53 20.42
N ILE B 257 -11.60 -30.76 20.93
CA ILE B 257 -11.60 -31.94 20.06
C ILE B 257 -12.77 -31.87 19.09
N SER B 258 -13.94 -31.46 19.60
CA SER B 258 -15.12 -31.32 18.74
C SER B 258 -14.92 -30.22 17.71
N GLY B 259 -14.20 -29.16 18.09
CA GLY B 259 -13.94 -28.10 17.14
C GLY B 259 -13.03 -28.53 16.00
N VAL B 260 -12.00 -29.31 16.31
CA VAL B 260 -11.14 -29.77 15.24
C VAL B 260 -11.96 -30.62 14.27
N ALA B 261 -12.89 -31.40 14.80
CA ALA B 261 -13.73 -32.19 13.91
C ALA B 261 -14.62 -31.30 13.04
N SER B 262 -15.17 -30.24 13.62
CA SER B 262 -16.12 -29.45 12.83
C SER B 262 -15.42 -28.63 11.74
N VAL B 263 -14.09 -28.57 11.75
CA VAL B 263 -13.39 -27.86 10.68
C VAL B 263 -13.67 -28.50 9.32
N GLY B 264 -13.79 -29.82 9.28
CA GLY B 264 -14.11 -30.51 8.04
C GLY B 264 -15.43 -30.05 7.47
N ILE B 265 -16.52 -30.35 8.19
CA ILE B 265 -17.85 -30.05 7.70
C ILE B 265 -18.03 -28.56 7.45
N SER B 266 -17.33 -27.70 8.20
CA SER B 266 -17.45 -26.27 7.94
C SER B 266 -16.99 -25.92 6.54
N TYR B 267 -15.84 -26.44 6.13
CA TYR B 267 -15.36 -26.06 4.82
C TYR B 267 -16.29 -26.60 3.76
N CYS B 268 -16.71 -27.86 3.92
CA CYS B 268 -17.46 -28.57 2.88
C CYS B 268 -18.90 -28.14 2.75
N SER B 269 -19.57 -27.70 3.81
CA SER B 269 -20.94 -27.28 3.59
C SER B 269 -20.97 -26.11 2.64
N GLY B 270 -20.18 -25.07 2.94
CA GLY B 270 -20.14 -23.93 2.07
C GLY B 270 -19.52 -24.24 0.75
N TRP B 271 -18.67 -25.27 0.70
CA TRP B 271 -18.13 -25.71 -0.59
C TRP B 271 -19.20 -26.40 -1.42
N CYS B 272 -19.95 -27.32 -0.81
CA CYS B 272 -20.96 -28.06 -1.53
C CYS B 272 -22.10 -27.14 -2.01
N VAL B 273 -22.71 -26.36 -1.11
CA VAL B 273 -23.82 -25.54 -1.60
C VAL B 273 -23.40 -24.71 -2.80
N ARG B 274 -22.13 -24.28 -2.84
CA ARG B 274 -21.64 -23.41 -3.92
C ARG B 274 -21.48 -24.16 -5.25
N VAL B 275 -20.70 -25.24 -5.26
CA VAL B 275 -20.35 -25.94 -6.48
C VAL B 275 -21.52 -26.79 -6.98
N THR B 276 -22.37 -27.29 -6.08
CA THR B 276 -23.58 -28.02 -6.49
C THR B 276 -24.86 -27.17 -6.31
N SER B 277 -25.65 -27.42 -5.27
CA SER B 277 -26.82 -26.57 -5.05
C SER B 277 -27.26 -26.64 -3.60
N SER B 278 -28.19 -25.73 -3.24
CA SER B 278 -28.79 -25.79 -1.91
C SER B 278 -29.62 -27.03 -1.78
N THR B 279 -30.16 -27.49 -2.89
CA THR B 279 -30.98 -28.69 -2.82
C THR B 279 -30.12 -29.93 -2.73
N THR B 280 -29.05 -29.98 -3.53
CA THR B 280 -28.08 -31.06 -3.41
C THR B 280 -27.42 -31.08 -2.03
N TYR B 281 -27.10 -29.90 -1.46
CA TYR B 281 -26.60 -29.85 -0.09
C TYR B 281 -27.56 -30.48 0.90
N SER B 282 -28.85 -30.20 0.73
CA SER B 282 -29.88 -30.71 1.64
C SER B 282 -30.14 -32.19 1.42
N MET B 283 -29.99 -32.66 0.18
CA MET B 283 -30.16 -34.06 -0.16
C MET B 283 -28.97 -34.90 0.29
N VAL B 284 -27.75 -34.49 -0.02
CA VAL B 284 -26.62 -35.23 0.52
C VAL B 284 -26.69 -35.23 2.05
N GLY B 285 -27.08 -34.10 2.66
CA GLY B 285 -27.12 -34.03 4.11
C GLY B 285 -28.05 -35.04 4.73
N ALA B 286 -29.22 -35.23 4.13
CA ALA B 286 -30.14 -36.26 4.59
C ALA B 286 -29.65 -37.65 4.20
N LEU B 287 -29.03 -37.82 3.02
CA LEU B 287 -28.59 -39.15 2.60
C LEU B 287 -27.45 -39.66 3.46
N ASN B 288 -26.56 -38.76 3.90
CA ASN B 288 -25.44 -39.14 4.74
C ASN B 288 -25.89 -39.95 5.95
N LYS B 289 -27.10 -39.68 6.44
CA LYS B 289 -27.57 -40.33 7.64
C LYS B 289 -27.75 -41.83 7.41
N LEU B 290 -28.02 -42.25 6.16
CA LEU B 290 -28.30 -43.67 5.89
C LEU B 290 -27.09 -44.58 6.04
N PRO B 291 -25.94 -44.31 5.41
CA PRO B 291 -24.80 -45.22 5.63
C PRO B 291 -24.37 -45.29 7.09
N ILE B 292 -24.51 -44.20 7.84
CA ILE B 292 -24.21 -44.22 9.27
C ILE B 292 -25.14 -45.19 9.99
N ALA B 293 -26.42 -45.17 9.62
CA ALA B 293 -27.39 -46.08 10.19
C ALA B 293 -27.18 -47.51 9.72
N LEU B 294 -26.77 -47.71 8.46
CA LEU B 294 -26.48 -49.05 7.98
C LEU B 294 -25.25 -49.62 8.65
N SER B 295 -24.32 -48.73 9.04
CA SER B 295 -23.16 -49.15 9.81
C SER B 295 -23.59 -49.70 11.16
N GLY B 296 -24.55 -49.04 11.82
CA GLY B 296 -25.04 -49.52 13.09
C GLY B 296 -25.71 -50.87 13.00
N LEU B 297 -26.23 -51.22 11.83
CA LEU B 297 -26.86 -52.52 11.70
C LEU B 297 -25.80 -53.58 11.43
N ILE B 298 -24.72 -53.20 10.78
CA ILE B 298 -23.61 -54.12 10.47
C ILE B 298 -22.66 -54.24 11.66
N PHE B 299 -22.16 -53.11 12.15
CA PHE B 299 -21.17 -53.13 13.21
C PHE B 299 -21.74 -53.36 14.61
N PHE B 300 -23.05 -53.48 14.82
CA PHE B 300 -23.52 -53.68 16.18
C PHE B 300 -24.71 -54.65 16.21
N ASP B 301 -24.84 -55.38 17.32
CA ASP B 301 -25.86 -56.42 17.50
C ASP B 301 -27.18 -55.91 18.12
N ALA B 302 -27.47 -54.63 17.98
CA ALA B 302 -28.72 -54.13 18.50
C ALA B 302 -29.88 -54.73 17.70
N PRO B 303 -31.06 -54.80 18.30
CA PRO B 303 -32.24 -55.28 17.57
C PRO B 303 -32.61 -54.41 16.36
N ARG B 304 -33.05 -55.08 15.29
CA ARG B 304 -33.37 -54.51 14.00
C ARG B 304 -34.86 -54.77 13.68
N ASN B 305 -35.43 -54.11 12.65
CA ASN B 305 -36.82 -54.34 12.22
C ASN B 305 -36.91 -54.34 10.68
N PHE B 306 -37.83 -55.14 10.13
CA PHE B 306 -37.87 -55.17 8.67
C PHE B 306 -38.22 -53.81 8.10
N LEU B 307 -39.05 -53.03 8.78
CA LEU B 307 -39.30 -51.68 8.31
C LEU B 307 -38.03 -50.82 8.33
N SER B 308 -37.18 -50.99 9.35
CA SER B 308 -36.00 -50.14 9.41
C SER B 308 -35.03 -50.45 8.29
N ILE B 309 -34.79 -51.75 8.02
CA ILE B 309 -33.92 -52.12 6.93
C ILE B 309 -34.53 -51.62 5.61
N LEU B 310 -35.86 -51.66 5.51
CA LEU B 310 -36.52 -51.07 4.36
C LEU B 310 -36.14 -49.60 4.20
N SER B 311 -36.37 -48.78 5.23
CA SER B 311 -36.21 -47.34 5.05
C SER B 311 -34.83 -46.99 4.49
N ILE B 312 -33.79 -47.70 4.96
CA ILE B 312 -32.43 -47.42 4.52
C ILE B 312 -32.28 -47.69 3.04
N PHE B 313 -32.78 -48.85 2.55
CA PHE B 313 -32.61 -49.13 1.13
C PHE B 313 -33.47 -48.22 0.27
N ILE B 314 -34.62 -47.76 0.81
CA ILE B 314 -35.45 -46.77 0.11
C ILE B 314 -34.72 -45.44 0.01
N GLY B 315 -34.16 -44.97 1.11
CA GLY B 315 -33.35 -43.78 1.00
C GLY B 315 -32.22 -43.99 0.02
N PHE B 316 -31.70 -45.22 -0.05
CA PHE B 316 -30.62 -45.49 -0.99
C PHE B 316 -31.13 -45.38 -2.41
N LEU B 317 -32.31 -45.93 -2.68
CA LEU B 317 -32.93 -45.73 -3.98
C LEU B 317 -33.15 -44.23 -4.25
N SER B 318 -33.52 -43.47 -3.21
CA SER B 318 -33.77 -42.05 -3.42
C SER B 318 -32.51 -41.34 -3.86
N GLY B 319 -31.38 -41.65 -3.23
CA GLY B 319 -30.14 -41.04 -3.66
C GLY B 319 -29.84 -41.46 -5.08
N ILE B 320 -30.13 -42.72 -5.44
CA ILE B 320 -29.87 -43.17 -6.81
C ILE B 320 -30.81 -42.51 -7.80
N ILE B 321 -32.09 -42.40 -7.48
CA ILE B 321 -32.99 -41.68 -8.37
C ILE B 321 -32.54 -40.24 -8.49
N TYR B 322 -32.03 -39.66 -7.42
CA TYR B 322 -31.56 -38.29 -7.48
C TYR B 322 -30.34 -38.20 -8.39
N ALA B 323 -29.47 -39.20 -8.35
CA ALA B 323 -28.28 -39.15 -9.20
C ALA B 323 -28.67 -39.13 -10.68
N VAL B 324 -29.66 -39.96 -11.08
CA VAL B 324 -30.06 -40.03 -12.49
C VAL B 324 -30.73 -38.74 -12.93
N ALA B 325 -31.65 -38.23 -12.11
CA ALA B 325 -32.31 -36.98 -12.47
C ALA B 325 -31.28 -35.88 -12.68
N LYS B 326 -30.15 -35.93 -11.98
CA LYS B 326 -29.11 -34.94 -12.27
C LYS B 326 -28.49 -35.21 -13.64
N GLN B 327 -28.26 -36.47 -13.98
CA GLN B 327 -27.70 -36.76 -15.30
C GLN B 327 -28.66 -36.37 -16.42
N LYS B 328 -29.94 -36.67 -16.26
CA LYS B 328 -30.89 -36.35 -17.31
C LYS B 328 -31.11 -34.84 -17.43
N LYS B 329 -30.89 -34.09 -16.35
CA LYS B 329 -31.06 -32.64 -16.42
C LYS B 329 -29.99 -32.03 -17.31
N GLN B 330 -28.78 -32.58 -17.24
CA GLN B 330 -27.68 -32.08 -18.06
C GLN B 330 -27.94 -32.32 -19.53
N GLN B 331 -28.38 -33.53 -19.89
CA GLN B 331 -28.58 -33.89 -21.29
C GLN B 331 -29.69 -33.09 -21.95
N ALA B 332 -30.76 -32.77 -21.22
CA ALA B 332 -31.86 -32.03 -21.83
C ALA B 332 -31.44 -30.60 -22.13
N GLN B 333 -30.85 -29.93 -21.16
CA GLN B 333 -30.28 -28.61 -21.41
C GLN B 333 -28.77 -28.65 -21.21
N ALA C 18 15.71 24.67 10.60
CA ALA C 18 16.74 24.47 9.59
C ALA C 18 16.73 25.57 8.51
N ASN C 19 15.56 25.80 7.90
CA ASN C 19 15.40 26.77 6.80
C ASN C 19 14.23 27.67 7.14
N SER C 20 14.58 28.86 7.63
CA SER C 20 13.61 29.90 7.88
C SER C 20 14.39 31.16 8.25
N GLY C 21 13.73 32.31 8.08
CA GLY C 21 14.23 33.58 8.55
C GLY C 21 14.98 34.32 7.47
N PRO C 22 16.06 35.00 7.85
CA PRO C 22 16.85 35.75 6.86
C PRO C 22 17.69 34.86 5.96
N ILE C 23 17.66 33.55 6.19
CA ILE C 23 18.36 32.61 5.31
C ILE C 23 17.69 32.60 3.94
N SER C 24 16.37 32.74 3.93
CA SER C 24 15.66 32.78 2.66
C SER C 24 16.05 34.01 1.85
N ILE C 25 16.26 35.14 2.54
CA ILE C 25 16.55 36.39 1.87
C ILE C 25 17.94 36.37 1.22
N LEU C 26 18.96 35.90 1.95
CA LEU C 26 20.29 35.75 1.37
C LEU C 26 20.31 34.74 0.24
N SER C 27 19.42 33.72 0.29
CA SER C 27 19.31 32.74 -0.79
C SER C 27 18.75 33.38 -2.04
N TYR C 28 17.63 34.10 -1.91
CA TYR C 28 17.00 34.73 -3.08
C TYR C 28 17.98 35.68 -3.76
N CYS C 29 18.78 36.37 -2.95
CA CYS C 29 19.81 37.31 -3.48
C CYS C 29 20.83 36.52 -4.31
N GLY C 30 21.39 35.45 -3.74
CA GLY C 30 22.37 34.64 -4.46
C GLY C 30 21.82 34.10 -5.77
N SER C 31 20.63 33.52 -5.73
CA SER C 31 20.09 32.95 -6.96
C SER C 31 19.66 34.04 -7.94
N SER C 32 19.17 35.18 -7.46
CA SER C 32 18.92 36.31 -8.35
C SER C 32 20.21 36.84 -8.94
N ILE C 33 21.20 37.12 -8.10
CA ILE C 33 22.48 37.62 -8.59
C ILE C 33 23.13 36.60 -9.50
N LEU C 34 22.95 35.31 -9.22
CA LEU C 34 23.46 34.27 -10.11
C LEU C 34 22.77 34.29 -11.48
N MET C 35 21.45 34.53 -11.51
CA MET C 35 20.73 34.52 -12.79
C MET C 35 21.01 35.77 -13.60
N THR C 36 21.20 36.90 -12.92
CA THR C 36 21.58 38.12 -13.61
C THR C 36 22.89 37.93 -14.37
N VAL C 37 23.86 37.27 -13.74
CA VAL C 37 25.15 37.07 -14.38
C VAL C 37 25.02 36.03 -15.48
N THR C 38 24.30 34.95 -15.22
CA THR C 38 24.08 33.98 -16.28
C THR C 38 23.34 34.60 -17.47
N ASN C 39 22.32 35.44 -17.25
CA ASN C 39 21.67 35.98 -18.44
C ASN C 39 22.53 36.99 -19.15
N LYS C 40 23.42 37.65 -18.42
CA LYS C 40 24.18 38.74 -19.00
C LYS C 40 25.60 38.38 -19.36
N PHE C 41 26.14 37.26 -18.88
CA PHE C 41 27.49 36.82 -19.28
C PHE C 41 27.49 35.50 -20.04
N VAL C 42 26.96 34.41 -19.47
CA VAL C 42 27.08 33.09 -20.10
C VAL C 42 26.32 33.04 -21.42
N VAL C 43 25.13 33.60 -21.45
CA VAL C 43 24.26 33.55 -22.61
C VAL C 43 24.35 34.87 -23.36
N ASN C 44 25.01 34.85 -24.52
CA ASN C 44 25.15 36.05 -25.35
C ASN C 44 23.81 36.33 -26.05
N LEU C 45 23.25 37.52 -25.77
CA LEU C 45 21.97 37.99 -26.31
C LEU C 45 20.85 36.99 -26.03
N LYS C 46 20.20 37.15 -24.88
CA LYS C 46 19.04 36.36 -24.49
C LYS C 46 17.72 37.06 -24.85
N ASP C 47 17.76 38.16 -25.59
CA ASP C 47 16.53 38.84 -26.00
C ASP C 47 15.95 38.13 -27.22
N PHE C 48 15.42 36.95 -26.90
CA PHE C 48 14.94 35.91 -27.79
C PHE C 48 13.67 36.32 -28.52
N ASN C 49 13.37 35.58 -29.59
CA ASN C 49 12.18 35.82 -30.40
C ASN C 49 10.90 35.39 -29.67
N MET C 50 10.90 34.21 -29.05
CA MET C 50 9.73 33.65 -28.38
C MET C 50 9.98 33.49 -26.87
N ASN C 51 9.57 34.50 -26.11
CA ASN C 51 9.90 34.56 -24.68
C ASN C 51 9.20 33.46 -23.88
N PHE C 52 7.93 33.16 -24.17
CA PHE C 52 7.19 32.16 -23.39
C PHE C 52 7.71 30.75 -23.65
N VAL C 53 8.38 30.53 -24.80
CA VAL C 53 8.98 29.24 -25.15
C VAL C 53 10.25 29.00 -24.36
N MET C 54 11.04 30.05 -24.15
CA MET C 54 12.14 30.00 -23.22
C MET C 54 11.65 29.78 -21.79
N LEU C 55 10.57 30.47 -21.39
CA LEU C 55 10.08 30.25 -20.03
C LEU C 55 9.49 28.85 -19.90
N PHE C 56 9.00 28.29 -21.00
CA PHE C 56 8.47 26.93 -20.97
C PHE C 56 9.61 25.93 -20.76
N VAL C 57 10.75 26.18 -21.40
CA VAL C 57 11.93 25.35 -21.19
C VAL C 57 12.47 25.57 -19.79
N GLN C 58 12.54 26.83 -19.36
CA GLN C 58 13.04 27.14 -18.03
C GLN C 58 12.30 26.35 -16.96
N SER C 59 10.96 26.34 -17.03
CA SER C 59 10.19 25.52 -16.10
C SER C 59 10.32 24.03 -16.42
N LEU C 60 10.57 23.70 -17.68
CA LEU C 60 10.74 22.30 -18.00
C LEU C 60 12.03 21.78 -17.40
N VAL C 61 13.08 22.59 -17.42
CA VAL C 61 14.32 22.19 -16.76
C VAL C 61 14.08 22.05 -15.26
N CYS C 62 13.35 23.00 -14.66
CA CYS C 62 13.03 22.98 -13.23
C CYS C 62 12.19 21.77 -12.84
N THR C 63 11.30 21.34 -13.73
CA THR C 63 10.50 20.16 -13.45
C THR C 63 11.34 18.87 -13.51
N ILE C 64 12.14 18.70 -14.57
CA ILE C 64 12.98 17.51 -14.66
C ILE C 64 13.88 17.43 -13.42
N THR C 65 14.44 18.56 -13.02
CA THR C 65 15.33 18.59 -11.87
C THR C 65 14.68 18.02 -10.62
N LEU C 66 13.43 18.41 -10.36
CA LEU C 66 12.80 17.95 -9.13
C LEU C 66 12.59 16.45 -9.15
N ILE C 67 12.23 15.88 -10.30
CA ILE C 67 11.98 14.43 -10.34
C ILE C 67 13.26 13.64 -10.09
N ILE C 68 14.38 14.09 -10.64
CA ILE C 68 15.64 13.41 -10.34
C ILE C 68 15.95 13.47 -8.86
N LEU C 69 15.58 14.57 -8.23
CA LEU C 69 15.86 14.79 -6.82
C LEU C 69 14.93 13.99 -5.90
N ARG C 70 13.67 13.83 -6.32
CA ARG C 70 12.68 13.10 -5.53
C ARG C 70 13.07 11.64 -5.39
N ILE C 71 13.61 11.06 -6.46
CA ILE C 71 14.04 9.67 -6.50
C ILE C 71 15.43 9.49 -5.92
N LEU C 72 16.03 10.58 -5.35
CA LEU C 72 17.33 10.61 -4.64
C LEU C 72 17.20 11.48 -3.37
N GLY C 73 16.65 10.91 -2.31
CA GLY C 73 16.47 11.64 -1.06
C GLY C 73 16.13 10.74 0.12
N PHE C 77 10.84 14.30 -1.69
CA PHE C 77 10.68 15.54 -0.94
C PHE C 77 9.38 16.32 -1.27
N ARG C 78 8.61 15.86 -2.26
CA ARG C 78 7.46 16.57 -2.80
C ARG C 78 6.28 15.63 -2.99
N SER C 79 5.13 16.19 -3.39
CA SER C 79 3.89 15.43 -3.61
C SER C 79 3.19 15.86 -4.91
N LEU C 80 2.26 15.03 -5.41
CA LEU C 80 1.53 15.29 -6.65
C LEU C 80 0.04 15.01 -6.44
N ASN C 81 -0.84 16.00 -6.63
CA ASN C 81 -2.27 15.82 -6.29
C ASN C 81 -3.21 16.13 -7.43
N LYS C 82 -4.51 16.06 -7.07
CA LYS C 82 -5.66 16.47 -7.87
C LYS C 82 -6.52 17.56 -7.22
N THR C 83 -6.63 17.59 -5.89
CA THR C 83 -7.33 18.70 -5.22
C THR C 83 -6.45 19.95 -5.16
N ASP C 84 -5.17 19.76 -4.81
CA ASP C 84 -4.23 20.89 -4.77
C ASP C 84 -4.05 21.51 -6.15
N ALA C 85 -4.07 20.69 -7.20
CA ALA C 85 -3.79 21.26 -8.50
C ALA C 85 -4.81 22.31 -8.87
N LYS C 86 -6.10 22.02 -8.66
CA LYS C 86 -7.16 22.96 -9.03
C LYS C 86 -7.15 24.24 -8.20
N ASN C 87 -6.56 24.19 -7.00
CA ASN C 87 -6.40 25.38 -6.18
C ASN C 87 -5.09 26.08 -6.46
N TRP C 88 -4.11 25.36 -6.99
CA TRP C 88 -2.87 25.99 -7.36
C TRP C 88 -2.95 26.55 -8.75
N PHE C 89 -3.92 26.07 -9.52
CA PHE C 89 -4.03 26.50 -10.90
C PHE C 89 -4.20 28.00 -11.05
N PRO C 90 -5.01 28.69 -10.25
CA PRO C 90 -5.09 30.15 -10.39
C PRO C 90 -3.77 30.87 -10.12
N ILE C 91 -2.93 30.33 -9.23
CA ILE C 91 -1.64 30.97 -8.94
C ILE C 91 -0.70 30.91 -10.16
N SER C 92 -0.64 29.73 -10.82
CA SER C 92 0.20 29.57 -12.02
C SER C 92 -0.28 30.47 -13.14
N PHE C 93 -1.59 30.59 -13.31
CA PHE C 93 -2.13 31.49 -14.32
C PHE C 93 -1.80 32.93 -13.97
N LEU C 94 -1.89 33.27 -12.69
CA LEU C 94 -1.47 34.58 -12.26
C LEU C 94 -0.01 34.81 -12.59
N LEU C 95 0.81 33.76 -12.51
CA LEU C 95 2.21 33.95 -12.80
C LEU C 95 2.38 34.29 -14.27
N VAL C 96 1.79 33.47 -15.15
CA VAL C 96 1.99 33.64 -16.60
C VAL C 96 1.35 34.93 -17.08
N LEU C 97 0.14 35.20 -16.62
CA LEU C 97 -0.44 36.50 -16.92
C LEU C 97 0.37 37.63 -16.33
N MET C 98 1.00 37.42 -15.16
CA MET C 98 1.87 38.44 -14.60
C MET C 98 3.01 38.74 -15.54
N ILE C 99 3.60 37.71 -16.16
CA ILE C 99 4.69 37.94 -17.11
C ILE C 99 4.19 38.65 -18.36
N TYR C 100 3.01 38.25 -18.85
CA TYR C 100 2.47 38.83 -20.07
C TYR C 100 2.17 40.32 -19.91
N THR C 101 1.52 40.70 -18.81
CA THR C 101 1.25 42.12 -18.62
C THR C 101 2.54 42.90 -18.47
N SER C 102 3.56 42.30 -17.88
CA SER C 102 4.85 42.98 -17.70
C SER C 102 5.55 43.21 -19.04
N SER C 103 5.52 42.22 -19.95
CA SER C 103 6.11 42.39 -21.29
C SER C 103 5.40 43.47 -22.07
N LYS C 104 4.06 43.43 -22.08
CA LYS C 104 3.25 44.44 -22.75
C LYS C 104 3.42 45.80 -22.13
N ALA C 105 3.74 45.86 -20.84
CA ALA C 105 4.05 47.14 -20.21
C ALA C 105 5.36 47.69 -20.73
N LEU C 106 6.39 46.85 -20.73
CA LEU C 106 7.71 47.27 -21.16
C LEU C 106 7.79 47.48 -22.66
N GLN C 107 6.80 47.03 -23.44
CA GLN C 107 6.87 47.35 -24.85
C GLN C 107 6.68 48.84 -25.06
N TYR C 108 5.83 49.48 -24.24
CA TYR C 108 5.51 50.90 -24.35
C TYR C 108 6.10 51.82 -23.28
N LEU C 109 6.62 51.28 -22.18
CA LEU C 109 7.09 52.11 -21.08
C LEU C 109 8.59 51.92 -20.80
N ALA C 110 9.24 53.03 -20.42
CA ALA C 110 10.65 53.05 -20.11
C ALA C 110 10.91 52.19 -18.87
N VAL C 111 12.13 51.65 -18.77
CA VAL C 111 12.47 50.76 -17.65
C VAL C 111 12.40 51.49 -16.31
N PRO C 112 12.98 52.70 -16.17
CA PRO C 112 12.94 53.40 -14.87
C PRO C 112 11.54 53.67 -14.33
N ILE C 113 10.61 54.04 -15.22
CA ILE C 113 9.20 54.23 -14.86
C ILE C 113 8.53 52.89 -14.52
N TYR C 114 8.86 51.82 -15.27
CA TYR C 114 8.31 50.52 -14.93
C TYR C 114 8.64 50.18 -13.49
N THR C 115 9.86 50.51 -13.03
CA THR C 115 10.20 50.26 -11.63
C THR C 115 9.35 51.10 -10.69
N ILE C 116 9.16 52.39 -11.00
CA ILE C 116 8.33 53.22 -10.12
C ILE C 116 7.03 52.50 -9.78
N PHE C 117 6.29 52.07 -10.79
CA PHE C 117 5.07 51.35 -10.45
C PHE C 117 5.38 50.01 -9.82
N LYS C 118 6.46 49.37 -10.23
CA LYS C 118 6.74 48.09 -9.61
C LYS C 118 7.04 48.29 -8.14
N ASN C 119 7.57 49.46 -7.79
CA ASN C 119 7.80 49.76 -6.38
C ASN C 119 6.51 50.19 -5.72
N LEU C 120 5.61 50.80 -6.49
CA LEU C 120 4.31 51.20 -5.99
C LEU C 120 3.44 49.99 -5.71
N THR C 121 3.67 48.89 -6.41
CA THR C 121 2.94 47.67 -6.08
C THR C 121 3.33 47.11 -4.71
N ILE C 122 4.60 47.31 -4.29
CA ILE C 122 4.97 46.90 -2.93
C ILE C 122 4.05 47.51 -1.90
N ILE C 123 3.60 48.73 -2.14
CA ILE C 123 2.65 49.36 -1.22
C ILE C 123 1.28 48.65 -1.26
N LEU C 124 0.73 48.41 -2.46
CA LEU C 124 -0.57 47.75 -2.47
C LEU C 124 -0.45 46.30 -2.01
N ILE C 125 0.71 45.69 -2.23
CA ILE C 125 0.96 44.34 -1.72
C ILE C 125 1.00 44.34 -0.20
N ALA C 126 1.71 45.30 0.39
CA ALA C 126 1.77 45.41 1.84
C ALA C 126 0.40 45.63 2.44
N TYR C 127 -0.42 46.50 1.84
CA TYR C 127 -1.75 46.63 2.40
C TYR C 127 -2.68 45.52 1.94
N GLY C 128 -2.27 44.78 0.90
CA GLY C 128 -3.01 43.60 0.51
C GLY C 128 -2.81 42.49 1.50
N GLU C 129 -1.62 42.40 2.10
CA GLU C 129 -1.40 41.39 3.15
C GLU C 129 -2.28 41.63 4.37
N VAL C 130 -2.62 42.88 4.65
CA VAL C 130 -3.47 43.16 5.81
C VAL C 130 -4.85 42.58 5.58
N LEU C 131 -5.37 42.70 4.35
CA LEU C 131 -6.66 42.15 3.98
C LEU C 131 -6.60 40.65 3.73
N PHE C 132 -5.39 40.05 3.73
CA PHE C 132 -5.17 38.63 3.53
C PHE C 132 -4.79 37.87 4.78
N PHE C 133 -4.12 38.53 5.73
CA PHE C 133 -3.73 37.78 6.91
C PHE C 133 -4.05 38.63 8.13
N GLY C 134 -3.74 39.92 8.08
CA GLY C 134 -4.10 40.84 9.14
C GLY C 134 -3.01 41.76 9.67
N GLY C 135 -1.74 41.43 9.39
CA GLY C 135 -0.60 42.22 9.84
C GLY C 135 -0.52 43.64 9.29
N SER C 136 -1.03 44.61 10.07
CA SER C 136 -1.12 46.03 9.72
C SER C 136 0.24 46.62 9.33
N VAL C 137 0.20 47.66 8.50
CA VAL C 137 1.42 48.29 8.01
C VAL C 137 1.93 49.28 9.04
N THR C 138 3.18 49.10 9.49
CA THR C 138 3.74 50.04 10.43
C THR C 138 3.99 51.37 9.79
N SER C 139 3.91 52.43 10.60
CA SER C 139 4.26 53.74 10.09
C SER C 139 5.71 53.75 9.63
N MET C 140 6.58 53.00 10.30
CA MET C 140 7.95 52.99 9.80
C MET C 140 8.09 52.15 8.54
N GLU C 141 7.26 51.11 8.36
CA GLU C 141 7.29 50.34 7.12
C GLU C 141 6.87 51.19 5.92
N LEU C 142 5.84 52.02 6.10
CA LEU C 142 5.43 52.88 5.02
C LEU C 142 6.55 53.84 4.59
N SER C 143 7.35 54.32 5.53
CA SER C 143 8.44 55.21 5.14
C SER C 143 9.41 54.52 4.19
N SER C 144 9.64 53.23 4.40
CA SER C 144 10.48 52.45 3.50
C SER C 144 9.87 52.42 2.10
N PHE C 145 8.57 52.20 2.01
CA PHE C 145 7.93 52.16 0.70
C PHE C 145 7.99 53.52 0.03
N LEU C 146 7.85 54.60 0.80
CA LEU C 146 7.98 55.90 0.18
C LEU C 146 9.40 56.13 -0.28
N LEU C 147 10.36 55.65 0.50
CA LEU C 147 11.77 55.79 0.17
C LEU C 147 12.14 54.98 -1.05
N MET C 148 11.48 53.84 -1.22
CA MET C 148 11.70 53.08 -2.44
C MET C 148 11.05 53.79 -3.63
N VAL C 149 9.91 54.43 -3.39
CA VAL C 149 9.26 55.20 -4.44
C VAL C 149 10.08 56.43 -4.76
N LEU C 150 10.51 57.15 -3.74
CA LEU C 150 11.40 58.28 -3.95
C LEU C 150 12.62 57.86 -4.74
N SER C 151 13.23 56.75 -4.32
CA SER C 151 14.43 56.25 -4.95
C SER C 151 14.23 56.15 -6.44
N SER C 152 13.20 55.39 -6.84
CA SER C 152 12.90 55.16 -8.25
C SER C 152 12.60 56.45 -9.00
N VAL C 153 11.82 57.34 -8.37
CA VAL C 153 11.50 58.61 -9.01
C VAL C 153 12.79 59.39 -9.24
N VAL C 154 13.68 59.42 -8.25
CA VAL C 154 14.95 60.10 -8.43
C VAL C 154 15.82 59.42 -9.46
N ALA C 155 15.77 58.10 -9.57
CA ALA C 155 16.55 57.45 -10.61
C ALA C 155 16.03 57.80 -12.02
N THR C 156 14.70 57.87 -12.18
CA THR C 156 14.08 58.30 -13.43
C THR C 156 14.45 59.73 -13.77
N TRP C 157 14.32 60.63 -12.81
CA TRP C 157 14.68 62.02 -13.03
C TRP C 157 16.11 62.10 -13.55
N GLY C 158 16.96 61.13 -13.20
CA GLY C 158 18.33 61.10 -13.70
C GLY C 158 18.52 60.24 -14.93
N ASP C 159 17.68 60.41 -15.95
CA ASP C 159 17.72 59.58 -17.17
C ASP C 159 16.99 60.27 -18.34
N GLN C 160 16.94 59.57 -19.51
CA GLN C 160 16.16 59.98 -20.68
C GLN C 160 14.88 59.15 -20.93
N GLN C 161 15.03 57.93 -21.40
CA GLN C 161 13.86 57.11 -21.67
C GLN C 161 14.15 55.74 -21.11
N PHE C 181 1.65 57.14 -25.07
CA PHE C 181 1.72 56.74 -23.68
C PHE C 181 0.69 55.65 -23.43
N ASN C 182 -0.53 55.95 -23.87
CA ASN C 182 -1.76 55.31 -23.39
C ASN C 182 -1.68 53.79 -23.29
N PRO C 183 -1.18 53.06 -24.28
CA PRO C 183 -1.16 51.60 -24.15
C PRO C 183 -0.29 51.11 -22.99
N GLY C 184 0.85 51.78 -22.77
CA GLY C 184 1.76 51.30 -21.74
C GLY C 184 1.18 51.38 -20.35
N TYR C 185 0.41 52.42 -20.07
CA TYR C 185 -0.14 52.60 -18.74
C TYR C 185 -1.32 51.66 -18.47
N PHE C 186 -2.07 51.25 -19.49
CA PHE C 186 -3.11 50.27 -19.26
C PHE C 186 -2.49 48.96 -18.80
N TRP C 187 -1.43 48.53 -19.49
CA TRP C 187 -0.75 47.29 -19.17
C TRP C 187 -0.03 47.34 -17.81
N MET C 188 0.45 48.51 -17.34
CA MET C 188 1.01 48.56 -15.98
C MET C 188 -0.08 48.42 -14.93
N PHE C 189 -1.23 49.08 -15.14
CA PHE C 189 -2.28 48.92 -14.15
C PHE C 189 -2.63 47.43 -14.00
N THR C 190 -2.54 46.67 -15.09
CA THR C 190 -2.78 45.23 -15.03
C THR C 190 -1.58 44.43 -14.47
N ASN C 191 -0.35 44.93 -14.57
CA ASN C 191 0.78 44.19 -13.99
C ASN C 191 0.78 44.33 -12.48
N CYS C 192 0.38 45.51 -11.99
CA CYS C 192 0.37 45.77 -10.57
C CYS C 192 -0.62 44.87 -9.86
N ILE C 193 -1.80 44.68 -10.45
CA ILE C 193 -2.79 43.87 -9.78
C ILE C 193 -2.48 42.37 -10.01
N THR C 194 -1.98 41.99 -11.17
CA THR C 194 -1.61 40.57 -11.31
C THR C 194 -0.34 40.25 -10.56
N SER C 195 0.55 41.23 -10.36
CA SER C 195 1.70 41.00 -9.51
C SER C 195 1.29 40.90 -8.04
N ALA C 196 0.31 41.69 -7.62
CA ALA C 196 -0.12 41.62 -6.23
C ALA C 196 -0.91 40.35 -5.96
N LEU C 197 -1.96 40.09 -6.76
CA LEU C 197 -2.81 38.95 -6.54
C LEU C 197 -2.03 37.65 -6.64
N PHE C 198 -0.92 37.65 -7.38
CA PHE C 198 -0.10 36.45 -7.51
C PHE C 198 0.70 36.19 -6.23
N VAL C 199 1.44 37.20 -5.76
CA VAL C 199 2.26 37.03 -4.57
C VAL C 199 1.38 36.86 -3.33
N LEU C 200 0.18 37.40 -3.36
CA LEU C 200 -0.66 37.24 -2.18
C LEU C 200 -1.33 35.88 -2.16
N ILE C 201 -1.97 35.49 -3.27
CA ILE C 201 -2.74 34.26 -3.25
C ILE C 201 -1.83 33.05 -3.12
N MET C 202 -0.60 33.14 -3.63
CA MET C 202 0.35 32.03 -3.49
C MET C 202 0.73 31.83 -2.03
N ARG C 203 1.10 32.91 -1.37
CA ARG C 203 1.40 32.84 0.05
C ARG C 203 0.17 32.34 0.81
N LYS C 204 -1.05 32.73 0.38
CA LYS C 204 -2.26 32.23 1.03
C LYS C 204 -2.40 30.72 0.86
N ARG C 205 -2.33 30.22 -0.36
CA ARG C 205 -2.47 28.78 -0.55
C ARG C 205 -1.28 27.98 -0.01
N ILE C 206 -0.10 28.60 0.12
CA ILE C 206 1.00 27.86 0.73
C ILE C 206 0.65 27.55 2.17
N LYS C 207 0.37 28.61 2.94
CA LYS C 207 0.02 28.46 4.35
C LYS C 207 -1.25 27.66 4.52
N LEU C 208 -2.11 27.59 3.50
CA LEU C 208 -3.36 26.83 3.58
C LEU C 208 -3.17 25.33 3.41
N THR C 209 -2.29 24.89 2.51
CA THR C 209 -2.00 23.48 2.36
C THR C 209 -0.61 23.09 2.86
N ASN C 210 -0.06 23.82 3.82
CA ASN C 210 1.23 23.50 4.42
C ASN C 210 2.24 23.01 3.37
N PHE C 211 2.32 23.75 2.27
CA PHE C 211 3.27 23.46 1.19
C PHE C 211 4.67 23.82 1.59
N LYS C 212 5.61 22.88 1.47
CA LYS C 212 7.01 23.17 1.77
C LYS C 212 7.77 23.55 0.49
N ASP C 213 8.89 24.23 0.69
CA ASP C 213 9.64 24.73 -0.45
C ASP C 213 10.18 23.55 -1.24
N PHE C 214 9.65 23.33 -2.43
CA PHE C 214 9.83 22.07 -3.18
C PHE C 214 8.43 21.66 -3.56
N ASP C 215 7.51 21.75 -2.61
CA ASP C 215 6.11 21.62 -2.99
C ASP C 215 5.66 22.86 -3.75
N THR C 216 5.99 24.06 -3.23
CA THR C 216 5.71 25.28 -3.98
C THR C 216 6.47 25.30 -5.30
N MET C 217 7.75 24.88 -5.29
CA MET C 217 8.53 24.87 -6.53
C MET C 217 7.93 23.93 -7.58
N PHE C 218 7.57 22.70 -7.17
CA PHE C 218 7.01 21.74 -8.12
C PHE C 218 5.66 22.21 -8.67
N TYR C 219 4.75 22.67 -7.82
CA TYR C 219 3.43 23.11 -8.29
C TYR C 219 3.49 24.36 -9.17
N ASN C 220 4.44 25.25 -8.92
CA ASN C 220 4.56 26.43 -9.77
C ASN C 220 5.13 26.09 -11.15
N ASN C 221 6.19 25.27 -11.17
CA ASN C 221 6.88 24.95 -12.42
C ASN C 221 6.11 23.97 -13.31
N VAL C 222 5.46 22.98 -12.72
CA VAL C 222 4.69 22.03 -13.53
C VAL C 222 3.42 22.70 -14.07
N LEU C 223 2.60 23.28 -13.18
CA LEU C 223 1.33 23.86 -13.62
C LEU C 223 1.49 25.07 -14.54
N ALA C 224 2.70 25.62 -14.69
CA ALA C 224 2.89 26.71 -15.65
C ALA C 224 2.99 26.20 -17.08
N LEU C 225 3.70 25.08 -17.29
CA LEU C 225 3.97 24.52 -18.61
C LEU C 225 2.81 24.61 -19.58
N PRO C 226 1.59 24.20 -19.23
CA PRO C 226 0.48 24.31 -20.20
C PRO C 226 0.03 25.73 -20.43
N ILE C 227 0.02 26.56 -19.39
CA ILE C 227 -0.37 27.95 -19.58
C ILE C 227 0.69 28.72 -20.35
N LEU C 228 1.96 28.33 -20.23
CA LEU C 228 2.98 28.96 -21.04
C LEU C 228 2.80 28.64 -22.52
N LEU C 229 2.45 27.38 -22.83
CA LEU C 229 2.22 26.97 -24.21
C LEU C 229 0.95 27.59 -24.80
N LEU C 230 -0.11 27.71 -24.02
CA LEU C 230 -1.25 28.42 -24.56
C LEU C 230 -0.89 29.87 -24.85
N PHE C 231 -0.09 30.47 -23.98
CA PHE C 231 0.24 31.87 -24.20
C PHE C 231 1.16 32.07 -25.38
N SER C 232 2.10 31.16 -25.64
CA SER C 232 2.95 31.39 -26.81
C SER C 232 2.14 31.20 -28.07
N PHE C 233 1.28 30.18 -28.12
CA PHE C 233 0.54 30.00 -29.35
C PHE C 233 -0.38 31.20 -29.60
N CYS C 234 -0.92 31.82 -28.55
CA CYS C 234 -1.78 32.96 -28.83
C CYS C 234 -1.03 34.25 -29.11
N VAL C 235 0.21 34.40 -28.61
CA VAL C 235 0.92 35.68 -28.69
C VAL C 235 2.12 35.64 -29.65
N GLU C 236 2.98 34.62 -29.57
CA GLU C 236 4.09 34.55 -30.51
C GLU C 236 3.70 33.93 -31.85
N ASP C 237 4.49 34.26 -32.89
CA ASP C 237 4.28 33.77 -34.26
C ASP C 237 5.10 32.50 -34.52
N TRP C 238 4.39 31.40 -34.79
CA TRP C 238 4.97 30.08 -35.03
C TRP C 238 4.97 29.83 -36.55
N SER C 239 6.15 29.89 -37.18
CA SER C 239 6.25 29.63 -38.62
C SER C 239 7.48 28.77 -38.89
N SER C 240 7.27 27.60 -39.49
CA SER C 240 8.39 26.68 -39.69
C SER C 240 9.41 27.24 -40.67
N VAL C 241 8.95 27.96 -41.69
CA VAL C 241 9.87 28.46 -42.72
C VAL C 241 10.77 29.57 -42.15
N ASN C 242 10.32 30.27 -41.12
CA ASN C 242 11.08 31.37 -40.54
C ASN C 242 11.61 31.02 -39.15
N LEU C 243 10.75 30.99 -38.13
CA LEU C 243 11.21 30.95 -36.74
C LEU C 243 11.77 29.59 -36.30
N THR C 244 11.59 28.51 -37.09
CA THR C 244 12.24 27.24 -36.78
C THR C 244 13.74 27.31 -36.98
N ASN C 245 14.19 28.08 -37.98
CA ASN C 245 15.61 28.33 -38.13
C ASN C 245 16.13 29.18 -36.98
N ASN C 246 15.25 29.98 -36.38
CA ASN C 246 15.72 30.93 -35.39
C ASN C 246 16.15 30.23 -34.09
N PHE C 247 15.50 29.14 -33.69
CA PHE C 247 15.97 28.44 -32.48
C PHE C 247 16.77 27.20 -32.92
N SER C 248 18.10 27.34 -32.95
CA SER C 248 19.02 26.33 -33.46
C SER C 248 19.53 25.43 -32.35
N ASN C 249 20.52 24.58 -32.68
CA ASN C 249 21.21 23.79 -31.65
C ASN C 249 21.85 24.70 -30.62
N ASP C 250 22.35 25.85 -31.04
CA ASP C 250 23.07 26.70 -30.11
C ASP C 250 22.12 27.44 -29.16
N SER C 251 21.00 27.96 -29.67
CA SER C 251 20.06 28.66 -28.79
C SER C 251 19.35 27.72 -27.81
N LEU C 252 19.06 26.48 -28.25
CA LEU C 252 18.51 25.51 -27.32
C LEU C 252 19.47 25.29 -26.17
N THR C 253 20.77 25.28 -26.48
CA THR C 253 21.76 25.19 -25.43
C THR C 253 21.68 26.39 -24.51
N ALA C 254 21.38 27.57 -25.07
CA ALA C 254 21.20 28.72 -24.20
C ALA C 254 19.98 28.57 -23.28
N MET C 255 18.88 28.00 -23.77
CA MET C 255 17.72 27.92 -22.88
C MET C 255 17.89 26.89 -21.78
N ILE C 256 18.72 25.87 -21.99
CA ILE C 256 18.98 24.91 -20.92
C ILE C 256 19.95 25.49 -19.91
N ILE C 257 20.95 26.23 -20.40
CA ILE C 257 21.86 26.94 -19.51
C ILE C 257 21.10 27.93 -18.63
N SER C 258 20.12 28.63 -19.22
CA SER C 258 19.29 29.53 -18.43
C SER C 258 18.37 28.76 -17.49
N GLY C 259 17.91 27.57 -17.89
CA GLY C 259 17.08 26.77 -17.02
C GLY C 259 17.80 26.25 -15.79
N VAL C 260 19.06 25.85 -15.94
CA VAL C 260 19.80 25.45 -14.76
C VAL C 260 19.94 26.65 -13.83
N ALA C 261 20.14 27.85 -14.39
CA ALA C 261 20.26 29.04 -13.56
C ALA C 261 18.97 29.33 -12.80
N SER C 262 17.82 29.17 -13.48
CA SER C 262 16.56 29.54 -12.85
C SER C 262 16.13 28.60 -11.73
N VAL C 263 16.80 27.44 -11.57
CA VAL C 263 16.47 26.58 -10.43
C VAL C 263 16.77 27.27 -9.11
N GLY C 264 17.81 28.11 -9.05
CA GLY C 264 18.04 28.82 -7.81
C GLY C 264 16.83 29.61 -7.39
N ILE C 265 16.47 30.63 -8.18
CA ILE C 265 15.39 31.56 -7.85
C ILE C 265 14.03 30.86 -7.74
N SER C 266 13.83 29.75 -8.46
CA SER C 266 12.54 29.06 -8.36
C SER C 266 12.29 28.59 -6.94
N TYR C 267 13.30 28.00 -6.31
CA TYR C 267 13.13 27.47 -4.97
C TYR C 267 12.99 28.60 -3.96
N CYS C 268 13.80 29.66 -4.12
CA CYS C 268 13.88 30.75 -3.14
C CYS C 268 12.65 31.64 -3.13
N SER C 269 11.95 31.78 -4.24
CA SER C 269 10.80 32.67 -4.23
C SER C 269 9.71 32.14 -3.30
N GLY C 270 9.33 30.88 -3.47
CA GLY C 270 8.31 30.28 -2.63
C GLY C 270 8.78 30.07 -1.22
N TRP C 271 10.11 29.92 -1.04
CA TRP C 271 10.72 29.84 0.28
C TRP C 271 10.67 31.19 0.98
N CYS C 272 11.09 32.25 0.28
CA CYS C 272 11.03 33.60 0.83
C CYS C 272 9.59 34.00 1.16
N VAL C 273 8.69 33.92 0.18
CA VAL C 273 7.32 34.37 0.45
C VAL C 273 6.74 33.64 1.66
N ARG C 274 7.10 32.37 1.85
CA ARG C 274 6.53 31.57 2.93
C ARG C 274 7.10 31.96 4.31
N VAL C 275 8.43 31.92 4.44
CA VAL C 275 9.10 32.07 5.73
C VAL C 275 9.11 33.53 6.21
N THR C 276 9.13 34.50 5.29
CA THR C 276 9.04 35.92 5.61
C THR C 276 7.63 36.42 5.29
N SER C 277 7.47 37.16 4.19
CA SER C 277 6.15 37.64 3.79
C SER C 277 6.13 37.90 2.30
N SER C 278 4.91 38.14 1.79
CA SER C 278 4.74 38.56 0.39
C SER C 278 5.33 39.93 0.19
N THR C 279 5.28 40.74 1.22
CA THR C 279 5.79 42.09 1.11
C THR C 279 7.32 42.09 1.21
N THR C 280 7.87 41.28 2.10
CA THR C 280 9.33 41.15 2.18
C THR C 280 9.92 40.61 0.87
N TYR C 281 9.27 39.61 0.26
CA TYR C 281 9.72 39.14 -1.04
C TYR C 281 9.74 40.28 -2.07
N SER C 282 8.73 41.14 -2.00
CA SER C 282 8.58 42.24 -2.96
C SER C 282 9.64 43.31 -2.76
N MET C 283 10.04 43.52 -1.52
CA MET C 283 11.06 44.48 -1.15
C MET C 283 12.45 43.96 -1.45
N VAL C 284 12.73 42.73 -1.03
CA VAL C 284 14.01 42.14 -1.40
C VAL C 284 14.15 42.15 -2.91
N GLY C 285 13.05 41.89 -3.63
CA GLY C 285 13.09 41.91 -5.08
C GLY C 285 13.46 43.26 -5.65
N ALA C 286 12.89 44.33 -5.11
CA ALA C 286 13.26 45.65 -5.58
C ALA C 286 14.67 46.03 -5.13
N LEU C 287 15.04 45.69 -3.89
CA LEU C 287 16.37 46.04 -3.39
C LEU C 287 17.47 45.30 -4.16
N ASN C 288 17.23 44.06 -4.54
CA ASN C 288 18.25 43.29 -5.23
C ASN C 288 18.81 44.04 -6.42
N LYS C 289 17.96 44.78 -7.11
CA LYS C 289 18.44 45.40 -8.32
C LYS C 289 19.49 46.44 -8.01
N LEU C 290 19.46 47.06 -6.82
CA LEU C 290 20.40 48.13 -6.52
C LEU C 290 21.86 47.70 -6.47
N PRO C 291 22.27 46.66 -5.74
CA PRO C 291 23.69 46.29 -5.80
C PRO C 291 24.14 45.88 -7.20
N ILE C 292 23.29 45.23 -8.00
CA ILE C 292 23.71 44.96 -9.37
C ILE C 292 23.95 46.27 -10.09
N ALA C 293 23.11 47.26 -9.83
CA ALA C 293 23.33 48.59 -10.39
C ALA C 293 24.61 49.22 -9.84
N LEU C 294 24.89 49.07 -8.55
CA LEU C 294 26.13 49.59 -7.98
C LEU C 294 27.34 48.85 -8.51
N SER C 295 27.17 47.56 -8.83
CA SER C 295 28.24 46.78 -9.44
C SER C 295 28.60 47.34 -10.79
N GLY C 296 27.60 47.71 -11.59
CA GLY C 296 27.84 48.29 -12.89
C GLY C 296 28.58 49.60 -12.87
N LEU C 297 28.47 50.35 -11.77
CA LEU C 297 29.15 51.61 -11.67
C LEU C 297 30.60 51.41 -11.24
N ILE C 298 30.85 50.36 -10.46
CA ILE C 298 32.19 50.03 -9.96
C ILE C 298 33.00 49.29 -11.03
N PHE C 299 32.44 48.21 -11.55
CA PHE C 299 33.11 47.35 -12.52
C PHE C 299 33.13 47.92 -13.93
N PHE C 300 32.53 49.07 -14.21
CA PHE C 300 32.57 49.58 -15.58
C PHE C 300 32.72 51.10 -15.59
N ASP C 301 33.34 51.60 -16.68
CA ASP C 301 33.64 53.01 -16.88
C ASP C 301 32.55 53.75 -17.68
N ALA C 302 31.32 53.25 -17.65
CA ALA C 302 30.23 53.93 -18.32
C ALA C 302 29.95 55.27 -17.64
N PRO C 303 29.40 56.22 -18.39
CA PRO C 303 29.02 57.52 -17.82
C PRO C 303 27.97 57.39 -16.72
N ARG C 304 28.14 58.17 -15.68
CA ARG C 304 27.31 58.15 -14.49
C ARG C 304 26.71 59.55 -14.28
N ASN C 305 25.66 59.66 -13.44
CA ASN C 305 25.05 60.94 -13.09
C ASN C 305 24.85 61.01 -11.59
N PHE C 306 24.99 62.20 -11.03
CA PHE C 306 24.76 62.32 -9.60
C PHE C 306 23.37 61.86 -9.23
N LEU C 307 22.38 62.14 -10.06
CA LEU C 307 21.05 61.67 -9.72
C LEU C 307 21.01 60.14 -9.66
N SER C 308 21.78 59.48 -10.52
CA SER C 308 21.76 58.02 -10.56
C SER C 308 22.33 57.43 -9.29
N ILE C 309 23.50 57.93 -8.90
CA ILE C 309 24.18 57.41 -7.73
C ILE C 309 23.34 57.70 -6.50
N LEU C 310 22.64 58.83 -6.50
CA LEU C 310 21.68 59.13 -5.43
C LEU C 310 20.65 58.04 -5.28
N SER C 311 19.94 57.71 -6.36
CA SER C 311 18.86 56.75 -6.24
C SER C 311 19.30 55.45 -5.59
N ILE C 312 20.52 55.00 -5.92
CA ILE C 312 21.05 53.76 -5.35
C ILE C 312 21.21 53.88 -3.85
N PHE C 313 21.82 54.96 -3.37
CA PHE C 313 22.00 55.05 -1.93
C PHE C 313 20.69 55.30 -1.22
N ILE C 314 19.73 55.93 -1.89
CA ILE C 314 18.38 56.05 -1.35
C ILE C 314 17.71 54.69 -1.28
N GLY C 315 17.90 53.88 -2.32
CA GLY C 315 17.40 52.52 -2.22
C GLY C 315 18.01 51.77 -1.05
N PHE C 316 19.30 52.01 -0.77
CA PHE C 316 19.95 51.36 0.36
C PHE C 316 19.39 51.87 1.66
N LEU C 317 19.22 53.19 1.76
CA LEU C 317 18.58 53.72 2.95
C LEU C 317 17.20 53.11 3.11
N SER C 318 16.50 52.82 2.00
CA SER C 318 15.15 52.27 2.11
C SER C 318 15.19 50.90 2.77
N GLY C 319 16.15 50.07 2.35
CA GLY C 319 16.25 48.73 2.92
C GLY C 319 16.59 48.77 4.40
N ILE C 320 17.48 49.69 4.81
CA ILE C 320 17.85 49.75 6.23
C ILE C 320 16.66 50.16 7.08
N ILE C 321 15.89 51.15 6.61
CA ILE C 321 14.65 51.52 7.29
C ILE C 321 13.68 50.33 7.31
N TYR C 322 13.66 49.56 6.23
CA TYR C 322 12.80 48.40 6.22
C TYR C 322 13.29 47.37 7.20
N ALA C 323 14.61 47.16 7.25
CA ALA C 323 15.15 46.18 8.18
C ALA C 323 14.82 46.56 9.62
N VAL C 324 14.97 47.84 9.96
CA VAL C 324 14.69 48.28 11.33
C VAL C 324 13.20 48.17 11.65
N ALA C 325 12.35 48.65 10.74
CA ALA C 325 10.91 48.58 11.00
C ALA C 325 10.51 47.15 11.35
N LYS C 326 11.20 46.17 10.77
CA LYS C 326 10.93 44.78 11.11
C LYS C 326 11.35 44.48 12.55
N GLN C 327 12.49 45.03 12.98
CA GLN C 327 12.92 44.79 14.37
C GLN C 327 11.94 45.38 15.38
N LYS C 328 11.49 46.61 15.16
CA LYS C 328 10.62 47.26 16.13
C LYS C 328 9.22 46.64 16.13
N LYS C 329 8.80 45.99 15.04
CA LYS C 329 7.49 45.36 15.02
C LYS C 329 7.47 44.17 15.95
N GLN C 330 8.58 43.44 16.01
CA GLN C 330 8.65 42.30 16.92
C GLN C 330 8.63 42.76 18.37
N GLN C 331 9.42 43.79 18.68
CA GLN C 331 9.56 44.27 20.06
C GLN C 331 8.24 44.83 20.61
N ALA C 332 7.49 45.55 19.78
CA ALA C 332 6.21 46.11 20.22
C ALA C 332 5.16 45.01 20.36
N GLN C 333 5.11 44.11 19.38
CA GLN C 333 4.14 43.02 19.34
C GLN C 333 4.81 41.65 19.53
N ALA D 18 -36.72 -23.55 -70.15
CA ALA D 18 -37.91 -23.63 -69.34
C ALA D 18 -37.56 -23.81 -67.84
N ASN D 19 -36.74 -24.83 -67.52
CA ASN D 19 -36.34 -25.16 -66.14
C ASN D 19 -34.84 -25.38 -66.14
N SER D 20 -34.13 -24.32 -65.82
CA SER D 20 -32.69 -24.36 -65.62
C SER D 20 -32.25 -23.02 -65.02
N GLY D 21 -31.08 -23.06 -64.39
CA GLY D 21 -30.45 -21.90 -63.81
C GLY D 21 -30.67 -21.79 -62.32
N PRO D 22 -30.83 -20.56 -61.83
CA PRO D 22 -31.04 -20.37 -60.38
C PRO D 22 -32.44 -20.77 -59.95
N ILE D 23 -33.29 -21.11 -60.91
CA ILE D 23 -34.66 -21.50 -60.57
C ILE D 23 -34.61 -22.77 -59.75
N SER D 24 -33.69 -23.67 -60.08
CA SER D 24 -33.57 -24.88 -59.28
C SER D 24 -33.15 -24.53 -57.86
N ILE D 25 -32.26 -23.54 -57.73
CA ILE D 25 -31.73 -23.20 -56.42
C ILE D 25 -32.81 -22.63 -55.51
N LEU D 26 -33.62 -21.69 -56.02
CA LEU D 26 -34.77 -21.21 -55.27
C LEU D 26 -35.82 -22.30 -55.04
N SER D 27 -35.91 -23.27 -55.96
CA SER D 27 -36.83 -24.39 -55.79
C SER D 27 -36.40 -25.30 -54.66
N TYR D 28 -35.12 -25.68 -54.66
CA TYR D 28 -34.60 -26.56 -53.62
C TYR D 28 -34.76 -25.92 -52.23
N CYS D 29 -34.57 -24.61 -52.15
CA CYS D 29 -34.77 -23.92 -50.87
C CYS D 29 -36.25 -23.94 -50.48
N GLY D 30 -37.13 -23.55 -51.40
CA GLY D 30 -38.54 -23.57 -51.09
C GLY D 30 -39.00 -24.92 -50.59
N SER D 31 -38.61 -25.99 -51.29
CA SER D 31 -39.06 -27.32 -50.89
C SER D 31 -38.41 -27.80 -49.60
N SER D 32 -37.14 -27.42 -49.35
CA SER D 32 -36.49 -27.67 -48.08
C SER D 32 -37.16 -26.92 -46.95
N ILE D 33 -37.38 -25.62 -47.17
CA ILE D 33 -38.01 -24.79 -46.17
C ILE D 33 -39.40 -25.32 -45.85
N LEU D 34 -40.11 -25.81 -46.88
CA LEU D 34 -41.42 -26.39 -46.64
C LEU D 34 -41.35 -27.67 -45.83
N MET D 35 -40.33 -28.52 -46.05
CA MET D 35 -40.26 -29.77 -45.30
C MET D 35 -39.79 -29.51 -43.89
N THR D 36 -38.92 -28.52 -43.71
CA THR D 36 -38.47 -28.19 -42.36
C THR D 36 -39.64 -27.77 -41.48
N VAL D 37 -40.55 -26.97 -42.04
CA VAL D 37 -41.71 -26.53 -41.26
C VAL D 37 -42.70 -27.65 -41.07
N THR D 38 -42.93 -28.44 -42.12
CA THR D 38 -43.83 -29.58 -41.96
C THR D 38 -43.33 -30.57 -40.91
N ASN D 39 -42.02 -30.87 -40.87
CA ASN D 39 -41.55 -31.83 -39.87
C ASN D 39 -41.54 -31.28 -38.47
N LYS D 40 -41.43 -29.97 -38.32
CA LYS D 40 -41.33 -29.37 -37.00
C LYS D 40 -42.63 -28.76 -36.51
N PHE D 41 -43.61 -28.52 -37.39
CA PHE D 41 -44.89 -27.96 -36.98
C PHE D 41 -46.07 -28.91 -37.19
N VAL D 42 -46.28 -29.40 -38.42
CA VAL D 42 -47.48 -30.19 -38.73
C VAL D 42 -47.47 -31.54 -38.04
N VAL D 43 -46.36 -32.24 -38.05
CA VAL D 43 -46.24 -33.56 -37.44
C VAL D 43 -45.56 -33.46 -36.08
N ASN D 44 -46.35 -33.66 -35.04
CA ASN D 44 -45.85 -33.57 -33.68
C ASN D 44 -44.95 -34.78 -33.38
N LEU D 45 -43.69 -34.48 -33.03
CA LEU D 45 -42.62 -35.44 -32.73
C LEU D 45 -42.46 -36.45 -33.87
N LYS D 46 -41.59 -36.12 -34.81
CA LYS D 46 -41.26 -37.02 -35.90
C LYS D 46 -40.04 -37.89 -35.61
N ASP D 47 -39.49 -37.87 -34.40
CA ASP D 47 -38.35 -38.73 -34.09
C ASP D 47 -38.86 -40.14 -33.77
N PHE D 48 -39.25 -40.79 -34.85
CA PHE D 48 -39.94 -42.06 -34.90
C PHE D 48 -39.03 -43.20 -34.46
N ASN D 49 -39.65 -44.33 -34.13
CA ASN D 49 -38.92 -45.52 -33.70
C ASN D 49 -38.12 -46.14 -34.85
N MET D 50 -38.75 -46.30 -36.01
CA MET D 50 -38.15 -46.97 -37.18
C MET D 50 -37.95 -45.95 -38.30
N ASN D 51 -36.74 -45.38 -38.38
CA ASN D 51 -36.49 -44.27 -39.30
C ASN D 51 -36.57 -44.70 -40.77
N PHE D 52 -36.05 -45.88 -41.13
CA PHE D 52 -36.05 -46.29 -42.55
C PHE D 52 -37.45 -46.63 -43.04
N VAL D 53 -38.38 -46.98 -42.15
CA VAL D 53 -39.76 -47.30 -42.55
C VAL D 53 -40.53 -46.04 -42.94
N MET D 54 -40.29 -44.94 -42.21
CA MET D 54 -40.75 -43.62 -42.61
C MET D 54 -40.12 -43.20 -43.93
N LEU D 55 -38.83 -43.50 -44.14
CA LEU D 55 -38.24 -43.16 -45.43
C LEU D 55 -38.79 -44.06 -46.55
N PHE D 56 -39.20 -45.29 -46.23
CA PHE D 56 -39.78 -46.18 -47.26
C PHE D 56 -41.13 -45.66 -47.71
N VAL D 57 -41.93 -45.20 -46.75
CA VAL D 57 -43.20 -44.57 -47.06
C VAL D 57 -42.95 -43.24 -47.77
N GLN D 58 -41.95 -42.50 -47.29
CA GLN D 58 -41.62 -41.22 -47.91
C GLN D 58 -41.33 -41.38 -49.39
N SER D 59 -40.56 -42.40 -49.78
CA SER D 59 -40.36 -42.69 -51.21
C SER D 59 -41.57 -43.35 -51.85
N LEU D 60 -42.35 -44.11 -51.08
CA LEU D 60 -43.52 -44.73 -51.68
C LEU D 60 -44.55 -43.69 -52.05
N VAL D 61 -44.72 -42.68 -51.21
CA VAL D 61 -45.61 -41.59 -51.58
C VAL D 61 -45.10 -40.86 -52.81
N CYS D 62 -43.79 -40.59 -52.87
CA CYS D 62 -43.16 -39.95 -54.04
C CYS D 62 -43.33 -40.81 -55.29
N THR D 63 -43.28 -42.12 -55.11
CA THR D 63 -43.52 -43.01 -56.23
C THR D 63 -44.99 -43.00 -56.64
N ILE D 64 -45.93 -43.14 -55.67
CA ILE D 64 -47.36 -43.11 -56.02
C ILE D 64 -47.69 -41.84 -56.78
N THR D 65 -47.17 -40.72 -56.31
CA THR D 65 -47.44 -39.43 -56.93
C THR D 65 -47.06 -39.42 -58.40
N LEU D 66 -45.89 -39.94 -58.72
CA LEU D 66 -45.40 -39.84 -60.09
C LEU D 66 -46.31 -40.61 -61.04
N ILE D 67 -46.79 -41.78 -60.63
CA ILE D 67 -47.61 -42.59 -61.54
C ILE D 67 -48.92 -41.90 -61.88
N ILE D 68 -49.54 -41.23 -60.91
CA ILE D 68 -50.75 -40.46 -61.17
C ILE D 68 -50.47 -39.35 -62.17
N LEU D 69 -49.29 -38.74 -62.08
CA LEU D 69 -48.94 -37.64 -62.97
C LEU D 69 -48.62 -38.14 -64.37
N ARG D 70 -48.06 -39.34 -64.45
CA ARG D 70 -47.69 -39.93 -65.73
C ARG D 70 -48.92 -40.14 -66.58
N ILE D 71 -50.00 -40.61 -65.96
CA ILE D 71 -51.25 -40.88 -66.68
C ILE D 71 -52.08 -39.62 -66.82
N LEU D 72 -51.55 -38.45 -66.41
CA LEU D 72 -52.21 -37.15 -66.54
C LEU D 72 -51.17 -36.11 -67.02
N GLY D 73 -50.91 -36.09 -68.32
CA GLY D 73 -49.95 -35.14 -68.86
C GLY D 73 -50.05 -35.03 -70.36
N PHE D 77 -44.35 -38.33 -68.39
CA PHE D 77 -43.17 -37.48 -68.28
C PHE D 77 -41.87 -38.26 -67.91
N ARG D 78 -42.00 -39.55 -67.64
CA ARG D 78 -40.90 -40.38 -67.13
C ARG D 78 -40.84 -41.70 -67.89
N SER D 79 -39.79 -42.48 -67.65
CA SER D 79 -39.55 -43.76 -68.35
C SER D 79 -39.16 -44.89 -67.40
N LEU D 80 -39.32 -46.15 -67.83
CA LEU D 80 -39.01 -47.30 -66.99
C LEU D 80 -38.18 -48.34 -67.74
N ASN D 81 -36.95 -48.65 -67.28
CA ASN D 81 -36.04 -49.52 -68.04
C ASN D 81 -35.54 -50.70 -67.23
N LYS D 82 -34.66 -51.46 -67.92
CA LYS D 82 -33.84 -52.57 -67.42
C LYS D 82 -32.35 -52.32 -67.54
N THR D 83 -31.91 -51.61 -68.58
CA THR D 83 -30.50 -51.22 -68.68
C THR D 83 -30.17 -50.07 -67.75
N ASP D 84 -31.07 -49.08 -67.68
CA ASP D 84 -30.89 -47.96 -66.77
C ASP D 84 -30.93 -48.40 -65.31
N ALA D 85 -31.78 -49.39 -65.00
CA ALA D 85 -31.94 -49.79 -63.60
C ALA D 85 -30.64 -50.35 -63.04
N LYS D 86 -29.96 -51.22 -63.79
CA LYS D 86 -28.72 -51.78 -63.29
C LYS D 86 -27.63 -50.72 -63.14
N ASN D 87 -27.75 -49.60 -63.83
CA ASN D 87 -26.81 -48.50 -63.68
C ASN D 87 -27.22 -47.50 -62.63
N TRP D 88 -28.53 -47.42 -62.32
CA TRP D 88 -28.95 -46.49 -61.28
C TRP D 88 -28.87 -47.13 -59.91
N PHE D 89 -28.82 -48.46 -59.87
CA PHE D 89 -28.84 -49.15 -58.60
C PHE D 89 -27.75 -48.71 -57.64
N PRO D 90 -26.51 -48.52 -58.06
CA PRO D 90 -25.49 -48.04 -57.10
C PRO D 90 -25.81 -46.67 -56.54
N ILE D 91 -26.50 -45.81 -57.30
CA ILE D 91 -26.87 -44.49 -56.77
C ILE D 91 -27.86 -44.64 -55.62
N SER D 92 -28.91 -45.47 -55.81
CA SER D 92 -29.89 -45.66 -54.75
C SER D 92 -29.26 -46.29 -53.53
N PHE D 93 -28.36 -47.25 -53.75
CA PHE D 93 -27.64 -47.85 -52.64
C PHE D 93 -26.73 -46.82 -52.00
N LEU D 94 -26.12 -45.95 -52.80
CA LEU D 94 -25.34 -44.87 -52.25
C LEU D 94 -26.20 -43.93 -51.40
N LEU D 95 -27.45 -43.74 -51.80
CA LEU D 95 -28.31 -42.87 -51.02
C LEU D 95 -28.61 -43.50 -49.66
N VAL D 96 -29.10 -44.73 -49.66
CA VAL D 96 -29.56 -45.36 -48.41
C VAL D 96 -28.41 -45.52 -47.44
N LEU D 97 -27.25 -45.94 -47.95
CA LEU D 97 -26.06 -45.94 -47.12
C LEU D 97 -25.67 -44.54 -46.69
N MET D 98 -25.88 -43.53 -47.53
CA MET D 98 -25.58 -42.18 -47.11
C MET D 98 -26.42 -41.83 -45.88
N ILE D 99 -27.67 -42.28 -45.86
CA ILE D 99 -28.56 -42.06 -44.70
C ILE D 99 -28.08 -42.87 -43.48
N TYR D 100 -27.71 -44.13 -43.71
CA TYR D 100 -27.29 -45.02 -42.61
C TYR D 100 -26.03 -44.48 -41.93
N THR D 101 -25.05 -44.02 -42.70
CA THR D 101 -23.84 -43.48 -42.10
C THR D 101 -24.13 -42.20 -41.34
N SER D 102 -25.06 -41.40 -41.84
CA SER D 102 -25.36 -40.16 -41.15
C SER D 102 -26.08 -40.39 -39.84
N SER D 103 -27.01 -41.35 -39.78
CA SER D 103 -27.66 -41.66 -38.50
C SER D 103 -26.64 -42.18 -37.49
N LYS D 104 -25.82 -43.15 -37.89
CA LYS D 104 -24.81 -43.71 -37.01
C LYS D 104 -23.76 -42.68 -36.64
N ALA D 105 -23.47 -41.73 -37.51
CA ALA D 105 -22.55 -40.67 -37.12
C ALA D 105 -23.16 -39.81 -36.02
N LEU D 106 -24.43 -39.45 -36.20
CA LEU D 106 -25.12 -38.60 -35.23
C LEU D 106 -25.43 -39.32 -33.94
N GLN D 107 -25.37 -40.65 -33.92
CA GLN D 107 -25.57 -41.33 -32.67
C GLN D 107 -24.45 -40.97 -31.71
N TYR D 108 -23.24 -40.77 -32.23
CA TYR D 108 -22.10 -40.46 -31.38
C TYR D 108 -21.58 -39.01 -31.44
N LEU D 109 -21.95 -38.20 -32.44
CA LEU D 109 -21.38 -36.86 -32.58
C LEU D 109 -22.44 -35.75 -32.49
N ALA D 110 -22.05 -34.64 -31.84
CA ALA D 110 -22.92 -33.48 -31.68
C ALA D 110 -23.21 -32.83 -33.01
N VAL D 111 -24.40 -32.25 -33.14
CA VAL D 111 -24.84 -31.72 -34.46
C VAL D 111 -23.89 -30.67 -34.99
N PRO D 112 -23.42 -29.69 -34.20
CA PRO D 112 -22.50 -28.69 -34.75
C PRO D 112 -21.22 -29.29 -35.36
N ILE D 113 -20.66 -30.34 -34.75
CA ILE D 113 -19.51 -31.08 -35.32
C ILE D 113 -19.91 -31.88 -36.57
N TYR D 114 -21.10 -32.49 -36.56
CA TYR D 114 -21.53 -33.20 -37.76
C TYR D 114 -21.47 -32.27 -38.96
N THR D 115 -21.93 -31.00 -38.78
CA THR D 115 -21.90 -30.04 -39.89
C THR D 115 -20.50 -29.62 -40.31
N ILE D 116 -19.58 -29.44 -39.37
CA ILE D 116 -18.20 -29.14 -39.78
C ILE D 116 -17.78 -30.13 -40.85
N PHE D 117 -17.88 -31.42 -40.57
CA PHE D 117 -17.50 -32.38 -41.59
C PHE D 117 -18.42 -32.34 -42.79
N LYS D 118 -19.72 -32.07 -42.60
CA LYS D 118 -20.55 -32.04 -43.77
C LYS D 118 -20.13 -30.90 -44.69
N ASN D 119 -19.59 -29.82 -44.12
CA ASN D 119 -19.10 -28.74 -44.94
C ASN D 119 -17.76 -29.11 -45.53
N LEU D 120 -17.02 -29.95 -44.82
CA LEU D 120 -15.74 -30.42 -45.30
C LEU D 120 -15.93 -31.36 -46.46
N THR D 121 -17.09 -32.03 -46.51
CA THR D 121 -17.42 -32.83 -47.67
C THR D 121 -17.65 -31.97 -48.91
N ILE D 122 -18.16 -30.74 -48.74
CA ILE D 122 -18.31 -29.87 -49.90
C ILE D 122 -16.99 -29.68 -50.62
N ILE D 123 -15.90 -29.61 -49.87
CA ILE D 123 -14.60 -29.43 -50.50
C ILE D 123 -14.20 -30.67 -51.28
N LEU D 124 -14.29 -31.86 -50.66
CA LEU D 124 -13.90 -33.04 -51.43
C LEU D 124 -14.87 -33.24 -52.57
N ILE D 125 -16.12 -32.82 -52.39
CA ILE D 125 -17.09 -32.88 -53.49
C ILE D 125 -16.67 -31.95 -54.61
N ALA D 126 -16.28 -30.71 -54.27
CA ALA D 126 -15.86 -29.75 -55.28
C ALA D 126 -14.66 -30.27 -56.08
N TYR D 127 -13.67 -30.84 -55.41
CA TYR D 127 -12.55 -31.46 -56.11
C TYR D 127 -12.89 -32.85 -56.63
N GLY D 128 -14.00 -33.42 -56.19
CA GLY D 128 -14.48 -34.63 -56.81
C GLY D 128 -15.02 -34.33 -58.17
N GLU D 129 -15.61 -33.14 -58.35
CA GLU D 129 -16.12 -32.69 -59.66
C GLU D 129 -15.01 -32.44 -60.68
N VAL D 130 -13.80 -32.05 -60.25
CA VAL D 130 -12.71 -31.90 -61.20
C VAL D 130 -12.29 -33.26 -61.74
N LEU D 131 -12.27 -34.27 -60.85
CA LEU D 131 -11.93 -35.65 -61.20
C LEU D 131 -13.06 -36.41 -61.86
N PHE D 132 -14.27 -35.82 -61.93
CA PHE D 132 -15.43 -36.40 -62.60
C PHE D 132 -15.81 -35.70 -63.91
N PHE D 133 -15.56 -34.41 -64.03
CA PHE D 133 -15.96 -33.71 -65.24
C PHE D 133 -14.79 -32.88 -65.75
N GLY D 134 -14.12 -32.15 -64.88
CA GLY D 134 -12.96 -31.39 -65.29
C GLY D 134 -12.94 -29.94 -64.89
N GLY D 135 -14.10 -29.39 -64.51
CA GLY D 135 -14.20 -28.00 -64.11
C GLY D 135 -13.39 -27.66 -62.85
N SER D 136 -12.16 -27.18 -63.07
CA SER D 136 -11.21 -26.85 -61.99
C SER D 136 -11.79 -25.89 -60.95
N VAL D 137 -11.33 -26.03 -59.70
CA VAL D 137 -11.81 -25.20 -58.60
C VAL D 137 -11.11 -23.86 -58.56
N THR D 138 -11.87 -22.78 -58.69
CA THR D 138 -11.26 -21.46 -58.63
C THR D 138 -10.77 -21.16 -57.24
N SER D 139 -9.75 -20.31 -57.17
CA SER D 139 -9.29 -19.85 -55.86
C SER D 139 -10.40 -19.15 -55.12
N MET D 140 -11.28 -18.43 -55.83
CA MET D 140 -12.36 -17.77 -55.10
C MET D 140 -13.41 -18.76 -54.62
N GLU D 141 -13.62 -19.87 -55.33
CA GLU D 141 -14.54 -20.91 -54.87
C GLU D 141 -14.04 -21.58 -53.59
N LEU D 142 -12.73 -21.83 -53.51
CA LEU D 142 -12.14 -22.42 -52.31
C LEU D 142 -12.32 -21.51 -51.10
N SER D 143 -12.23 -20.20 -51.30
CA SER D 143 -12.42 -19.26 -50.20
C SER D 143 -13.80 -19.41 -49.59
N SER D 144 -14.81 -19.72 -50.43
CA SER D 144 -16.18 -19.93 -49.96
C SER D 144 -16.25 -21.13 -49.03
N PHE D 145 -15.62 -22.25 -49.43
CA PHE D 145 -15.65 -23.45 -48.57
C PHE D 145 -14.91 -23.19 -47.27
N LEU D 146 -13.81 -22.45 -47.33
CA LEU D 146 -13.12 -22.10 -46.10
C LEU D 146 -14.00 -21.23 -45.24
N LEU D 147 -14.78 -20.35 -45.88
CA LEU D 147 -15.72 -19.52 -45.13
C LEU D 147 -16.87 -20.34 -44.60
N MET D 148 -17.31 -21.34 -45.35
CA MET D 148 -18.36 -22.18 -44.81
C MET D 148 -17.81 -23.04 -43.68
N VAL D 149 -16.57 -23.46 -43.81
CA VAL D 149 -15.95 -24.23 -42.75
C VAL D 149 -15.67 -23.36 -41.55
N LEU D 150 -15.14 -22.16 -41.75
CA LEU D 150 -14.98 -21.22 -40.66
C LEU D 150 -16.28 -21.04 -39.91
N SER D 151 -17.36 -20.80 -40.66
CA SER D 151 -18.67 -20.55 -40.10
C SER D 151 -19.07 -21.65 -39.14
N SER D 152 -19.02 -22.90 -39.60
CA SER D 152 -19.40 -24.01 -38.72
C SER D 152 -18.48 -24.13 -37.52
N VAL D 153 -17.16 -23.99 -37.71
CA VAL D 153 -16.23 -24.12 -36.59
C VAL D 153 -16.55 -23.08 -35.54
N VAL D 154 -16.87 -21.86 -35.98
CA VAL D 154 -17.30 -20.83 -35.04
C VAL D 154 -18.65 -21.18 -34.44
N ALA D 155 -19.54 -21.81 -35.22
CA ALA D 155 -20.85 -22.18 -34.68
C ALA D 155 -20.72 -23.25 -33.61
N THR D 156 -19.83 -24.22 -33.82
CA THR D 156 -19.51 -25.21 -32.78
C THR D 156 -18.83 -24.56 -31.58
N TRP D 157 -17.81 -23.75 -31.83
CA TRP D 157 -17.12 -23.06 -30.75
C TRP D 157 -18.11 -22.35 -29.87
N GLY D 158 -19.27 -21.97 -30.41
CA GLY D 158 -20.31 -21.30 -29.64
C GLY D 158 -21.42 -22.18 -29.10
N ASP D 159 -21.08 -23.31 -28.49
CA ASP D 159 -22.06 -24.30 -28.02
C ASP D 159 -21.44 -25.23 -26.94
N GLN D 160 -22.23 -26.22 -26.47
CA GLN D 160 -21.76 -27.27 -25.56
C GLN D 160 -21.56 -28.63 -26.25
N GLN D 161 -22.65 -29.32 -26.54
CA GLN D 161 -22.59 -30.60 -27.22
C GLN D 161 -23.68 -30.52 -28.25
N PHE D 181 -15.46 -41.09 -28.03
CA PHE D 181 -15.41 -40.37 -29.31
C PHE D 181 -15.40 -41.36 -30.47
N ASN D 182 -14.54 -42.36 -30.31
CA ASN D 182 -14.07 -43.18 -31.42
C ASN D 182 -15.18 -43.64 -32.37
N PRO D 183 -16.32 -44.15 -31.92
CA PRO D 183 -17.29 -44.66 -32.89
C PRO D 183 -17.82 -43.58 -33.82
N GLY D 184 -18.04 -42.36 -33.31
CA GLY D 184 -18.65 -41.33 -34.12
C GLY D 184 -17.80 -40.90 -35.31
N TYR D 185 -16.47 -40.84 -35.11
CA TYR D 185 -15.62 -40.35 -36.18
C TYR D 185 -15.45 -41.37 -37.30
N PHE D 186 -15.48 -42.66 -37.00
CA PHE D 186 -15.41 -43.64 -38.07
C PHE D 186 -16.59 -43.47 -39.01
N TRP D 187 -17.79 -43.37 -38.44
CA TRP D 187 -19.00 -43.23 -39.23
C TRP D 187 -19.06 -41.90 -40.00
N MET D 188 -18.41 -40.82 -39.54
CA MET D 188 -18.41 -39.62 -40.39
C MET D 188 -17.54 -39.82 -41.61
N PHE D 189 -16.37 -40.44 -41.43
CA PHE D 189 -15.49 -40.67 -42.56
C PHE D 189 -16.22 -41.48 -43.62
N THR D 190 -17.11 -42.39 -43.20
CA THR D 190 -17.92 -43.16 -44.12
C THR D 190 -19.13 -42.38 -44.64
N ASN D 191 -19.61 -41.37 -43.92
CA ASN D 191 -20.68 -40.54 -44.48
C ASN D 191 -20.12 -39.56 -45.51
N CYS D 192 -18.91 -39.07 -45.26
CA CYS D 192 -18.28 -38.15 -46.18
C CYS D 192 -18.05 -38.78 -47.53
N ILE D 193 -17.60 -40.04 -47.55
CA ILE D 193 -17.31 -40.67 -48.83
C ILE D 193 -18.60 -41.15 -49.48
N THR D 194 -19.57 -41.66 -48.72
CA THR D 194 -20.82 -42.01 -49.37
C THR D 194 -21.67 -40.80 -49.72
N SER D 195 -21.55 -39.71 -48.97
CA SER D 195 -22.26 -38.51 -49.39
C SER D 195 -21.64 -37.92 -50.64
N ALA D 196 -20.31 -38.03 -50.77
CA ALA D 196 -19.63 -37.50 -51.96
C ALA D 196 -19.87 -38.37 -53.18
N LEU D 197 -19.61 -39.69 -53.07
CA LEU D 197 -19.76 -40.55 -54.24
C LEU D 197 -21.20 -40.57 -54.72
N PHE D 198 -22.15 -40.31 -53.82
CA PHE D 198 -23.55 -40.30 -54.20
C PHE D 198 -23.87 -39.11 -55.08
N VAL D 199 -23.52 -37.91 -54.63
CA VAL D 199 -23.82 -36.71 -55.39
C VAL D 199 -23.02 -36.67 -56.68
N LEU D 200 -21.87 -37.32 -56.71
CA LEU D 200 -21.11 -37.27 -57.95
C LEU D 200 -21.64 -38.30 -58.94
N ILE D 201 -21.81 -39.55 -58.49
CA ILE D 201 -22.17 -40.61 -59.41
C ILE D 201 -23.59 -40.42 -59.91
N MET D 202 -24.44 -39.78 -59.11
CA MET D 202 -25.78 -39.47 -59.62
C MET D 202 -25.70 -38.45 -60.75
N ARG D 203 -25.00 -37.35 -60.50
CA ARG D 203 -24.79 -36.33 -61.50
C ARG D 203 -24.12 -36.91 -62.74
N LYS D 204 -23.23 -37.90 -62.58
CA LYS D 204 -22.63 -38.56 -63.74
C LYS D 204 -23.67 -39.35 -64.53
N ARG D 205 -24.39 -40.24 -63.88
CA ARG D 205 -25.37 -41.07 -64.58
C ARG D 205 -26.56 -40.29 -65.10
N ILE D 206 -26.87 -39.13 -64.53
CA ILE D 206 -27.92 -38.30 -65.12
C ILE D 206 -27.44 -37.77 -66.46
N LYS D 207 -26.32 -37.05 -66.44
CA LYS D 207 -25.74 -36.50 -67.66
C LYS D 207 -25.35 -37.59 -68.63
N LEU D 208 -25.20 -38.84 -68.17
CA LEU D 208 -24.89 -39.91 -69.11
C LEU D 208 -26.12 -40.40 -69.87
N THR D 209 -27.26 -40.64 -69.21
CA THR D 209 -28.45 -41.11 -69.91
C THR D 209 -29.52 -40.04 -70.08
N ASN D 210 -29.12 -38.78 -70.14
CA ASN D 210 -30.02 -37.68 -70.42
C ASN D 210 -31.35 -37.85 -69.65
N PHE D 211 -31.20 -38.14 -68.35
CA PHE D 211 -32.31 -38.26 -67.43
C PHE D 211 -32.86 -36.90 -67.11
N LYS D 212 -34.16 -36.70 -67.27
CA LYS D 212 -34.77 -35.44 -66.87
C LYS D 212 -35.39 -35.53 -65.49
N ASP D 213 -35.57 -34.35 -64.87
CA ASP D 213 -36.05 -34.25 -63.51
C ASP D 213 -37.46 -34.81 -63.46
N PHE D 214 -37.63 -35.98 -62.85
CA PHE D 214 -38.83 -36.81 -62.99
C PHE D 214 -38.35 -38.21 -63.29
N ASP D 215 -37.47 -38.33 -64.27
CA ASP D 215 -36.79 -39.59 -64.49
C ASP D 215 -35.85 -39.86 -63.32
N THR D 216 -35.04 -38.85 -62.96
CA THR D 216 -34.18 -38.98 -61.80
C THR D 216 -34.99 -39.13 -60.51
N MET D 217 -36.09 -38.39 -60.35
CA MET D 217 -36.93 -38.59 -59.18
C MET D 217 -37.53 -39.98 -59.14
N PHE D 218 -38.09 -40.44 -60.25
CA PHE D 218 -38.68 -41.78 -60.29
C PHE D 218 -37.63 -42.86 -60.04
N TYR D 219 -36.48 -42.77 -60.70
CA TYR D 219 -35.44 -43.77 -60.47
C TYR D 219 -34.88 -43.73 -59.05
N ASN D 220 -34.88 -42.57 -58.39
CA ASN D 220 -34.40 -42.51 -57.01
C ASN D 220 -35.42 -43.09 -56.03
N ASN D 221 -36.68 -42.71 -56.16
CA ASN D 221 -37.70 -43.12 -55.20
C ASN D 221 -38.06 -44.60 -55.33
N VAL D 222 -38.12 -45.12 -56.56
CA VAL D 222 -38.47 -46.51 -56.76
C VAL D 222 -37.32 -47.43 -56.33
N LEU D 223 -36.14 -47.23 -56.89
CA LEU D 223 -35.02 -48.11 -56.55
C LEU D 223 -34.55 -47.96 -55.11
N ALA D 224 -35.05 -46.97 -54.35
CA ALA D 224 -34.71 -46.93 -52.93
C ALA D 224 -35.55 -47.92 -52.12
N LEU D 225 -36.84 -48.02 -52.43
CA LEU D 225 -37.78 -48.84 -51.66
C LEU D 225 -37.21 -50.17 -51.19
N PRO D 226 -36.58 -50.99 -52.02
CA PRO D 226 -36.10 -52.30 -51.53
C PRO D 226 -34.86 -52.18 -50.68
N ILE D 227 -33.96 -51.27 -51.03
CA ILE D 227 -32.79 -51.12 -50.18
C ILE D 227 -33.20 -50.51 -48.84
N LEU D 228 -34.26 -49.70 -48.79
CA LEU D 228 -34.72 -49.22 -47.49
C LEU D 228 -35.25 -50.37 -46.64
N LEU D 229 -36.01 -51.30 -47.25
CA LEU D 229 -36.57 -52.46 -46.54
C LEU D 229 -35.51 -53.47 -46.14
N LEU D 230 -34.48 -53.67 -46.96
CA LEU D 230 -33.38 -54.50 -46.47
C LEU D 230 -32.69 -53.84 -45.31
N PHE D 231 -32.54 -52.52 -45.34
CA PHE D 231 -31.85 -51.90 -44.23
C PHE D 231 -32.68 -51.92 -42.96
N SER D 232 -34.01 -51.82 -43.07
CA SER D 232 -34.82 -51.81 -41.85
C SER D 232 -34.80 -53.17 -41.19
N PHE D 233 -34.97 -54.24 -41.97
CA PHE D 233 -34.98 -55.52 -41.27
C PHE D 233 -33.62 -55.76 -40.62
N CYS D 234 -32.55 -55.25 -41.22
CA CYS D 234 -31.23 -55.55 -40.69
C CYS D 234 -30.85 -54.69 -39.50
N VAL D 235 -31.44 -53.50 -39.39
CA VAL D 235 -31.04 -52.52 -38.37
C VAL D 235 -32.11 -52.32 -37.30
N GLU D 236 -33.36 -52.08 -37.69
CA GLU D 236 -34.43 -51.90 -36.70
C GLU D 236 -35.03 -53.20 -36.16
N ASP D 237 -35.64 -53.09 -34.97
CA ASP D 237 -36.27 -54.21 -34.28
C ASP D 237 -37.78 -54.30 -34.61
N TRP D 238 -38.16 -55.40 -35.29
CA TRP D 238 -39.52 -55.68 -35.72
C TRP D 238 -40.14 -56.65 -34.72
N SER D 239 -41.06 -56.17 -33.88
CA SER D 239 -41.68 -57.06 -32.90
C SER D 239 -43.17 -56.77 -32.84
N SER D 240 -43.98 -57.78 -33.15
CA SER D 240 -45.41 -57.54 -33.22
C SER D 240 -45.98 -57.19 -31.86
N VAL D 241 -45.44 -57.79 -30.79
CA VAL D 241 -45.99 -57.55 -29.45
C VAL D 241 -45.71 -56.12 -29.00
N ASN D 242 -44.64 -55.51 -29.51
CA ASN D 242 -44.26 -54.17 -29.06
C ASN D 242 -44.40 -53.13 -30.17
N LEU D 243 -43.51 -53.12 -31.15
CA LEU D 243 -43.45 -51.98 -32.07
C LEU D 243 -44.60 -51.91 -33.05
N THR D 244 -45.40 -52.98 -33.20
CA THR D 244 -46.60 -52.90 -34.02
C THR D 244 -47.65 -51.99 -33.40
N ASN D 245 -47.71 -51.96 -32.07
CA ASN D 245 -48.58 -50.99 -31.43
C ASN D 245 -48.03 -49.58 -31.65
N ASN D 246 -46.72 -49.45 -31.85
CA ASN D 246 -46.09 -48.13 -31.91
C ASN D 246 -46.41 -47.37 -33.19
N PHE D 247 -46.63 -48.03 -34.32
CA PHE D 247 -47.05 -47.29 -35.53
C PHE D 247 -48.56 -47.47 -35.70
N SER D 248 -49.31 -46.49 -35.21
CA SER D 248 -50.77 -46.55 -35.11
C SER D 248 -51.43 -45.97 -36.35
N ASN D 249 -52.76 -45.82 -36.30
CA ASN D 249 -53.43 -45.07 -37.35
C ASN D 249 -52.91 -43.65 -37.39
N ASP D 250 -52.60 -43.08 -36.23
CA ASP D 250 -52.23 -41.68 -36.20
C ASP D 250 -50.80 -41.48 -36.71
N SER D 251 -49.86 -42.33 -36.30
CA SER D 251 -48.48 -42.19 -36.78
C SER D 251 -48.37 -42.50 -38.29
N LEU D 252 -49.18 -43.41 -38.82
CA LEU D 252 -49.20 -43.59 -40.27
C LEU D 252 -49.59 -42.31 -40.97
N THR D 253 -50.57 -41.59 -40.41
CA THR D 253 -50.99 -40.35 -41.03
C THR D 253 -49.85 -39.35 -41.06
N ALA D 254 -48.98 -39.36 -40.04
CA ALA D 254 -47.82 -38.49 -40.09
C ALA D 254 -46.83 -38.87 -41.21
N MET D 255 -46.65 -40.16 -41.49
CA MET D 255 -45.69 -40.49 -42.54
C MET D 255 -46.20 -40.15 -43.91
N ILE D 256 -47.52 -40.10 -44.08
CA ILE D 256 -48.09 -39.70 -45.35
C ILE D 256 -48.04 -38.18 -45.50
N ILE D 257 -48.29 -37.46 -44.41
CA ILE D 257 -48.12 -36.01 -44.40
C ILE D 257 -46.65 -35.66 -44.68
N SER D 258 -45.73 -36.44 -44.09
CA SER D 258 -44.31 -36.25 -44.33
C SER D 258 -43.94 -36.56 -45.78
N GLY D 259 -44.62 -37.54 -46.38
CA GLY D 259 -44.36 -37.88 -47.77
C GLY D 259 -44.81 -36.84 -48.77
N VAL D 260 -45.96 -36.21 -48.55
CA VAL D 260 -46.34 -35.17 -49.49
C VAL D 260 -45.30 -34.05 -49.46
N ALA D 261 -44.77 -33.76 -48.26
CA ALA D 261 -43.72 -32.74 -48.12
C ALA D 261 -42.43 -33.13 -48.84
N SER D 262 -42.02 -34.40 -48.70
CA SER D 262 -40.76 -34.79 -49.31
C SER D 262 -40.87 -34.86 -50.82
N VAL D 263 -42.08 -34.77 -51.39
CA VAL D 263 -42.20 -34.70 -52.84
C VAL D 263 -41.49 -33.46 -53.37
N GLY D 264 -41.55 -32.36 -52.62
CA GLY D 264 -40.84 -31.16 -53.02
C GLY D 264 -39.36 -31.38 -53.19
N ILE D 265 -38.67 -31.71 -52.10
CA ILE D 265 -37.21 -31.87 -52.12
C ILE D 265 -36.77 -33.01 -53.02
N SER D 266 -37.60 -34.04 -53.19
CA SER D 266 -37.21 -35.13 -54.09
C SER D 266 -36.98 -34.60 -55.49
N TYR D 267 -37.89 -33.76 -55.98
CA TYR D 267 -37.79 -33.26 -57.34
C TYR D 267 -36.62 -32.29 -57.47
N CYS D 268 -36.50 -31.35 -56.53
CA CYS D 268 -35.50 -30.28 -56.69
C CYS D 268 -34.08 -30.76 -56.51
N SER D 269 -33.87 -31.85 -55.77
CA SER D 269 -32.50 -32.30 -55.58
C SER D 269 -31.89 -32.72 -56.91
N GLY D 270 -32.58 -33.62 -57.63
CA GLY D 270 -32.08 -34.07 -58.92
C GLY D 270 -32.14 -32.98 -59.95
N TRP D 271 -33.06 -32.03 -59.77
CA TRP D 271 -33.09 -30.87 -60.67
C TRP D 271 -31.88 -29.97 -60.40
N CYS D 272 -31.58 -29.69 -59.12
CA CYS D 272 -30.44 -28.82 -58.79
C CYS D 272 -29.13 -29.42 -59.26
N VAL D 273 -28.81 -30.64 -58.84
CA VAL D 273 -27.51 -31.20 -59.25
C VAL D 273 -27.38 -31.23 -60.78
N ARG D 274 -28.47 -31.48 -61.50
CA ARG D 274 -28.36 -31.57 -62.95
C ARG D 274 -28.04 -30.22 -63.59
N VAL D 275 -28.88 -29.22 -63.33
CA VAL D 275 -28.82 -27.93 -64.01
C VAL D 275 -27.65 -27.07 -63.52
N THR D 276 -27.24 -27.22 -62.26
CA THR D 276 -26.08 -26.51 -61.72
C THR D 276 -24.87 -27.43 -61.56
N SER D 277 -24.57 -27.91 -60.36
CA SER D 277 -23.47 -28.86 -60.17
C SER D 277 -23.72 -29.65 -58.89
N SER D 278 -22.92 -30.71 -58.70
CA SER D 278 -23.00 -31.45 -57.44
C SER D 278 -22.50 -30.61 -56.31
N THR D 279 -21.57 -29.72 -56.61
CA THR D 279 -21.04 -28.89 -55.54
C THR D 279 -22.06 -27.83 -55.14
N THR D 280 -22.69 -27.18 -56.13
CA THR D 280 -23.73 -26.21 -55.84
C THR D 280 -24.88 -26.84 -55.05
N TYR D 281 -25.26 -28.07 -55.40
CA TYR D 281 -26.28 -28.76 -54.61
C TYR D 281 -25.83 -28.85 -53.16
N SER D 282 -24.56 -29.20 -52.94
CA SER D 282 -24.03 -29.43 -51.61
C SER D 282 -23.85 -28.14 -50.84
N MET D 283 -23.55 -27.05 -51.54
CA MET D 283 -23.41 -25.72 -50.96
C MET D 283 -24.78 -25.10 -50.66
N VAL D 284 -25.70 -25.09 -51.62
CA VAL D 284 -27.04 -24.59 -51.32
C VAL D 284 -27.61 -25.37 -50.15
N GLY D 285 -27.32 -26.67 -50.11
CA GLY D 285 -27.82 -27.52 -49.04
C GLY D 285 -27.34 -27.09 -47.67
N ALA D 286 -26.06 -26.73 -47.56
CA ALA D 286 -25.55 -26.22 -46.29
C ALA D 286 -26.05 -24.81 -46.00
N LEU D 287 -26.14 -23.94 -47.02
CA LEU D 287 -26.58 -22.57 -46.77
C LEU D 287 -28.02 -22.53 -46.30
N ASN D 288 -28.85 -23.45 -46.80
CA ASN D 288 -30.25 -23.55 -46.43
C ASN D 288 -30.45 -23.57 -44.93
N LYS D 289 -29.54 -24.21 -44.21
CA LYS D 289 -29.77 -24.35 -42.79
C LYS D 289 -29.67 -23.01 -42.09
N LEU D 290 -28.85 -22.09 -42.63
CA LEU D 290 -28.60 -20.81 -41.95
C LEU D 290 -29.84 -19.95 -41.82
N PRO D 291 -30.60 -19.64 -42.90
CA PRO D 291 -31.82 -18.84 -42.71
C PRO D 291 -32.83 -19.51 -41.81
N ILE D 292 -32.94 -20.84 -41.82
CA ILE D 292 -33.82 -21.50 -40.86
C ILE D 292 -33.33 -21.23 -39.45
N ALA D 293 -32.01 -21.21 -39.27
CA ALA D 293 -31.40 -20.86 -38.00
C ALA D 293 -31.62 -19.40 -37.65
N LEU D 294 -31.50 -18.51 -38.62
CA LEU D 294 -31.81 -17.11 -38.39
C LEU D 294 -33.28 -16.89 -38.14
N SER D 295 -34.14 -17.76 -38.68
CA SER D 295 -35.56 -17.68 -38.39
C SER D 295 -35.82 -17.91 -36.91
N GLY D 296 -35.19 -18.93 -36.35
CA GLY D 296 -35.35 -19.22 -34.93
C GLY D 296 -34.81 -18.17 -34.01
N LEU D 297 -33.83 -17.41 -34.46
CA LEU D 297 -33.30 -16.37 -33.60
C LEU D 297 -34.25 -15.19 -33.55
N ILE D 298 -35.00 -14.97 -34.63
CA ILE D 298 -36.00 -13.90 -34.72
C ILE D 298 -37.33 -14.32 -34.09
N PHE D 299 -37.89 -15.45 -34.53
CA PHE D 299 -39.22 -15.90 -34.13
C PHE D 299 -39.31 -16.54 -32.75
N PHE D 300 -38.21 -16.75 -32.02
CA PHE D 300 -38.32 -17.43 -30.73
C PHE D 300 -37.32 -16.84 -29.73
N ASP D 301 -37.74 -16.83 -28.45
CA ASP D 301 -37.01 -16.17 -27.35
C ASP D 301 -35.98 -17.08 -26.68
N ALA D 302 -35.49 -18.08 -27.38
CA ALA D 302 -34.45 -18.91 -26.81
C ALA D 302 -33.20 -18.08 -26.63
N PRO D 303 -32.35 -18.46 -25.69
CA PRO D 303 -31.06 -17.79 -25.51
C PRO D 303 -30.17 -17.92 -26.74
N ARG D 304 -29.43 -16.85 -27.03
CA ARG D 304 -28.55 -16.72 -28.18
C ARG D 304 -27.10 -16.46 -27.72
N ASN D 305 -26.10 -16.59 -28.62
CA ASN D 305 -24.70 -16.24 -28.31
C ASN D 305 -24.06 -15.44 -29.45
N PHE D 306 -23.17 -14.52 -29.10
CA PHE D 306 -22.49 -13.75 -30.15
C PHE D 306 -21.74 -14.67 -31.09
N LEU D 307 -21.20 -15.77 -30.58
CA LEU D 307 -20.58 -16.71 -31.51
C LEU D 307 -21.61 -17.24 -32.52
N SER D 308 -22.86 -17.47 -32.08
CA SER D 308 -23.86 -18.03 -33.00
C SER D 308 -24.25 -17.04 -34.09
N ILE D 309 -24.55 -15.81 -33.70
CA ILE D 309 -24.94 -14.78 -34.66
C ILE D 309 -23.82 -14.57 -35.66
N LEU D 310 -22.59 -14.65 -35.18
CA LEU D 310 -21.44 -14.61 -36.07
C LEU D 310 -21.51 -15.71 -37.13
N SER D 311 -21.68 -16.96 -36.70
CA SER D 311 -21.60 -18.06 -37.67
C SER D 311 -22.61 -17.92 -38.81
N ILE D 312 -23.83 -17.47 -38.49
CA ILE D 312 -24.85 -17.29 -39.52
C ILE D 312 -24.41 -16.21 -40.49
N PHE D 313 -23.90 -15.09 -40.00
CA PHE D 313 -23.51 -14.06 -40.95
C PHE D 313 -22.26 -14.46 -41.73
N ILE D 314 -21.37 -15.26 -41.10
CA ILE D 314 -20.21 -15.81 -41.80
C ILE D 314 -20.67 -16.78 -42.87
N GLY D 315 -21.64 -17.64 -42.55
CA GLY D 315 -22.25 -18.45 -43.59
C GLY D 315 -22.91 -17.61 -44.67
N PHE D 316 -23.53 -16.49 -44.30
CA PHE D 316 -24.10 -15.65 -45.33
C PHE D 316 -22.99 -15.05 -46.16
N LEU D 317 -21.92 -14.60 -45.50
CA LEU D 317 -20.79 -14.14 -46.28
C LEU D 317 -20.28 -15.25 -47.20
N SER D 318 -20.41 -16.51 -46.76
CA SER D 318 -19.91 -17.63 -47.56
C SER D 318 -20.67 -17.76 -48.87
N GLY D 319 -22.00 -17.70 -48.82
CA GLY D 319 -22.77 -17.82 -50.03
C GLY D 319 -22.47 -16.70 -51.00
N ILE D 320 -22.31 -15.47 -50.49
CA ILE D 320 -22.09 -14.33 -51.38
C ILE D 320 -20.78 -14.51 -52.14
N ILE D 321 -19.73 -14.93 -51.44
CA ILE D 321 -18.46 -15.20 -52.11
C ILE D 321 -18.63 -16.30 -53.13
N TYR D 322 -19.46 -17.28 -52.80
CA TYR D 322 -19.69 -18.33 -53.77
C TYR D 322 -20.45 -17.78 -54.95
N ALA D 323 -21.44 -16.93 -54.69
CA ALA D 323 -22.24 -16.37 -55.77
C ALA D 323 -21.35 -15.55 -56.73
N VAL D 324 -20.40 -14.78 -56.19
CA VAL D 324 -19.51 -13.99 -57.02
C VAL D 324 -18.55 -14.89 -57.79
N ALA D 325 -17.96 -15.86 -57.12
CA ALA D 325 -17.02 -16.73 -57.81
C ALA D 325 -17.68 -17.36 -59.02
N LYS D 326 -18.99 -17.61 -58.94
CA LYS D 326 -19.67 -18.18 -60.10
C LYS D 326 -19.74 -17.17 -61.24
N GLN D 327 -20.00 -15.91 -60.93
CA GLN D 327 -20.00 -14.87 -61.97
C GLN D 327 -18.63 -14.73 -62.60
N LYS D 328 -17.57 -14.75 -61.80
CA LYS D 328 -16.23 -14.61 -62.35
C LYS D 328 -15.79 -15.86 -63.11
N LYS D 329 -16.37 -17.03 -62.81
CA LYS D 329 -16.02 -18.21 -63.59
C LYS D 329 -16.60 -18.10 -64.99
N GLN D 330 -17.79 -17.50 -65.11
CA GLN D 330 -18.39 -17.32 -66.42
C GLN D 330 -17.57 -16.35 -67.26
N GLN D 331 -17.18 -15.20 -66.69
CA GLN D 331 -16.48 -14.17 -67.45
C GLN D 331 -15.09 -14.62 -67.90
N ALA D 332 -14.41 -15.43 -67.10
CA ALA D 332 -13.10 -15.94 -67.51
C ALA D 332 -13.26 -16.99 -68.61
N GLN D 333 -14.25 -17.86 -68.47
CA GLN D 333 -14.54 -18.90 -69.46
C GLN D 333 -15.82 -18.60 -70.22
N ALA E 18 14.48 -10.35 56.19
CA ALA E 18 15.27 -10.62 54.98
C ALA E 18 14.92 -9.72 53.76
N ASN E 19 13.61 -9.59 53.45
CA ASN E 19 13.15 -8.73 52.34
C ASN E 19 12.02 -7.82 52.84
N SER E 20 12.43 -6.65 53.30
CA SER E 20 11.51 -5.56 53.61
C SER E 20 12.32 -4.31 53.87
N GLY E 21 11.67 -3.18 53.62
CA GLY E 21 12.21 -1.88 53.88
C GLY E 21 12.82 -1.24 52.65
N PRO E 22 13.88 -0.46 52.87
CA PRO E 22 14.49 0.29 51.78
C PRO E 22 15.33 -0.57 50.86
N ILE E 23 15.42 -1.86 51.13
CA ILE E 23 16.19 -2.73 50.26
C ILE E 23 15.51 -2.84 48.90
N SER E 24 14.18 -2.88 48.90
CA SER E 24 13.41 -3.01 47.66
C SER E 24 13.65 -1.82 46.74
N ILE E 25 13.82 -0.64 47.32
CA ILE E 25 14.00 0.54 46.50
C ILE E 25 15.29 0.43 45.70
N LEU E 26 16.37 -0.06 46.33
CA LEU E 26 17.61 -0.28 45.57
C LEU E 26 17.43 -1.29 44.46
N SER E 27 16.58 -2.30 44.65
CA SER E 27 16.35 -3.28 43.59
C SER E 27 15.62 -2.66 42.39
N TYR E 28 14.50 -1.98 42.66
CA TYR E 28 13.72 -1.42 41.56
C TYR E 28 14.60 -0.48 40.75
N CYS E 29 15.49 0.21 41.45
CA CYS E 29 16.38 1.12 40.76
C CYS E 29 17.39 0.39 39.92
N GLY E 30 18.10 -0.55 40.51
CA GLY E 30 19.04 -1.31 39.73
C GLY E 30 18.37 -1.97 38.55
N SER E 31 17.22 -2.61 38.79
CA SER E 31 16.58 -3.34 37.69
C SER E 31 16.03 -2.39 36.64
N SER E 32 15.61 -1.18 37.04
CA SER E 32 15.27 -0.18 36.05
C SER E 32 16.51 0.25 35.27
N ILE E 33 17.59 0.57 35.98
CA ILE E 33 18.84 0.98 35.34
C ILE E 33 19.41 -0.14 34.51
N LEU E 34 19.33 -1.37 35.02
CA LEU E 34 19.82 -2.53 34.27
C LEU E 34 18.97 -2.75 33.03
N MET E 35 17.66 -2.49 33.15
CA MET E 35 16.76 -2.62 32.02
C MET E 35 16.85 -1.43 31.09
N THR E 36 17.10 -0.24 31.63
CA THR E 36 17.29 0.90 30.76
C THR E 36 18.48 0.70 29.87
N VAL E 37 19.58 0.20 30.45
CA VAL E 37 20.83 0.07 29.72
C VAL E 37 20.74 -1.04 28.68
N THR E 38 20.07 -2.13 29.01
CA THR E 38 19.95 -3.25 28.07
C THR E 38 19.21 -2.87 26.78
N ASN E 39 18.18 -2.01 26.88
CA ASN E 39 17.42 -1.65 25.67
C ASN E 39 18.15 -0.65 24.77
N LYS E 40 19.04 0.16 25.33
CA LYS E 40 19.67 1.21 24.54
C LYS E 40 21.06 0.85 24.08
N PHE E 41 21.68 -0.14 24.71
CA PHE E 41 23.03 -0.58 24.33
C PHE E 41 23.05 -2.02 23.84
N VAL E 42 22.63 -2.99 24.66
CA VAL E 42 22.73 -4.40 24.27
C VAL E 42 21.81 -4.71 23.10
N VAL E 43 20.59 -4.15 23.14
CA VAL E 43 19.61 -4.32 22.07
C VAL E 43 19.61 -3.04 21.24
N ASN E 44 20.23 -3.11 20.07
CA ASN E 44 20.30 -1.95 19.19
C ASN E 44 18.94 -1.73 18.54
N LEU E 45 18.40 -0.53 18.75
CA LEU E 45 17.07 -0.19 18.29
C LEU E 45 16.05 -1.15 18.90
N LYS E 46 15.55 -0.78 20.08
CA LYS E 46 14.47 -1.47 20.76
C LYS E 46 13.11 -0.85 20.43
N ASP E 47 13.06 0.03 19.43
CA ASP E 47 11.82 0.64 18.92
C ASP E 47 11.17 -0.28 17.88
N PHE E 48 10.57 -1.37 18.37
CA PHE E 48 10.04 -2.46 17.55
C PHE E 48 8.75 -2.07 16.81
N ASN E 49 8.42 -2.86 15.77
CA ASN E 49 7.20 -2.63 15.00
C ASN E 49 5.95 -3.00 15.80
N MET E 50 5.98 -4.16 16.47
CA MET E 50 4.88 -4.73 17.26
C MET E 50 5.27 -4.76 18.74
N ASN E 51 4.89 -3.70 19.46
CA ASN E 51 5.33 -3.53 20.83
C ASN E 51 4.70 -4.57 21.76
N PHE E 52 3.40 -4.88 21.57
CA PHE E 52 2.68 -5.79 22.47
C PHE E 52 3.18 -7.23 22.36
N VAL E 53 3.77 -7.61 21.22
CA VAL E 53 4.32 -8.96 21.09
C VAL E 53 5.67 -9.07 21.77
N MET E 54 6.49 -8.03 21.66
CA MET E 54 7.71 -7.99 22.45
C MET E 54 7.40 -8.10 23.94
N LEU E 55 6.36 -7.39 24.41
CA LEU E 55 5.98 -7.50 25.82
C LEU E 55 5.37 -8.85 26.12
N PHE E 56 4.76 -9.46 25.11
CA PHE E 56 4.23 -10.78 25.32
C PHE E 56 5.37 -11.79 25.49
N VAL E 57 6.48 -11.58 24.78
CA VAL E 57 7.63 -12.44 24.98
C VAL E 57 8.27 -12.18 26.34
N GLN E 58 8.42 -10.89 26.69
CA GLN E 58 9.01 -10.47 27.95
C GLN E 58 8.29 -11.10 29.11
N SER E 59 6.97 -11.15 29.05
CA SER E 59 6.16 -11.81 30.06
C SER E 59 6.23 -13.33 29.97
N LEU E 60 6.48 -13.86 28.77
CA LEU E 60 6.65 -15.31 28.61
C LEU E 60 8.02 -15.78 29.10
N VAL E 61 9.04 -14.93 28.96
CA VAL E 61 10.33 -15.23 29.57
C VAL E 61 10.18 -15.25 31.09
N CYS E 62 9.48 -14.25 31.63
CA CYS E 62 9.23 -14.18 33.06
C CYS E 62 8.44 -15.39 33.52
N THR E 63 7.48 -15.83 32.70
CA THR E 63 6.70 -17.01 33.04
C THR E 63 7.55 -18.27 33.02
N ILE E 64 8.25 -18.51 31.91
CA ILE E 64 9.08 -19.72 31.84
C ILE E 64 10.10 -19.71 32.96
N THR E 65 10.71 -18.55 33.20
CA THR E 65 11.75 -18.44 34.21
C THR E 65 11.25 -18.94 35.55
N LEU E 66 10.04 -18.52 35.94
CA LEU E 66 9.56 -18.84 37.29
C LEU E 66 9.28 -20.32 37.46
N ILE E 67 8.72 -20.98 36.45
CA ILE E 67 8.40 -22.38 36.62
C ILE E 67 9.67 -23.20 36.84
N ILE E 68 10.75 -22.85 36.13
CA ILE E 68 12.03 -23.53 36.34
C ILE E 68 12.51 -23.32 37.77
N LEU E 69 12.33 -22.11 38.30
CA LEU E 69 12.75 -21.81 39.66
C LEU E 69 11.85 -22.51 40.67
N ARG E 70 10.59 -22.72 40.31
CA ARG E 70 9.68 -23.45 41.19
C ARG E 70 10.15 -24.88 41.43
N ILE E 71 10.69 -25.52 40.38
CA ILE E 71 11.14 -26.91 40.54
C ILE E 71 12.58 -26.95 41.05
N LEU E 72 13.15 -25.79 41.45
CA LEU E 72 14.48 -25.75 42.09
C LEU E 72 14.45 -24.82 43.33
N GLY E 73 13.93 -25.32 44.45
CA GLY E 73 13.88 -24.55 45.68
C GLY E 73 13.50 -25.33 46.94
N PHE E 77 8.19 -21.51 44.71
CA PHE E 77 7.92 -20.36 45.57
C PHE E 77 6.57 -19.60 45.34
N ARG E 78 5.75 -20.01 44.36
CA ARG E 78 4.58 -19.27 43.88
C ARG E 78 3.36 -20.21 43.79
N SER E 79 2.16 -19.69 43.51
CA SER E 79 0.92 -20.49 43.47
C SER E 79 0.07 -20.19 42.23
N LEU E 80 -0.88 -21.09 41.91
CA LEU E 80 -1.79 -20.90 40.77
C LEU E 80 -3.24 -21.19 41.18
N ASN E 81 -4.15 -20.22 41.00
CA ASN E 81 -5.54 -20.40 41.48
C ASN E 81 -6.67 -20.25 40.50
N LYS E 82 -7.90 -20.28 41.05
CA LYS E 82 -9.12 -19.90 40.37
C LYS E 82 -9.83 -18.73 41.02
N THR E 83 -9.79 -18.60 42.35
CA THR E 83 -10.33 -17.39 42.99
C THR E 83 -9.39 -16.20 42.87
N ASP E 84 -8.09 -16.42 43.09
CA ASP E 84 -7.14 -15.32 42.92
C ASP E 84 -7.11 -14.84 41.48
N ALA E 85 -7.34 -15.76 40.53
CA ALA E 85 -7.34 -15.39 39.12
C ALA E 85 -8.48 -14.41 38.79
N LYS E 86 -9.68 -14.68 39.29
CA LYS E 86 -10.83 -13.80 39.04
C LYS E 86 -10.68 -12.46 39.76
N ASN E 87 -9.86 -12.39 40.79
CA ASN E 87 -9.60 -11.11 41.41
C ASN E 87 -8.36 -10.40 40.88
N TRP E 88 -7.41 -11.14 40.31
CA TRP E 88 -6.23 -10.54 39.74
C TRP E 88 -6.38 -10.15 38.26
N PHE E 89 -7.39 -10.68 37.56
CA PHE E 89 -7.55 -10.37 36.14
C PHE E 89 -7.67 -8.88 35.86
N PRO E 90 -8.42 -8.10 36.64
CA PRO E 90 -8.46 -6.64 36.39
C PRO E 90 -7.12 -5.97 36.56
N ILE E 91 -6.28 -6.47 37.45
CA ILE E 91 -4.95 -5.86 37.62
C ILE E 91 -4.13 -6.00 36.35
N SER E 92 -4.09 -7.21 35.76
CA SER E 92 -3.35 -7.40 34.51
C SER E 92 -3.99 -6.61 33.38
N PHE E 93 -5.32 -6.58 33.35
CA PHE E 93 -5.95 -5.78 32.32
C PHE E 93 -5.63 -4.28 32.51
N LEU E 94 -5.64 -3.78 33.74
CA LEU E 94 -5.18 -2.43 33.94
C LEU E 94 -3.74 -2.27 33.51
N LEU E 95 -2.93 -3.29 33.76
CA LEU E 95 -1.50 -3.15 33.51
C LEU E 95 -1.28 -2.92 32.04
N VAL E 96 -1.89 -3.79 31.24
CA VAL E 96 -1.75 -3.76 29.79
C VAL E 96 -2.40 -2.52 29.19
N LEU E 97 -3.59 -2.17 29.68
CA LEU E 97 -4.20 -0.91 29.29
C LEU E 97 -3.34 0.27 29.69
N MET E 98 -2.70 0.19 30.87
CA MET E 98 -1.83 1.25 31.32
C MET E 98 -0.73 1.50 30.30
N ILE E 99 -0.15 0.43 29.77
CA ILE E 99 0.87 0.56 28.73
C ILE E 99 0.24 1.07 27.43
N TYR E 100 -0.99 0.61 27.11
CA TYR E 100 -1.60 1.04 25.85
C TYR E 100 -1.89 2.53 25.90
N THR E 101 -2.42 3.04 27.01
CA THR E 101 -2.61 4.49 27.06
C THR E 101 -1.26 5.21 27.05
N SER E 102 -0.22 4.64 27.66
CA SER E 102 1.08 5.31 27.69
C SER E 102 1.69 5.41 26.31
N SER E 103 1.52 4.36 25.49
CA SER E 103 2.02 4.35 24.11
C SER E 103 1.30 5.38 23.24
N LYS E 104 -0.04 5.35 23.24
CA LYS E 104 -0.84 6.31 22.46
C LYS E 104 -0.63 7.74 22.96
N ALA E 105 -0.37 7.93 24.25
CA ALA E 105 -0.09 9.27 24.78
C ALA E 105 1.21 9.81 24.23
N LEU E 106 2.22 8.97 24.12
CA LEU E 106 3.53 9.36 23.61
C LEU E 106 3.60 9.53 22.09
N GLN E 107 2.61 9.05 21.33
CA GLN E 107 2.63 9.31 19.89
C GLN E 107 2.42 10.79 19.61
N TYR E 108 1.59 11.46 20.43
CA TYR E 108 1.28 12.87 20.25
C TYR E 108 1.92 13.83 21.26
N LEU E 109 2.36 13.39 22.45
CA LEU E 109 2.92 14.31 23.44
C LEU E 109 4.40 14.05 23.73
N ALA E 110 5.17 15.15 23.76
CA ALA E 110 6.62 15.06 23.93
C ALA E 110 6.95 14.54 25.31
N VAL E 111 8.10 13.85 25.40
CA VAL E 111 8.45 13.11 26.62
C VAL E 111 8.48 14.03 27.84
N PRO E 112 9.11 15.21 27.80
CA PRO E 112 9.12 16.06 28.99
C PRO E 112 7.73 16.41 29.45
N ILE E 113 6.81 16.67 28.50
CA ILE E 113 5.42 16.90 28.87
C ILE E 113 4.78 15.64 29.40
N TYR E 114 5.00 14.50 28.76
CA TYR E 114 4.50 13.26 29.31
C TYR E 114 4.98 13.12 30.75
N THR E 115 6.23 13.47 31.01
CA THR E 115 6.71 13.35 32.37
C THR E 115 5.91 14.26 33.30
N ILE E 116 5.61 15.49 32.89
CA ILE E 116 4.83 16.37 33.77
C ILE E 116 3.61 15.64 34.30
N PHE E 117 2.73 15.19 33.41
CA PHE E 117 1.51 14.53 33.86
C PHE E 117 1.80 13.22 34.60
N LYS E 118 2.85 12.51 34.17
CA LYS E 118 3.22 11.29 34.88
C LYS E 118 3.72 11.60 36.28
N ASN E 119 4.29 12.79 36.50
CA ASN E 119 4.63 13.18 37.86
C ASN E 119 3.41 13.69 38.61
N LEU E 120 2.43 14.26 37.90
CA LEU E 120 1.19 14.73 38.51
C LEU E 120 0.32 13.56 38.95
N THR E 121 0.46 12.41 38.29
CA THR E 121 -0.25 11.23 38.75
C THR E 121 0.20 10.84 40.16
N ILE E 122 1.46 11.11 40.51
CA ILE E 122 1.90 10.82 41.87
C ILE E 122 0.99 11.49 42.89
N ILE E 123 0.49 12.68 42.58
CA ILE E 123 -0.41 13.39 43.51
C ILE E 123 -1.76 12.67 43.64
N LEU E 124 -2.42 12.32 42.53
CA LEU E 124 -3.69 11.64 42.74
C LEU E 124 -3.51 10.25 43.36
N ILE E 125 -2.40 9.56 43.04
CA ILE E 125 -2.16 8.26 43.66
C ILE E 125 -2.00 8.41 45.15
N ALA E 126 -1.24 9.42 45.57
CA ALA E 126 -1.10 9.68 47.00
C ALA E 126 -2.46 9.96 47.62
N TYR E 127 -3.24 10.82 47.00
CA TYR E 127 -4.55 11.00 47.60
C TYR E 127 -5.48 9.84 47.27
N GLY E 128 -5.09 8.99 46.31
CA GLY E 128 -5.82 7.77 46.05
C GLY E 128 -5.58 6.74 47.12
N GLU E 129 -4.36 6.70 47.67
CA GLU E 129 -4.06 5.85 48.81
C GLU E 129 -4.85 6.24 50.06
N VAL E 130 -5.25 7.50 50.18
CA VAL E 130 -6.06 7.90 51.33
C VAL E 130 -7.44 7.26 51.27
N LEU E 131 -8.02 7.21 50.09
CA LEU E 131 -9.34 6.64 49.84
C LEU E 131 -9.37 5.11 49.77
N PHE E 132 -8.19 4.46 49.85
CA PHE E 132 -8.06 3.00 49.81
C PHE E 132 -7.66 2.39 51.15
N PHE E 133 -6.81 3.06 51.93
CA PHE E 133 -6.26 2.52 53.18
C PHE E 133 -6.44 3.53 54.30
N GLY E 134 -6.13 4.79 54.03
CA GLY E 134 -6.38 5.83 55.02
C GLY E 134 -5.23 6.75 55.36
N GLY E 135 -4.00 6.37 55.01
CA GLY E 135 -2.86 7.19 55.37
C GLY E 135 -2.86 8.59 54.76
N SER E 136 -3.37 9.58 55.50
CA SER E 136 -3.49 10.95 54.98
C SER E 136 -2.13 11.47 54.51
N VAL E 137 -2.17 12.38 53.54
CA VAL E 137 -0.96 12.96 52.97
C VAL E 137 -0.42 14.01 53.92
N THR E 138 0.82 13.85 54.36
CA THR E 138 1.42 14.86 55.22
C THR E 138 1.63 16.14 54.44
N SER E 139 1.61 17.26 55.15
CA SER E 139 1.91 18.52 54.48
C SER E 139 3.28 18.45 53.82
N MET E 140 4.23 17.75 54.46
CA MET E 140 5.59 17.65 53.97
C MET E 140 5.66 16.79 52.71
N GLU E 141 4.80 15.78 52.61
CA GLU E 141 4.73 14.95 51.41
C GLU E 141 4.26 15.75 50.21
N LEU E 142 3.26 16.60 50.40
CA LEU E 142 2.75 17.40 49.31
C LEU E 142 3.81 18.32 48.73
N SER E 143 4.69 18.87 49.57
CA SER E 143 5.76 19.70 49.04
C SER E 143 6.63 18.92 48.07
N SER E 144 6.89 17.65 48.39
CA SER E 144 7.66 16.82 47.47
C SER E 144 6.95 16.72 46.13
N PHE E 145 5.66 16.40 46.15
CA PHE E 145 4.96 16.22 44.90
C PHE E 145 4.95 17.52 44.11
N LEU E 146 4.87 18.65 44.81
CA LEU E 146 4.98 19.89 44.07
C LEU E 146 6.38 20.07 43.51
N LEU E 147 7.39 19.57 44.22
CA LEU E 147 8.79 19.69 43.75
C LEU E 147 9.07 18.79 42.57
N MET E 148 8.47 17.62 42.55
CA MET E 148 8.63 16.75 41.39
C MET E 148 7.86 17.32 40.21
N VAL E 149 6.75 18.02 40.49
CA VAL E 149 6.01 18.71 39.44
C VAL E 149 6.85 19.86 38.93
N LEU E 150 7.39 20.66 39.85
CA LEU E 150 8.32 21.73 39.49
C LEU E 150 9.48 21.19 38.67
N SER E 151 10.13 20.13 39.18
CA SER E 151 11.30 19.62 38.49
C SER E 151 11.02 19.33 37.02
N SER E 152 9.95 18.59 36.71
CA SER E 152 9.65 18.28 35.30
C SER E 152 9.33 19.55 34.51
N VAL E 153 8.51 20.43 35.08
CA VAL E 153 8.14 21.62 34.35
C VAL E 153 9.37 22.43 34.00
N VAL E 154 10.28 22.60 34.97
CA VAL E 154 11.52 23.32 34.65
C VAL E 154 12.32 22.55 33.63
N ALA E 155 12.28 21.23 33.67
CA ALA E 155 12.98 20.43 32.67
C ALA E 155 12.38 20.59 31.27
N THR E 156 11.03 20.62 31.17
CA THR E 156 10.39 20.92 29.89
C THR E 156 10.67 22.34 29.47
N TRP E 157 10.50 23.28 30.42
CA TRP E 157 10.84 24.68 30.16
C TRP E 157 12.23 24.76 29.56
N GLY E 158 13.07 23.77 29.84
CA GLY E 158 14.37 23.68 29.21
C GLY E 158 14.42 22.74 28.02
N ASP E 159 13.47 22.78 27.08
CA ASP E 159 13.46 21.82 25.97
C ASP E 159 12.64 22.37 24.78
N GLN E 160 12.65 21.61 23.66
CA GLN E 160 11.87 21.95 22.45
C GLN E 160 10.64 21.08 22.27
N GLN E 161 10.82 19.82 21.91
CA GLN E 161 9.67 18.95 21.71
C GLN E 161 9.98 17.60 22.27
N ALA E 177 -4.22 22.99 13.36
CA ALA E 177 -5.01 21.77 13.19
C ALA E 177 -5.99 21.57 14.33
N VAL E 178 -5.85 22.37 15.39
CA VAL E 178 -6.69 22.34 16.58
C VAL E 178 -6.68 20.94 17.20
N ALA E 179 -7.07 19.92 16.42
CA ALA E 179 -7.11 18.53 16.88
C ALA E 179 -5.74 17.86 16.88
N SER E 180 -4.65 18.63 16.90
CA SER E 180 -3.28 18.10 16.91
C SER E 180 -2.78 17.82 18.34
N PHE E 181 -2.72 18.85 19.19
CA PHE E 181 -2.58 18.59 20.62
C PHE E 181 -3.65 17.60 21.08
N ASN E 182 -4.91 17.82 20.64
CA ASN E 182 -6.12 17.25 21.26
C ASN E 182 -6.09 15.75 21.51
N PRO E 183 -5.71 14.90 20.55
CA PRO E 183 -5.73 13.47 20.84
C PRO E 183 -4.77 13.08 21.94
N GLY E 184 -3.62 13.72 22.00
CA GLY E 184 -2.62 13.34 22.99
C GLY E 184 -3.08 13.58 24.42
N TYR E 185 -3.77 14.68 24.66
CA TYR E 185 -4.16 14.97 26.04
C TYR E 185 -5.28 14.03 26.50
N PHE E 186 -6.10 13.50 25.58
CA PHE E 186 -7.08 12.51 26.00
C PHE E 186 -6.40 11.25 26.49
N TRP E 187 -5.43 10.78 25.72
CA TRP E 187 -4.78 9.53 26.09
C TRP E 187 -3.97 9.67 27.38
N MET E 188 -3.42 10.85 27.69
CA MET E 188 -2.69 11.01 28.96
C MET E 188 -3.65 11.00 30.14
N PHE E 189 -4.84 11.57 29.99
CA PHE E 189 -5.81 11.55 31.08
C PHE E 189 -6.20 10.12 31.44
N THR E 190 -6.38 9.28 30.42
CA THR E 190 -6.75 7.90 30.68
C THR E 190 -5.58 7.06 31.18
N ASN E 191 -4.35 7.47 30.89
CA ASN E 191 -3.18 6.74 31.38
C ASN E 191 -2.96 7.03 32.85
N CYS E 192 -3.28 8.26 33.26
CA CYS E 192 -3.12 8.62 34.66
C CYS E 192 -4.09 7.82 35.53
N ILE E 193 -5.31 7.64 35.05
CA ILE E 193 -6.27 6.90 35.85
C ILE E 193 -5.98 5.41 35.78
N THR E 194 -5.54 4.87 34.62
CA THR E 194 -5.21 3.44 34.68
C THR E 194 -3.87 3.23 35.40
N SER E 195 -2.95 4.22 35.36
CA SER E 195 -1.72 4.08 36.13
C SER E 195 -2.00 4.09 37.61
N ALA E 196 -2.98 4.89 38.05
CA ALA E 196 -3.33 4.91 39.46
C ALA E 196 -4.10 3.67 39.87
N LEU E 197 -5.17 3.34 39.12
CA LEU E 197 -5.98 2.15 39.41
C LEU E 197 -5.18 0.87 39.30
N PHE E 198 -4.09 0.90 38.54
CA PHE E 198 -3.24 -0.29 38.47
C PHE E 198 -2.42 -0.47 39.75
N VAL E 199 -1.63 0.53 40.13
CA VAL E 199 -0.77 0.35 41.29
C VAL E 199 -1.58 0.32 42.58
N LEU E 200 -2.75 0.98 42.58
CA LEU E 200 -3.57 1.03 43.79
C LEU E 200 -4.32 -0.27 44.00
N ILE E 201 -5.00 -0.76 42.97
CA ILE E 201 -5.80 -1.96 43.13
C ILE E 201 -4.95 -3.23 43.21
N MET E 202 -3.72 -3.21 42.68
CA MET E 202 -2.78 -4.31 42.90
C MET E 202 -2.35 -4.38 44.37
N ARG E 203 -1.94 -3.26 44.94
CA ARG E 203 -1.50 -3.21 46.33
C ARG E 203 -2.60 -3.65 47.28
N LYS E 204 -3.86 -3.32 46.97
CA LYS E 204 -5.00 -3.73 47.78
C LYS E 204 -5.15 -5.23 47.81
N ARG E 205 -5.23 -5.86 46.64
CA ARG E 205 -5.32 -7.31 46.55
C ARG E 205 -4.04 -8.01 47.01
N ILE E 206 -2.88 -7.34 47.00
CA ILE E 206 -1.69 -7.97 47.59
C ILE E 206 -1.87 -8.13 49.08
N LYS E 207 -2.10 -7.02 49.77
CA LYS E 207 -2.26 -7.13 51.21
C LYS E 207 -3.52 -7.92 51.61
N LEU E 208 -4.54 -8.02 50.75
CA LEU E 208 -5.70 -8.85 51.12
C LEU E 208 -5.36 -10.34 51.07
N THR E 209 -4.70 -10.81 50.03
CA THR E 209 -4.39 -12.23 49.92
C THR E 209 -2.92 -12.53 50.26
N ASN E 210 -2.29 -11.68 51.07
CA ASN E 210 -0.93 -11.89 51.56
C ASN E 210 -0.04 -12.44 50.44
N PHE E 211 -0.12 -11.82 49.25
CA PHE E 211 0.71 -12.26 48.13
C PHE E 211 2.16 -11.90 48.41
N LYS E 212 3.04 -12.87 48.32
CA LYS E 212 4.46 -12.60 48.47
C LYS E 212 5.09 -12.46 47.08
N ASP E 213 6.21 -11.76 47.03
CA ASP E 213 6.86 -11.37 45.78
C ASP E 213 7.32 -12.61 45.05
N PHE E 214 6.72 -12.88 43.90
CA PHE E 214 6.86 -14.12 43.15
C PHE E 214 5.46 -14.52 42.71
N ASP E 215 4.51 -14.50 43.65
CA ASP E 215 3.09 -14.60 43.30
C ASP E 215 2.61 -13.34 42.57
N THR E 216 2.98 -12.17 43.09
CA THR E 216 2.67 -10.94 42.39
C THR E 216 3.34 -10.97 41.02
N MET E 217 4.60 -11.42 40.97
CA MET E 217 5.30 -11.50 39.70
C MET E 217 4.66 -12.52 38.77
N PHE E 218 4.38 -13.72 39.28
CA PHE E 218 3.76 -14.78 38.46
C PHE E 218 2.37 -14.36 37.95
N TYR E 219 1.51 -13.88 38.85
CA TYR E 219 0.14 -13.52 38.44
C TYR E 219 0.11 -12.35 37.45
N ASN E 220 1.07 -11.41 37.50
CA ASN E 220 1.08 -10.34 36.51
C ASN E 220 1.52 -10.83 35.14
N ASN E 221 2.58 -11.62 35.09
CA ASN E 221 3.08 -12.00 33.79
C ASN E 221 2.17 -13.03 33.12
N VAL E 222 1.61 -13.96 33.89
CA VAL E 222 0.75 -15.01 33.31
C VAL E 222 -0.57 -14.42 32.83
N LEU E 223 -1.30 -13.74 33.71
CA LEU E 223 -2.57 -13.16 33.27
C LEU E 223 -2.35 -12.02 32.29
N ALA E 224 -1.11 -11.58 32.14
CA ALA E 224 -0.76 -10.58 31.15
C ALA E 224 -0.72 -11.17 29.76
N LEU E 225 -0.19 -12.39 29.60
CA LEU E 225 -0.16 -13.01 28.28
C LEU E 225 -1.49 -12.87 27.55
N PRO E 226 -2.64 -13.20 28.14
CA PRO E 226 -3.89 -13.12 27.35
C PRO E 226 -4.29 -11.70 26.97
N ILE E 227 -4.18 -10.77 27.89
CA ILE E 227 -4.53 -9.40 27.56
C ILE E 227 -3.51 -8.79 26.63
N LEU E 228 -2.23 -9.21 26.70
CA LEU E 228 -1.27 -8.70 25.72
C LEU E 228 -1.60 -9.18 24.32
N LEU E 229 -2.04 -10.44 24.17
CA LEU E 229 -2.35 -10.96 22.85
C LEU E 229 -3.60 -10.29 22.27
N LEU E 230 -4.59 -9.99 23.11
CA LEU E 230 -5.77 -9.28 22.64
C LEU E 230 -5.42 -7.89 22.18
N PHE E 231 -4.49 -7.23 22.87
CA PHE E 231 -4.09 -5.88 22.49
C PHE E 231 -3.24 -5.87 21.25
N SER E 232 -2.48 -6.93 21.00
CA SER E 232 -1.69 -6.97 19.78
C SER E 232 -2.58 -7.15 18.56
N PHE E 233 -3.54 -8.08 18.61
CA PHE E 233 -4.38 -8.31 17.44
C PHE E 233 -5.31 -7.12 17.21
N CYS E 234 -5.68 -6.40 18.26
CA CYS E 234 -6.62 -5.30 18.12
C CYS E 234 -5.99 -4.04 17.55
N VAL E 235 -4.69 -3.84 17.79
CA VAL E 235 -4.01 -2.60 17.45
C VAL E 235 -2.95 -2.80 16.36
N GLU E 236 -2.16 -3.87 16.44
CA GLU E 236 -1.14 -4.13 15.39
C GLU E 236 -1.70 -4.83 14.14
N ASP E 237 -1.00 -4.63 13.00
CA ASP E 237 -1.34 -5.24 11.70
C ASP E 237 -0.54 -6.53 11.48
N TRP E 238 -1.27 -7.65 11.37
CA TRP E 238 -0.70 -8.98 11.19
C TRP E 238 -0.82 -9.37 9.71
N SER E 239 0.31 -9.36 9.00
CA SER E 239 0.33 -9.71 7.58
C SER E 239 1.53 -10.61 7.33
N SER E 240 1.27 -11.82 6.83
CA SER E 240 2.36 -12.78 6.66
C SER E 240 3.34 -12.34 5.59
N VAL E 241 2.84 -11.65 4.54
CA VAL E 241 3.70 -11.20 3.43
C VAL E 241 4.60 -10.04 3.84
N ASN E 242 4.21 -9.27 4.85
CA ASN E 242 5.01 -8.12 5.29
C ASN E 242 5.60 -8.33 6.70
N LEU E 243 4.77 -8.27 7.74
CA LEU E 243 5.30 -8.19 9.10
C LEU E 243 5.91 -9.52 9.58
N THR E 244 5.72 -10.61 8.82
CA THR E 244 6.37 -11.89 9.14
C THR E 244 7.88 -11.83 8.89
N ASN E 245 8.29 -11.11 7.84
CA ASN E 245 9.70 -10.91 7.55
C ASN E 245 10.37 -9.93 8.51
N ASN E 246 9.60 -9.06 9.17
CA ASN E 246 10.19 -8.03 10.01
C ASN E 246 10.79 -8.55 11.32
N PHE E 247 10.23 -9.61 11.90
CA PHE E 247 10.80 -10.22 13.12
C PHE E 247 11.57 -11.50 12.75
N SER E 248 12.89 -11.35 12.59
CA SER E 248 13.81 -12.37 12.12
C SER E 248 14.50 -13.12 13.27
N ASN E 249 15.51 -13.94 12.91
CA ASN E 249 16.31 -14.66 13.92
C ASN E 249 17.02 -13.72 14.88
N ASP E 250 17.48 -12.55 14.39
CA ASP E 250 18.25 -11.62 15.22
C ASP E 250 17.38 -10.82 16.16
N SER E 251 16.21 -10.37 15.70
CA SER E 251 15.30 -9.61 16.55
C SER E 251 14.71 -10.49 17.66
N LEU E 252 14.40 -11.74 17.34
CA LEU E 252 13.89 -12.64 18.36
C LEU E 252 14.90 -12.79 19.47
N THR E 253 16.17 -12.83 19.11
CA THR E 253 17.20 -12.87 20.14
C THR E 253 17.09 -11.63 21.02
N ALA E 254 16.69 -10.50 20.43
CA ALA E 254 16.55 -9.29 21.23
C ALA E 254 15.45 -9.44 22.27
N MET E 255 14.35 -10.10 21.94
CA MET E 255 13.23 -10.13 22.89
C MET E 255 13.53 -11.01 24.10
N ILE E 256 14.33 -12.05 23.93
CA ILE E 256 14.68 -12.88 25.07
C ILE E 256 15.72 -12.16 25.91
N ILE E 257 16.65 -11.47 25.25
CA ILE E 257 17.58 -10.65 26.00
C ILE E 257 16.80 -9.61 26.81
N SER E 258 15.81 -8.96 26.16
CA SER E 258 15.01 -7.98 26.88
C SER E 258 14.10 -8.62 27.92
N GLY E 259 13.59 -9.82 27.64
CA GLY E 259 12.81 -10.53 28.64
C GLY E 259 13.65 -10.90 29.84
N VAL E 260 14.90 -11.31 29.60
CA VAL E 260 15.79 -11.59 30.70
C VAL E 260 16.07 -10.34 31.51
N ALA E 261 16.22 -9.20 30.85
CA ALA E 261 16.39 -7.95 31.60
C ALA E 261 15.13 -7.60 32.38
N SER E 262 13.97 -7.83 31.78
CA SER E 262 12.71 -7.46 32.38
C SER E 262 12.40 -8.30 33.60
N VAL E 263 13.12 -9.42 33.79
CA VAL E 263 12.94 -10.17 35.02
C VAL E 263 13.35 -9.32 36.21
N GLY E 264 14.34 -8.46 36.05
CA GLY E 264 14.68 -7.59 37.16
C GLY E 264 13.51 -6.73 37.63
N ILE E 265 13.09 -5.77 36.80
CA ILE E 265 12.03 -4.85 37.18
C ILE E 265 10.70 -5.56 37.46
N SER E 266 10.43 -6.70 36.82
CA SER E 266 9.15 -7.37 37.05
C SER E 266 8.99 -7.76 38.50
N TYR E 267 10.03 -8.35 39.09
CA TYR E 267 9.95 -8.83 40.46
C TYR E 267 9.90 -7.66 41.44
N CYS E 268 10.75 -6.64 41.21
CA CYS E 268 10.96 -5.52 42.12
C CYS E 268 9.81 -4.50 42.14
N SER E 269 9.02 -4.37 41.07
CA SER E 269 7.88 -3.46 41.12
C SER E 269 6.88 -3.90 42.17
N GLY E 270 6.45 -5.16 42.09
CA GLY E 270 5.50 -5.71 43.04
C GLY E 270 6.08 -5.89 44.43
N TRP E 271 7.40 -6.05 44.52
CA TRP E 271 8.04 -6.05 45.83
C TRP E 271 8.00 -4.65 46.42
N CYS E 272 8.38 -3.63 45.63
CA CYS E 272 8.39 -2.26 46.13
C CYS E 272 7.00 -1.85 46.61
N VAL E 273 6.00 -1.95 45.73
CA VAL E 273 4.65 -1.52 46.08
C VAL E 273 4.17 -2.25 47.33
N ARG E 274 4.60 -3.51 47.53
CA ARG E 274 4.15 -4.29 48.67
C ARG E 274 4.75 -3.75 49.97
N VAL E 275 6.07 -3.69 50.05
CA VAL E 275 6.69 -3.34 51.32
C VAL E 275 6.60 -1.83 51.59
N THR E 276 6.65 -0.98 50.56
CA THR E 276 6.54 0.45 50.83
C THR E 276 5.13 0.90 50.56
N SER E 277 4.89 1.64 49.47
CA SER E 277 3.53 2.07 49.20
C SER E 277 3.33 2.30 47.71
N SER E 278 2.06 2.50 47.33
CA SER E 278 1.73 2.83 45.95
C SER E 278 2.29 4.20 45.57
N THR E 279 2.41 5.11 46.55
CA THR E 279 2.98 6.42 46.31
C THR E 279 4.50 6.39 46.31
N THR E 280 5.10 5.62 47.21
CA THR E 280 6.56 5.46 47.18
C THR E 280 7.04 4.86 45.86
N TYR E 281 6.35 3.82 45.35
CA TYR E 281 6.72 3.22 44.06
C TYR E 281 6.63 4.25 42.94
N SER E 282 5.62 5.12 43.00
CA SER E 282 5.39 6.12 41.95
C SER E 282 6.47 7.19 41.96
N MET E 283 6.98 7.50 43.16
CA MET E 283 8.02 8.50 43.39
C MET E 283 9.39 8.00 42.96
N VAL E 284 9.75 6.80 43.43
CA VAL E 284 11.01 6.18 43.03
C VAL E 284 11.06 6.01 41.51
N GLY E 285 9.95 5.62 40.89
CA GLY E 285 9.94 5.49 39.43
C GLY E 285 10.23 6.82 38.75
N ALA E 286 9.65 7.89 39.28
CA ALA E 286 9.94 9.22 38.77
C ALA E 286 11.37 9.64 39.07
N LEU E 287 11.89 9.24 40.23
CA LEU E 287 13.26 9.59 40.60
C LEU E 287 14.31 8.83 39.76
N ASN E 288 14.03 7.55 39.44
CA ASN E 288 14.94 6.69 38.69
C ASN E 288 15.42 7.34 37.41
N LYS E 289 14.57 8.11 36.74
CA LYS E 289 14.98 8.68 35.47
C LYS E 289 16.11 9.69 35.66
N LEU E 290 16.17 10.34 36.83
CA LEU E 290 17.13 11.43 37.03
C LEU E 290 18.59 11.02 37.01
N PRO E 291 19.03 10.05 37.80
CA PRO E 291 20.45 9.67 37.74
C PRO E 291 20.88 9.20 36.38
N ILE E 292 19.99 8.50 35.64
CA ILE E 292 20.29 8.13 34.25
C ILE E 292 20.44 9.36 33.37
N ALA E 293 19.55 10.35 33.54
CA ALA E 293 19.71 11.59 32.80
C ALA E 293 20.95 12.32 33.23
N LEU E 294 21.27 12.25 34.53
CA LEU E 294 22.52 12.79 35.09
C LEU E 294 23.72 11.98 34.62
N SER E 295 23.54 10.68 34.39
CA SER E 295 24.60 9.93 33.75
C SER E 295 24.84 10.50 32.37
N GLY E 296 23.77 10.79 31.64
CA GLY E 296 23.94 11.35 30.31
C GLY E 296 24.70 12.64 30.34
N LEU E 297 24.66 13.36 31.46
CA LEU E 297 25.40 14.60 31.57
C LEU E 297 26.87 14.37 31.91
N ILE E 298 27.20 13.32 32.67
CA ILE E 298 28.59 13.05 33.03
C ILE E 298 29.28 12.21 31.96
N PHE E 299 28.69 11.08 31.60
CA PHE E 299 29.37 10.16 30.69
C PHE E 299 29.36 10.59 29.24
N PHE E 300 28.77 11.74 28.88
CA PHE E 300 28.69 12.15 27.48
C PHE E 300 28.90 13.67 27.32
N ASP E 301 29.41 14.05 26.14
CA ASP E 301 29.72 15.43 25.78
C ASP E 301 28.63 16.12 24.96
N ALA E 302 27.38 15.65 25.03
CA ALA E 302 26.28 16.33 24.35
C ALA E 302 25.98 17.67 25.01
N PRO E 303 25.46 18.63 24.24
CA PRO E 303 25.11 19.94 24.80
C PRO E 303 24.08 19.84 25.93
N ARG E 304 24.24 20.70 26.94
CA ARG E 304 23.47 20.71 28.17
C ARG E 304 22.75 22.05 28.37
N ASN E 305 21.77 22.11 29.30
CA ASN E 305 21.10 23.38 29.65
C ASN E 305 21.07 23.58 31.15
N PHE E 306 21.18 24.83 31.57
CA PHE E 306 21.09 25.12 32.99
C PHE E 306 19.71 24.72 33.52
N LEU E 307 18.67 25.04 32.75
CA LEU E 307 17.31 24.67 33.15
C LEU E 307 17.16 23.16 33.26
N SER E 308 17.86 22.41 32.40
CA SER E 308 17.81 20.95 32.46
C SER E 308 18.62 20.41 33.63
N ILE E 309 19.80 21.00 33.85
CA ILE E 309 20.61 20.61 35.00
C ILE E 309 19.90 21.01 36.28
N LEU E 310 19.25 22.18 36.29
CA LEU E 310 18.41 22.55 37.43
C LEU E 310 17.34 21.52 37.69
N SER E 311 16.54 21.19 36.68
CA SER E 311 15.43 20.28 36.94
C SER E 311 15.92 19.05 37.68
N ILE E 312 17.13 18.59 37.30
CA ILE E 312 17.73 17.38 37.90
C ILE E 312 17.94 17.54 39.41
N PHE E 313 18.58 18.64 39.83
CA PHE E 313 18.78 18.79 41.25
C PHE E 313 17.50 19.20 41.97
N ILE E 314 16.57 19.87 41.26
CA ILE E 314 15.25 20.08 41.84
C ILE E 314 14.57 18.75 42.10
N GLY E 315 14.66 17.82 41.15
CA GLY E 315 14.15 16.47 41.38
C GLY E 315 14.83 15.74 42.54
N PHE E 316 16.14 15.96 42.73
CA PHE E 316 16.83 15.36 43.88
C PHE E 316 16.38 16.05 45.15
N LEU E 317 16.26 17.38 45.11
CA LEU E 317 15.65 18.05 46.23
C LEU E 317 14.31 17.45 46.53
N SER E 318 13.62 16.96 45.52
CA SER E 318 12.28 16.41 45.74
C SER E 318 12.36 15.11 46.56
N GLY E 319 13.25 14.20 46.16
CA GLY E 319 13.36 12.92 46.86
C GLY E 319 13.81 13.08 48.29
N ILE E 320 14.77 13.99 48.53
CA ILE E 320 15.27 14.21 49.90
C ILE E 320 14.17 14.73 50.80
N ILE E 321 13.36 15.67 50.31
CA ILE E 321 12.23 16.16 51.08
C ILE E 321 11.22 15.04 51.35
N TYR E 322 11.06 14.09 50.42
CA TYR E 322 10.14 12.98 50.58
C TYR E 322 10.58 11.99 51.65
N ALA E 323 11.86 11.61 51.66
CA ALA E 323 12.37 10.66 52.64
C ALA E 323 12.24 11.23 54.04
N VAL E 324 12.47 12.52 54.20
CA VAL E 324 12.28 13.13 55.50
C VAL E 324 10.80 13.06 55.87
N ALA E 325 9.92 13.31 54.91
CA ALA E 325 8.50 13.19 55.18
C ALA E 325 8.17 11.82 55.70
N LYS E 326 8.90 10.81 55.23
CA LYS E 326 8.65 9.44 55.70
C LYS E 326 9.14 9.23 57.13
N GLN E 327 10.33 9.74 57.46
CA GLN E 327 10.83 9.58 58.82
C GLN E 327 9.95 10.31 59.81
N LYS E 328 9.43 11.48 59.43
CA LYS E 328 8.57 12.18 60.37
C LYS E 328 7.24 11.46 60.55
N LYS E 329 6.79 10.71 59.54
CA LYS E 329 5.52 10.00 59.67
C LYS E 329 5.67 8.77 60.55
N GLN E 330 6.78 8.04 60.37
CA GLN E 330 7.04 6.80 61.12
C GLN E 330 7.25 7.08 62.59
N GLN E 331 8.06 8.09 62.88
CA GLN E 331 8.31 8.41 64.28
C GLN E 331 7.03 8.90 64.95
N ALA E 332 6.08 9.46 64.19
CA ALA E 332 4.86 9.92 64.83
C ALA E 332 4.00 8.77 65.32
N GLN E 333 3.54 7.90 64.42
CA GLN E 333 2.74 6.77 64.89
C GLN E 333 3.42 5.41 64.68
N ALA F 18 22.53 -8.60 -53.69
CA ALA F 18 23.02 -9.31 -52.51
C ALA F 18 21.95 -9.44 -51.40
N ASN F 19 21.15 -8.39 -51.19
CA ASN F 19 20.08 -8.40 -50.17
C ASN F 19 18.74 -8.00 -50.78
N SER F 20 18.02 -9.02 -51.24
CA SER F 20 16.64 -8.86 -51.69
C SER F 20 16.08 -10.26 -51.93
N GLY F 21 14.76 -10.33 -51.93
CA GLY F 21 14.04 -11.52 -52.28
C GLY F 21 13.66 -12.34 -51.07
N PRO F 22 13.75 -13.67 -51.22
CA PRO F 22 13.43 -14.54 -50.10
C PRO F 22 14.53 -14.59 -49.06
N ILE F 23 15.67 -13.99 -49.32
CA ILE F 23 16.73 -14.09 -48.32
C ILE F 23 16.31 -13.38 -47.05
N SER F 24 15.62 -12.25 -47.19
CA SER F 24 15.19 -11.49 -46.02
C SER F 24 14.27 -12.31 -45.13
N ILE F 25 13.44 -13.17 -45.72
CA ILE F 25 12.48 -13.88 -44.89
C ILE F 25 13.18 -14.87 -43.96
N LEU F 26 14.21 -15.61 -44.45
CA LEU F 26 14.96 -16.49 -43.55
C LEU F 26 15.64 -15.72 -42.44
N SER F 27 16.09 -14.51 -42.71
CA SER F 27 16.68 -13.72 -41.65
C SER F 27 15.66 -13.40 -40.58
N TYR F 28 14.47 -12.98 -40.99
CA TYR F 28 13.48 -12.58 -40.01
C TYR F 28 13.12 -13.77 -39.14
N CYS F 29 13.06 -14.96 -39.74
CA CYS F 29 12.77 -16.16 -38.99
C CYS F 29 13.91 -16.51 -38.04
N GLY F 30 15.14 -16.58 -38.55
CA GLY F 30 16.22 -16.81 -37.65
C GLY F 30 16.18 -15.81 -36.52
N SER F 31 16.00 -14.53 -36.85
CA SER F 31 16.05 -13.52 -35.79
C SER F 31 14.83 -13.60 -34.87
N SER F 32 13.67 -13.99 -35.38
CA SER F 32 12.57 -14.24 -34.47
C SER F 32 12.90 -15.42 -33.56
N ILE F 33 13.34 -16.53 -34.15
CA ILE F 33 13.64 -17.71 -33.33
C ILE F 33 14.75 -17.41 -32.34
N LEU F 34 15.78 -16.69 -32.77
CA LEU F 34 16.89 -16.40 -31.89
C LEU F 34 16.43 -15.50 -30.75
N MET F 35 15.54 -14.57 -31.05
CA MET F 35 15.05 -13.69 -30.01
C MET F 35 14.04 -14.40 -29.13
N THR F 36 13.25 -15.33 -29.68
CA THR F 36 12.34 -16.06 -28.81
C THR F 36 13.12 -16.88 -27.80
N VAL F 37 14.19 -17.54 -28.25
CA VAL F 37 14.95 -18.45 -27.39
C VAL F 37 15.77 -17.70 -26.34
N THR F 38 16.37 -16.58 -26.71
CA THR F 38 17.12 -15.80 -25.74
C THR F 38 16.23 -15.32 -24.58
N ASN F 39 14.97 -14.97 -24.87
CA ASN F 39 14.09 -14.46 -23.82
C ASN F 39 13.58 -15.55 -22.88
N LYS F 40 13.47 -16.79 -23.36
CA LYS F 40 12.90 -17.85 -22.55
C LYS F 40 13.95 -18.75 -21.92
N PHE F 41 15.17 -18.72 -22.45
CA PHE F 41 16.25 -19.54 -21.91
C PHE F 41 17.39 -18.70 -21.34
N VAL F 42 18.03 -17.83 -22.14
CA VAL F 42 19.20 -17.11 -21.63
C VAL F 42 18.81 -16.09 -20.56
N VAL F 43 17.69 -15.39 -20.75
CA VAL F 43 17.21 -14.43 -19.77
C VAL F 43 16.03 -15.07 -19.04
N ASN F 44 16.28 -15.51 -17.82
CA ASN F 44 15.26 -16.19 -17.01
C ASN F 44 14.23 -15.18 -16.53
N LEU F 45 12.97 -15.48 -16.82
CA LEU F 45 11.84 -14.59 -16.53
C LEU F 45 12.07 -13.25 -17.18
N LYS F 46 11.56 -13.13 -18.40
CA LYS F 46 11.57 -11.87 -19.12
C LYS F 46 10.28 -11.06 -18.90
N ASP F 47 9.45 -11.46 -17.91
CA ASP F 47 8.24 -10.74 -17.48
C ASP F 47 8.61 -9.64 -16.47
N PHE F 48 9.22 -8.59 -17.02
CA PHE F 48 9.76 -7.50 -16.22
C PHE F 48 8.67 -6.60 -15.66
N ASN F 49 9.04 -5.82 -14.63
CA ASN F 49 8.11 -4.89 -14.02
C ASN F 49 7.77 -3.75 -14.97
N MET F 50 8.79 -3.18 -15.62
CA MET F 50 8.65 -2.03 -16.50
C MET F 50 9.02 -2.42 -17.93
N ASN F 51 7.99 -2.76 -18.72
CA ASN F 51 8.25 -3.26 -20.06
C ASN F 51 8.82 -2.16 -20.95
N PHE F 52 8.27 -0.93 -20.85
CA PHE F 52 8.68 0.12 -21.78
C PHE F 52 10.13 0.53 -21.59
N VAL F 53 10.69 0.34 -20.39
CA VAL F 53 12.10 0.67 -20.20
C VAL F 53 13.01 -0.41 -20.76
N MET F 54 12.60 -1.68 -20.64
CA MET F 54 13.36 -2.73 -21.30
C MET F 54 13.44 -2.45 -22.79
N LEU F 55 12.33 -2.01 -23.39
CA LEU F 55 12.31 -1.63 -24.79
C LEU F 55 13.08 -0.34 -25.04
N PHE F 56 13.20 0.51 -24.02
CA PHE F 56 13.98 1.72 -24.21
C PHE F 56 15.47 1.36 -24.30
N VAL F 57 15.92 0.38 -23.50
CA VAL F 57 17.30 -0.08 -23.57
C VAL F 57 17.54 -0.89 -24.84
N GLN F 58 16.60 -1.80 -25.17
CA GLN F 58 16.69 -2.62 -26.38
C GLN F 58 16.92 -1.74 -27.59
N SER F 59 16.22 -0.59 -27.65
CA SER F 59 16.46 0.41 -28.69
C SER F 59 17.73 1.21 -28.46
N LEU F 60 18.12 1.44 -27.20
CA LEU F 60 19.37 2.14 -26.93
C LEU F 60 20.59 1.29 -27.25
N VAL F 61 20.47 -0.02 -27.08
CA VAL F 61 21.50 -0.92 -27.56
C VAL F 61 21.61 -0.85 -29.07
N CYS F 62 20.47 -0.88 -29.78
CA CYS F 62 20.44 -0.82 -31.23
C CYS F 62 21.02 0.48 -31.76
N THR F 63 20.75 1.59 -31.07
CA THR F 63 21.31 2.88 -31.49
C THR F 63 22.82 2.87 -31.38
N ILE F 64 23.34 2.51 -30.21
CA ILE F 64 24.79 2.52 -29.96
C ILE F 64 25.51 1.61 -30.94
N THR F 65 24.96 0.42 -31.14
CA THR F 65 25.59 -0.53 -32.04
C THR F 65 25.80 0.09 -33.41
N LEU F 66 24.78 0.78 -33.92
CA LEU F 66 24.87 1.30 -35.28
C LEU F 66 25.97 2.35 -35.39
N ILE F 67 26.10 3.22 -34.40
CA ILE F 67 27.08 4.27 -34.52
C ILE F 67 28.49 3.70 -34.53
N ILE F 68 28.75 2.67 -33.73
CA ILE F 68 30.07 2.03 -33.76
C ILE F 68 30.33 1.44 -35.13
N LEU F 69 29.30 0.83 -35.72
CA LEU F 69 29.44 0.30 -37.08
C LEU F 69 29.52 1.45 -38.07
N ARG F 70 28.91 2.57 -37.74
CA ARG F 70 28.99 3.74 -38.60
C ARG F 70 30.44 4.18 -38.74
N ILE F 71 31.22 4.12 -37.64
CA ILE F 71 32.61 4.55 -37.70
C ILE F 71 33.56 3.42 -38.09
N LEU F 72 33.02 2.23 -38.50
CA LEU F 72 33.82 1.11 -39.00
C LEU F 72 33.21 0.50 -40.29
N GLY F 73 33.43 1.15 -41.43
CA GLY F 73 32.89 0.64 -42.70
C GLY F 73 33.43 1.30 -43.95
N PHE F 77 27.05 3.48 -42.55
CA PHE F 77 26.06 2.96 -43.51
C PHE F 77 24.64 3.61 -43.49
N ARG F 78 24.40 4.56 -42.59
CA ARG F 78 23.11 5.17 -42.29
C ARG F 78 23.21 6.71 -42.31
N SER F 79 22.07 7.40 -42.16
CA SER F 79 22.02 8.86 -42.22
C SER F 79 21.21 9.48 -41.08
N LEU F 80 21.40 10.79 -40.82
CA LEU F 80 20.67 11.50 -39.75
C LEU F 80 20.11 12.84 -40.24
N ASN F 81 18.77 13.04 -40.20
CA ASN F 81 18.10 14.25 -40.77
C ASN F 81 17.18 15.10 -39.92
N LYS F 82 16.52 16.05 -40.59
CA LYS F 82 15.46 16.91 -40.05
C LYS F 82 14.15 16.79 -40.81
N THR F 83 14.19 16.62 -42.14
CA THR F 83 13.00 16.37 -42.94
C THR F 83 12.52 14.94 -42.80
N ASP F 84 13.44 13.98 -42.85
CA ASP F 84 13.05 12.59 -42.63
C ASP F 84 12.52 12.39 -41.22
N ALA F 85 13.07 13.13 -40.26
CA ALA F 85 12.64 12.97 -38.88
C ALA F 85 11.17 13.33 -38.71
N LYS F 86 10.73 14.42 -39.34
CA LYS F 86 9.35 14.90 -39.25
C LYS F 86 8.36 14.00 -40.00
N ASN F 87 8.83 13.19 -40.94
CA ASN F 87 8.01 12.19 -41.62
C ASN F 87 8.09 10.81 -41.00
N TRP F 88 9.18 10.50 -40.32
CA TRP F 88 9.33 9.21 -39.69
C TRP F 88 8.77 9.18 -38.27
N PHE F 89 8.61 10.34 -37.63
CA PHE F 89 8.15 10.37 -36.25
C PHE F 89 6.84 9.62 -36.05
N PRO F 90 5.83 9.74 -36.92
CA PRO F 90 4.59 8.96 -36.76
C PRO F 90 4.81 7.49 -36.83
N ILE F 91 5.79 7.03 -37.62
CA ILE F 91 6.06 5.60 -37.68
C ILE F 91 6.55 5.10 -36.33
N SER F 92 7.50 5.82 -35.72
CA SER F 92 7.99 5.45 -34.41
C SER F 92 6.89 5.58 -33.37
N PHE F 93 6.03 6.59 -33.51
CA PHE F 93 4.94 6.71 -32.56
C PHE F 93 3.94 5.57 -32.73
N LEU F 94 3.66 5.18 -33.96
CA LEU F 94 2.76 4.06 -34.18
C LEU F 94 3.35 2.80 -33.58
N LEU F 95 4.68 2.68 -33.66
CA LEU F 95 5.38 1.49 -33.22
C LEU F 95 5.20 1.28 -31.73
N VAL F 96 5.48 2.34 -30.97
CA VAL F 96 5.36 2.31 -29.52
C VAL F 96 3.91 2.16 -29.09
N LEU F 97 3.00 2.87 -29.75
CA LEU F 97 1.59 2.67 -29.48
C LEU F 97 1.17 1.25 -29.86
N MET F 98 1.72 0.72 -30.96
CA MET F 98 1.36 -0.63 -31.39
C MET F 98 1.63 -1.65 -30.31
N ILE F 99 2.81 -1.55 -29.68
CA ILE F 99 3.18 -2.42 -28.57
C ILE F 99 2.29 -2.14 -27.36
N TYR F 100 1.94 -0.86 -27.11
CA TYR F 100 1.10 -0.51 -25.96
C TYR F 100 -0.28 -1.15 -26.09
N THR F 101 -0.89 -1.08 -27.28
CA THR F 101 -2.18 -1.74 -27.45
C THR F 101 -2.06 -3.26 -27.35
N SER F 102 -0.97 -3.84 -27.84
CA SER F 102 -0.82 -5.28 -27.73
C SER F 102 -0.67 -5.70 -26.29
N SER F 103 0.03 -4.90 -25.47
CA SER F 103 0.14 -5.18 -24.04
C SER F 103 -1.21 -5.09 -23.34
N LYS F 104 -1.95 -3.99 -23.54
CA LYS F 104 -3.27 -3.86 -22.92
C LYS F 104 -4.27 -4.87 -23.48
N ALA F 105 -4.10 -5.25 -24.74
CA ALA F 105 -4.95 -6.28 -25.33
C ALA F 105 -4.66 -7.64 -24.72
N LEU F 106 -3.39 -7.96 -24.49
CA LEU F 106 -3.01 -9.23 -23.88
C LEU F 106 -3.29 -9.29 -22.38
N GLN F 107 -3.54 -8.16 -21.73
CA GLN F 107 -3.92 -8.23 -20.33
C GLN F 107 -5.29 -8.88 -20.18
N TYR F 108 -6.19 -8.58 -21.12
CA TYR F 108 -7.57 -9.08 -21.06
C TYR F 108 -7.92 -10.21 -22.04
N LEU F 109 -7.12 -10.46 -23.08
CA LEU F 109 -7.46 -11.54 -23.99
C LEU F 109 -6.38 -12.62 -24.01
N ALA F 110 -6.85 -13.89 -24.06
CA ALA F 110 -5.97 -15.04 -24.06
C ALA F 110 -5.17 -15.13 -25.36
N VAL F 111 -3.95 -15.68 -25.24
CA VAL F 111 -3.00 -15.62 -26.35
C VAL F 111 -3.58 -16.26 -27.59
N PRO F 112 -4.25 -17.42 -27.54
CA PRO F 112 -4.85 -17.97 -28.76
C PRO F 112 -5.85 -17.02 -29.40
N ILE F 113 -6.69 -16.35 -28.59
CA ILE F 113 -7.61 -15.35 -29.13
C ILE F 113 -6.85 -14.15 -29.64
N TYR F 114 -5.83 -13.72 -28.91
CA TYR F 114 -5.00 -12.65 -29.43
C TYR F 114 -4.53 -13.00 -30.81
N THR F 115 -4.08 -14.24 -30.99
CA THR F 115 -3.56 -14.63 -32.29
C THR F 115 -4.66 -14.63 -33.34
N ILE F 116 -5.87 -15.10 -33.00
CA ILE F 116 -6.94 -15.02 -33.98
C ILE F 116 -6.97 -13.65 -34.63
N PHE F 117 -7.17 -12.62 -33.79
CA PHE F 117 -7.26 -11.24 -34.27
C PHE F 117 -5.94 -10.72 -34.85
N LYS F 118 -4.81 -11.10 -34.25
CA LYS F 118 -3.54 -10.74 -34.88
C LYS F 118 -3.42 -11.37 -36.23
N ASN F 119 -4.05 -12.53 -36.45
CA ASN F 119 -4.05 -13.13 -37.78
C ASN F 119 -5.06 -12.45 -38.68
N LEU F 120 -6.15 -11.89 -38.12
CA LEU F 120 -7.12 -11.16 -38.94
C LEU F 120 -6.57 -9.83 -39.45
N THR F 121 -5.61 -9.23 -38.75
CA THR F 121 -5.05 -8.00 -39.30
C THR F 121 -4.35 -8.26 -40.64
N ILE F 122 -3.81 -9.45 -40.85
CA ILE F 122 -3.22 -9.76 -42.15
C ILE F 122 -4.19 -9.53 -43.28
N ILE F 123 -5.48 -9.77 -43.04
CA ILE F 123 -6.50 -9.48 -44.06
C ILE F 123 -6.62 -7.98 -44.33
N LEU F 124 -6.75 -7.15 -43.29
CA LEU F 124 -6.84 -5.74 -43.60
C LEU F 124 -5.52 -5.16 -44.12
N ILE F 125 -4.38 -5.66 -43.66
CA ILE F 125 -3.13 -5.15 -44.22
C ILE F 125 -3.07 -5.43 -45.71
N ALA F 126 -3.41 -6.67 -46.11
CA ALA F 126 -3.43 -6.99 -47.53
C ALA F 126 -4.41 -6.09 -48.29
N TYR F 127 -5.61 -5.89 -47.76
CA TYR F 127 -6.48 -4.96 -48.45
C TYR F 127 -6.11 -3.52 -48.14
N GLY F 128 -5.24 -3.30 -47.15
CA GLY F 128 -4.69 -1.98 -46.94
C GLY F 128 -3.63 -1.64 -47.96
N GLU F 129 -2.89 -2.65 -48.41
CA GLU F 129 -1.91 -2.53 -49.49
C GLU F 129 -2.53 -2.18 -50.85
N VAL F 130 -3.81 -2.50 -51.07
CA VAL F 130 -4.48 -2.07 -52.29
C VAL F 130 -4.71 -0.56 -52.30
N LEU F 131 -5.10 -0.02 -51.14
CA LEU F 131 -5.38 1.40 -50.97
C LEU F 131 -4.13 2.26 -50.79
N PHE F 132 -2.94 1.64 -50.67
CA PHE F 132 -1.67 2.33 -50.48
C PHE F 132 -0.77 2.31 -51.71
N PHE F 133 -0.80 1.23 -52.50
CA PHE F 133 0.05 1.06 -53.67
C PHE F 133 -0.80 0.60 -54.85
N GLY F 134 -1.68 -0.38 -54.61
CA GLY F 134 -2.60 -0.87 -55.62
C GLY F 134 -2.63 -2.37 -55.86
N GLY F 135 -1.62 -3.09 -55.37
CA GLY F 135 -1.53 -4.51 -55.64
C GLY F 135 -2.73 -5.28 -55.09
N SER F 136 -3.72 -5.51 -55.97
CA SER F 136 -4.97 -6.18 -55.58
C SER F 136 -4.69 -7.55 -54.95
N VAL F 137 -5.58 -7.94 -54.03
CA VAL F 137 -5.50 -9.20 -53.32
C VAL F 137 -6.00 -10.31 -54.24
N THR F 138 -5.15 -11.27 -54.57
CA THR F 138 -5.60 -12.36 -55.43
C THR F 138 -6.64 -13.19 -54.70
N SER F 139 -7.51 -13.84 -55.47
CA SER F 139 -8.39 -14.82 -54.86
C SER F 139 -7.58 -15.90 -54.19
N MET F 140 -6.41 -16.22 -54.74
CA MET F 140 -5.59 -17.27 -54.13
C MET F 140 -4.99 -16.81 -52.82
N GLU F 141 -4.62 -15.52 -52.72
CA GLU F 141 -4.07 -14.95 -51.48
C GLU F 141 -5.11 -14.96 -50.38
N LEU F 142 -6.35 -14.68 -50.75
CA LEU F 142 -7.45 -14.69 -49.81
C LEU F 142 -7.63 -16.08 -49.19
N SER F 143 -7.39 -17.14 -49.98
CA SER F 143 -7.49 -18.50 -49.45
C SER F 143 -6.54 -18.68 -48.28
N SER F 144 -5.33 -18.12 -48.43
CA SER F 144 -4.32 -18.23 -47.40
C SER F 144 -4.80 -17.57 -46.11
N PHE F 145 -5.27 -16.34 -46.20
CA PHE F 145 -5.62 -15.64 -44.98
C PHE F 145 -6.79 -16.36 -44.29
N LEU F 146 -7.70 -16.93 -45.08
CA LEU F 146 -8.78 -17.68 -44.46
C LEU F 146 -8.27 -18.96 -43.78
N LEU F 147 -7.19 -19.58 -44.32
CA LEU F 147 -6.59 -20.75 -43.67
C LEU F 147 -5.79 -20.39 -42.43
N MET F 148 -5.13 -19.23 -42.43
CA MET F 148 -4.41 -18.77 -41.24
C MET F 148 -5.39 -18.39 -40.15
N VAL F 149 -6.57 -17.90 -40.55
CA VAL F 149 -7.64 -17.68 -39.60
C VAL F 149 -8.18 -19.00 -39.11
N LEU F 150 -8.43 -19.95 -40.02
CA LEU F 150 -8.78 -21.30 -39.60
C LEU F 150 -7.76 -21.86 -38.62
N SER F 151 -6.48 -21.77 -38.98
CA SER F 151 -5.42 -22.31 -38.13
C SER F 151 -5.55 -21.80 -36.72
N SER F 152 -5.56 -20.48 -36.54
CA SER F 152 -5.63 -19.92 -35.21
C SER F 152 -6.93 -20.29 -34.52
N VAL F 153 -8.04 -20.22 -35.26
CA VAL F 153 -9.31 -20.60 -34.68
C VAL F 153 -9.27 -22.05 -34.25
N VAL F 154 -8.73 -22.93 -35.08
CA VAL F 154 -8.65 -24.31 -34.64
C VAL F 154 -7.72 -24.44 -33.43
N ALA F 155 -6.62 -23.68 -33.40
CA ALA F 155 -5.69 -23.76 -32.26
C ALA F 155 -6.31 -23.23 -30.96
N THR F 156 -7.10 -22.14 -31.02
CA THR F 156 -7.80 -21.72 -29.81
C THR F 156 -8.83 -22.76 -29.38
N TRP F 157 -9.64 -23.22 -30.35
CA TRP F 157 -10.64 -24.26 -30.07
C TRP F 157 -9.97 -25.42 -29.36
N GLY F 158 -8.67 -25.62 -29.59
CA GLY F 158 -7.93 -26.64 -28.88
C GLY F 158 -7.20 -26.09 -27.68
N ASP F 159 -7.87 -25.30 -26.82
CA ASP F 159 -7.23 -24.74 -25.64
C ASP F 159 -8.24 -24.31 -24.57
N GLN F 160 -7.72 -23.84 -23.42
CA GLN F 160 -8.51 -23.30 -22.31
C GLN F 160 -8.44 -21.79 -22.21
N GLN F 161 -7.30 -21.27 -21.80
CA GLN F 161 -7.18 -19.83 -21.68
C GLN F 161 -5.81 -19.37 -22.14
N PHE F 181 -14.55 -9.39 -20.26
CA PHE F 181 -14.14 -9.31 -21.66
C PHE F 181 -13.92 -7.85 -22.09
N ASN F 182 -14.98 -7.02 -21.94
CA ASN F 182 -15.18 -5.73 -22.65
C ASN F 182 -13.94 -4.88 -22.86
N PRO F 183 -13.09 -4.66 -21.87
CA PRO F 183 -11.89 -3.84 -22.10
C PRO F 183 -10.92 -4.44 -23.10
N GLY F 184 -10.76 -5.76 -23.07
CA GLY F 184 -9.78 -6.40 -23.94
C GLY F 184 -10.12 -6.29 -25.40
N TYR F 185 -11.41 -6.35 -25.72
CA TYR F 185 -11.77 -6.26 -27.12
C TYR F 185 -11.58 -4.84 -27.62
N PHE F 186 -11.71 -3.83 -26.76
CA PHE F 186 -11.36 -2.46 -27.18
C PHE F 186 -9.86 -2.36 -27.47
N TRP F 187 -9.02 -2.89 -26.56
CA TRP F 187 -7.58 -2.78 -26.75
C TRP F 187 -7.05 -3.60 -27.90
N MET F 188 -7.69 -4.73 -28.27
CA MET F 188 -7.34 -5.42 -29.53
C MET F 188 -7.74 -4.63 -30.77
N PHE F 189 -8.90 -3.98 -30.75
CA PHE F 189 -9.30 -3.27 -31.95
C PHE F 189 -8.32 -2.15 -32.28
N THR F 190 -7.84 -1.44 -31.25
CA THR F 190 -6.91 -0.34 -31.47
C THR F 190 -5.52 -0.84 -31.83
N ASN F 191 -5.21 -2.10 -31.50
CA ASN F 191 -3.94 -2.76 -31.87
C ASN F 191 -3.96 -3.14 -33.34
N CYS F 192 -5.13 -3.56 -33.83
CA CYS F 192 -5.27 -3.97 -35.22
C CYS F 192 -5.04 -2.81 -36.17
N ILE F 193 -5.56 -1.64 -35.83
CA ILE F 193 -5.38 -0.53 -36.75
C ILE F 193 -3.96 0.03 -36.63
N THR F 194 -3.38 0.12 -35.41
CA THR F 194 -2.03 0.67 -35.34
C THR F 194 -1.02 -0.32 -35.92
N SER F 195 -1.31 -1.63 -35.87
CA SER F 195 -0.42 -2.61 -36.49
C SER F 195 -0.47 -2.52 -38.00
N ALA F 196 -1.65 -2.24 -38.57
CA ALA F 196 -1.76 -2.05 -40.02
C ALA F 196 -1.23 -0.69 -40.44
N LEU F 197 -1.63 0.38 -39.75
CA LEU F 197 -1.09 1.70 -40.08
C LEU F 197 0.40 1.77 -39.87
N PHE F 198 0.93 0.97 -38.93
CA PHE F 198 2.37 0.99 -38.72
C PHE F 198 3.15 0.36 -39.88
N VAL F 199 2.85 -0.88 -40.23
CA VAL F 199 3.65 -1.49 -41.28
C VAL F 199 3.37 -0.89 -42.64
N LEU F 200 2.19 -0.31 -42.80
CA LEU F 200 1.78 0.27 -44.08
C LEU F 200 2.46 1.62 -44.29
N ILE F 201 2.39 2.50 -43.28
CA ILE F 201 2.94 3.84 -43.47
C ILE F 201 4.46 3.82 -43.49
N MET F 202 5.08 2.88 -42.78
CA MET F 202 6.55 2.74 -42.83
C MET F 202 7.01 2.34 -44.21
N ARG F 203 6.38 1.30 -44.76
CA ARG F 203 6.76 0.80 -46.07
C ARG F 203 6.59 1.88 -47.13
N LYS F 204 5.55 2.72 -46.98
CA LYS F 204 5.36 3.86 -47.88
C LYS F 204 6.54 4.81 -47.77
N ARG F 205 6.81 5.29 -46.55
CA ARG F 205 7.94 6.19 -46.35
C ARG F 205 9.28 5.51 -46.58
N ILE F 206 9.36 4.18 -46.52
CA ILE F 206 10.60 3.54 -46.94
C ILE F 206 10.79 3.70 -48.44
N LYS F 207 9.82 3.25 -49.23
CA LYS F 207 10.00 3.38 -50.67
C LYS F 207 9.98 4.84 -51.14
N LEU F 208 9.37 5.77 -50.40
CA LEU F 208 9.38 7.18 -50.83
C LEU F 208 10.76 7.82 -50.68
N THR F 209 11.45 7.57 -49.57
CA THR F 209 12.78 8.12 -49.36
C THR F 209 13.90 7.09 -49.58
N ASN F 210 13.66 6.05 -50.37
CA ASN F 210 14.67 5.04 -50.70
C ASN F 210 15.53 4.73 -49.47
N PHE F 211 14.86 4.45 -48.34
CA PHE F 211 15.57 4.09 -47.11
C PHE F 211 16.13 2.70 -47.29
N LYS F 212 17.42 2.55 -47.06
CA LYS F 212 18.00 1.23 -47.10
C LYS F 212 18.06 0.67 -45.69
N ASP F 213 18.16 -0.65 -45.58
CA ASP F 213 18.14 -1.31 -44.28
C ASP F 213 19.31 -0.79 -43.48
N PHE F 214 19.03 -0.16 -42.34
CA PHE F 214 20.04 0.46 -41.50
C PHE F 214 19.49 1.83 -41.16
N ASP F 215 19.07 2.54 -42.21
CA ASP F 215 18.32 3.79 -42.07
C ASP F 215 16.92 3.52 -41.54
N THR F 216 16.22 2.51 -42.09
CA THR F 216 14.96 2.09 -41.50
C THR F 216 15.20 1.63 -40.08
N MET F 217 16.31 0.92 -39.87
CA MET F 217 16.63 0.48 -38.53
C MET F 217 16.97 1.66 -37.64
N PHE F 218 17.88 2.53 -38.07
CA PHE F 218 18.32 3.63 -37.22
C PHE F 218 17.16 4.56 -36.86
N TYR F 219 16.35 4.95 -37.85
CA TYR F 219 15.23 5.86 -37.60
C TYR F 219 14.18 5.25 -36.68
N ASN F 220 13.99 3.93 -36.72
CA ASN F 220 13.05 3.32 -35.81
C ASN F 220 13.61 3.35 -34.38
N ASN F 221 14.89 3.01 -34.22
CA ASN F 221 15.46 2.89 -32.87
C ASN F 221 15.77 4.24 -32.20
N VAL F 222 16.25 5.23 -32.95
CA VAL F 222 16.52 6.55 -32.34
C VAL F 222 15.22 7.27 -32.02
N LEU F 223 14.33 7.40 -33.01
CA LEU F 223 13.08 8.12 -32.80
C LEU F 223 12.15 7.40 -31.83
N ALA F 224 12.45 6.15 -31.51
CA ALA F 224 11.67 5.41 -30.53
C ALA F 224 12.07 5.80 -29.10
N LEU F 225 13.35 6.05 -28.85
CA LEU F 225 13.77 6.44 -27.51
C LEU F 225 12.82 7.45 -26.88
N PRO F 226 12.44 8.56 -27.53
CA PRO F 226 11.60 9.54 -26.82
C PRO F 226 10.17 9.07 -26.58
N ILE F 227 9.53 8.42 -27.56
CA ILE F 227 8.15 8.00 -27.38
C ILE F 227 8.08 6.84 -26.40
N LEU F 228 9.15 6.02 -26.30
CA LEU F 228 9.19 4.98 -25.28
C LEU F 228 9.29 5.56 -23.87
N LEU F 229 10.09 6.63 -23.71
CA LEU F 229 10.22 7.26 -22.40
C LEU F 229 8.92 7.96 -22.00
N LEU F 230 8.24 8.55 -22.98
CA LEU F 230 6.94 9.15 -22.74
C LEU F 230 5.90 8.11 -22.37
N PHE F 231 5.98 6.91 -22.96
CA PHE F 231 5.04 5.84 -22.62
C PHE F 231 5.36 5.19 -21.28
N SER F 232 6.63 5.19 -20.87
CA SER F 232 6.96 4.63 -19.57
C SER F 232 6.44 5.51 -18.44
N PHE F 233 6.63 6.84 -18.54
CA PHE F 233 6.21 7.71 -17.45
C PHE F 233 4.69 7.77 -17.35
N CYS F 234 3.97 7.59 -18.47
CA CYS F 234 2.51 7.73 -18.50
C CYS F 234 1.79 6.54 -17.89
N VAL F 235 2.35 5.34 -18.00
CA VAL F 235 1.68 4.10 -17.62
C VAL F 235 2.38 3.41 -16.45
N GLU F 236 3.73 3.39 -16.45
CA GLU F 236 4.50 2.71 -15.43
C GLU F 236 4.63 3.57 -14.14
N ASP F 237 4.81 2.92 -12.97
CA ASP F 237 4.96 3.61 -11.68
C ASP F 237 6.42 3.77 -11.26
N TRP F 238 6.87 5.04 -11.13
CA TRP F 238 8.24 5.38 -10.78
C TRP F 238 8.32 5.74 -9.30
N SER F 239 8.92 4.86 -8.50
CA SER F 239 9.07 5.07 -7.06
C SER F 239 10.47 4.66 -6.65
N SER F 240 11.24 5.61 -6.10
CA SER F 240 12.64 5.35 -5.78
C SER F 240 12.77 4.34 -4.65
N VAL F 241 11.84 4.38 -3.68
CA VAL F 241 11.90 3.46 -2.53
C VAL F 241 11.52 2.04 -2.92
N ASN F 242 10.75 1.86 -4.01
CA ASN F 242 10.28 0.54 -4.42
C ASN F 242 10.91 0.09 -5.73
N LEU F 243 10.50 0.68 -6.86
CA LEU F 243 10.88 0.13 -8.14
C LEU F 243 12.35 0.38 -8.49
N THR F 244 13.05 1.22 -7.72
CA THR F 244 14.50 1.41 -7.89
C THR F 244 15.29 0.16 -7.49
N ASN F 245 14.81 -0.54 -6.45
CA ASN F 245 15.40 -1.80 -6.03
C ASN F 245 15.06 -2.97 -6.96
N ASN F 246 13.97 -2.88 -7.72
CA ASN F 246 13.55 -4.01 -8.55
C ASN F 246 14.45 -4.25 -9.75
N PHE F 247 15.07 -3.20 -10.31
CA PHE F 247 16.03 -3.36 -11.41
C PHE F 247 17.48 -3.21 -10.88
N SER F 248 18.12 -4.36 -10.63
CA SER F 248 19.43 -4.52 -10.01
C SER F 248 20.55 -4.70 -11.06
N ASN F 249 21.76 -5.05 -10.56
CA ASN F 249 22.90 -5.37 -11.43
C ASN F 249 22.64 -6.57 -12.35
N ASP F 250 21.89 -7.56 -11.87
CA ASP F 250 21.66 -8.75 -12.69
C ASP F 250 20.58 -8.56 -13.74
N SER F 251 19.48 -7.86 -13.39
CA SER F 251 18.44 -7.61 -14.37
C SER F 251 18.92 -6.68 -15.48
N LEU F 252 19.72 -5.68 -15.12
CA LEU F 252 20.27 -4.79 -16.15
C LEU F 252 21.11 -5.58 -17.14
N THR F 253 21.82 -6.59 -16.65
CA THR F 253 22.54 -7.47 -17.56
C THR F 253 21.57 -8.15 -18.52
N ALA F 254 20.36 -8.47 -18.02
CA ALA F 254 19.37 -9.11 -18.87
C ALA F 254 18.93 -8.22 -20.02
N MET F 255 18.79 -6.91 -19.80
CA MET F 255 18.24 -6.08 -20.86
C MET F 255 19.20 -5.90 -22.03
N ILE F 256 20.50 -5.91 -21.76
CA ILE F 256 21.48 -5.74 -22.83
C ILE F 256 21.62 -7.03 -23.60
N ILE F 257 21.52 -8.17 -22.91
CA ILE F 257 21.46 -9.45 -23.59
C ILE F 257 20.25 -9.47 -24.53
N SER F 258 19.08 -9.01 -24.07
CA SER F 258 17.93 -8.94 -24.96
C SER F 258 18.08 -7.85 -26.01
N GLY F 259 18.70 -6.73 -25.64
CA GLY F 259 18.96 -5.69 -26.62
C GLY F 259 19.91 -6.17 -27.69
N VAL F 260 20.92 -6.94 -27.28
CA VAL F 260 21.77 -7.55 -28.29
C VAL F 260 20.96 -8.55 -29.10
N ALA F 261 20.03 -9.26 -28.46
CA ALA F 261 19.17 -10.16 -29.21
C ALA F 261 18.27 -9.40 -30.16
N SER F 262 17.76 -8.25 -29.73
CA SER F 262 16.78 -7.52 -30.54
C SER F 262 17.41 -6.88 -31.77
N VAL F 263 18.74 -6.83 -31.85
CA VAL F 263 19.38 -6.24 -33.02
C VAL F 263 19.06 -7.03 -34.28
N GLY F 264 18.94 -8.34 -34.18
CA GLY F 264 18.56 -9.11 -35.35
C GLY F 264 17.21 -8.72 -35.93
N ILE F 265 16.15 -8.94 -35.14
CA ILE F 265 14.80 -8.66 -35.63
C ILE F 265 14.64 -7.19 -36.02
N SER F 266 15.36 -6.28 -35.39
CA SER F 266 15.24 -4.88 -35.76
C SER F 266 15.68 -4.66 -37.20
N TYR F 267 16.82 -5.22 -37.59
CA TYR F 267 17.31 -5.00 -38.95
C TYR F 267 16.44 -5.73 -39.95
N CYS F 268 16.08 -6.98 -39.65
CA CYS F 268 15.34 -7.87 -40.56
C CYS F 268 13.87 -7.50 -40.73
N SER F 269 13.24 -6.82 -39.76
CA SER F 269 11.87 -6.40 -40.00
C SER F 269 11.81 -5.40 -41.13
N GLY F 270 12.61 -4.32 -41.02
CA GLY F 270 12.63 -3.26 -42.02
C GLY F 270 13.23 -3.71 -43.33
N TRP F 271 14.07 -4.74 -43.28
CA TRP F 271 14.53 -5.33 -44.52
C TRP F 271 13.38 -6.10 -45.20
N CYS F 272 12.68 -6.93 -44.42
CA CYS F 272 11.59 -7.73 -44.99
C CYS F 272 10.51 -6.85 -45.59
N VAL F 273 9.95 -5.93 -44.79
CA VAL F 273 8.88 -5.10 -45.34
C VAL F 273 9.38 -4.38 -46.59
N ARG F 274 10.67 -4.04 -46.62
CA ARG F 274 11.22 -3.31 -47.77
C ARG F 274 11.28 -4.22 -49.00
N VAL F 275 11.97 -5.35 -48.90
CA VAL F 275 12.17 -6.16 -50.10
C VAL F 275 10.91 -6.94 -50.48
N THR F 276 10.10 -7.37 -49.51
CA THR F 276 8.87 -8.06 -49.89
C THR F 276 7.67 -7.14 -49.76
N SER F 277 6.82 -7.30 -48.76
CA SER F 277 5.66 -6.41 -48.65
C SER F 277 5.21 -6.32 -47.22
N SER F 278 4.29 -5.38 -46.97
CA SER F 278 3.70 -5.28 -45.65
C SER F 278 2.88 -6.51 -45.33
N THR F 279 2.28 -7.13 -46.35
CA THR F 279 1.46 -8.33 -46.19
C THR F 279 2.31 -9.58 -46.05
N THR F 280 3.40 -9.67 -46.84
CA THR F 280 4.38 -10.74 -46.68
C THR F 280 5.04 -10.70 -45.29
N TYR F 281 5.41 -9.51 -44.80
CA TYR F 281 5.95 -9.38 -43.44
C TYR F 281 4.94 -9.85 -42.42
N SER F 282 3.66 -9.58 -42.67
CA SER F 282 2.63 -9.94 -41.70
C SER F 282 2.38 -11.44 -41.68
N MET F 283 2.54 -12.10 -42.83
CA MET F 283 2.31 -13.53 -42.93
C MET F 283 3.45 -14.32 -42.29
N VAL F 284 4.69 -13.99 -42.67
CA VAL F 284 5.85 -14.67 -42.09
C VAL F 284 5.90 -14.49 -40.56
N GLY F 285 5.57 -13.30 -40.06
CA GLY F 285 5.57 -13.08 -38.61
C GLY F 285 4.57 -13.97 -37.88
N ALA F 286 3.39 -14.14 -38.47
CA ALA F 286 2.45 -15.10 -37.92
C ALA F 286 2.96 -16.53 -38.16
N LEU F 287 3.62 -16.77 -39.30
CA LEU F 287 4.14 -18.11 -39.57
C LEU F 287 5.27 -18.51 -38.62
N ASN F 288 6.12 -17.55 -38.19
CA ASN F 288 7.23 -17.82 -37.27
C ASN F 288 6.78 -18.55 -36.02
N LYS F 289 5.58 -18.23 -35.54
CA LYS F 289 5.11 -18.81 -34.29
C LYS F 289 4.94 -20.32 -34.42
N LEU F 290 4.65 -20.83 -35.65
CA LEU F 290 4.33 -22.25 -35.83
C LEU F 290 5.48 -23.23 -35.63
N PRO F 291 6.63 -23.08 -36.27
CA PRO F 291 7.72 -24.03 -36.03
C PRO F 291 8.20 -24.00 -34.61
N ILE F 292 8.19 -22.82 -33.97
CA ILE F 292 8.50 -22.74 -32.55
C ILE F 292 7.49 -23.54 -31.74
N ALA F 293 6.22 -23.46 -32.11
CA ALA F 293 5.22 -24.26 -31.44
C ALA F 293 5.46 -25.74 -31.70
N LEU F 294 5.93 -26.07 -32.91
CA LEU F 294 6.22 -27.45 -33.32
C LEU F 294 7.46 -27.97 -32.61
N SER F 295 8.44 -27.11 -32.35
CA SER F 295 9.57 -27.54 -31.53
C SER F 295 9.09 -27.87 -30.12
N GLY F 296 8.19 -27.05 -29.59
CA GLY F 296 7.64 -27.40 -28.29
C GLY F 296 6.95 -28.75 -28.30
N LEU F 297 6.47 -29.20 -29.47
CA LEU F 297 5.86 -30.51 -29.60
C LEU F 297 6.91 -31.60 -29.77
N ILE F 298 8.01 -31.32 -30.46
CA ILE F 298 9.06 -32.31 -30.64
C ILE F 298 10.03 -32.31 -29.47
N PHE F 299 10.61 -31.16 -29.14
CA PHE F 299 11.66 -31.17 -28.12
C PHE F 299 11.15 -31.34 -26.69
N PHE F 300 9.85 -31.46 -26.42
CA PHE F 300 9.37 -31.57 -25.04
C PHE F 300 8.21 -32.55 -24.93
N ASP F 301 8.09 -33.18 -23.73
CA ASP F 301 7.11 -34.23 -23.43
C ASP F 301 5.84 -33.73 -22.72
N ALA F 302 5.48 -32.46 -22.84
CA ALA F 302 4.23 -31.97 -22.28
C ALA F 302 3.03 -32.52 -23.05
N PRO F 303 1.86 -32.56 -22.42
CA PRO F 303 0.62 -33.00 -23.11
C PRO F 303 0.29 -32.16 -24.35
N ARG F 304 -0.20 -32.85 -25.39
CA ARG F 304 -0.50 -32.29 -26.71
C ARG F 304 -1.98 -32.48 -27.07
N ASN F 305 -2.48 -31.76 -28.11
CA ASN F 305 -3.86 -31.93 -28.58
C ASN F 305 -3.92 -32.08 -30.09
N PHE F 306 -4.84 -32.91 -30.56
CA PHE F 306 -4.98 -33.10 -32.00
C PHE F 306 -5.40 -31.80 -32.66
N LEU F 307 -6.27 -31.04 -32.01
CA LEU F 307 -6.67 -29.74 -32.56
C LEU F 307 -5.47 -28.80 -32.63
N SER F 308 -4.59 -28.86 -31.63
CA SER F 308 -3.39 -28.01 -31.64
C SER F 308 -2.40 -28.50 -32.68
N ILE F 309 -2.28 -29.82 -32.83
CA ILE F 309 -1.43 -30.38 -33.87
C ILE F 309 -1.99 -30.05 -35.23
N LEU F 310 -3.32 -30.13 -35.38
CA LEU F 310 -3.95 -29.70 -36.63
C LEU F 310 -3.66 -28.25 -36.97
N SER F 311 -3.94 -27.33 -36.03
CA SER F 311 -3.82 -25.92 -36.35
C SER F 311 -2.46 -25.64 -36.96
N ILE F 312 -1.43 -26.27 -36.40
CA ILE F 312 -0.06 -26.08 -36.88
C ILE F 312 0.05 -26.49 -38.35
N PHE F 313 -0.49 -27.65 -38.72
CA PHE F 313 -0.40 -28.01 -40.13
C PHE F 313 -1.41 -27.27 -40.97
N ILE F 314 -2.55 -26.87 -40.41
CA ILE F 314 -3.40 -25.95 -41.15
C ILE F 314 -2.61 -24.69 -41.42
N GLY F 315 -1.94 -24.18 -40.38
CA GLY F 315 -1.09 -23.00 -40.57
C GLY F 315 0.00 -23.20 -41.59
N PHE F 316 0.60 -24.40 -41.67
CA PHE F 316 1.62 -24.65 -42.69
C PHE F 316 0.99 -24.70 -44.07
N LEU F 317 -0.14 -25.37 -44.17
CA LEU F 317 -0.89 -25.31 -45.42
C LEU F 317 -1.13 -23.87 -45.77
N SER F 318 -1.26 -23.02 -44.77
CA SER F 318 -1.47 -21.61 -45.08
C SER F 318 -0.24 -21.01 -45.73
N GLY F 319 0.94 -21.28 -45.16
CA GLY F 319 2.14 -20.69 -45.73
C GLY F 319 2.39 -21.18 -47.14
N ILE F 320 2.15 -22.46 -47.39
CA ILE F 320 2.38 -23.00 -48.72
C ILE F 320 1.44 -22.39 -49.74
N ILE F 321 0.17 -22.26 -49.40
CA ILE F 321 -0.78 -21.69 -50.36
C ILE F 321 -0.39 -20.26 -50.71
N TYR F 322 0.21 -19.54 -49.75
CA TYR F 322 0.62 -18.15 -49.94
C TYR F 322 1.80 -18.03 -50.91
N ALA F 323 2.78 -18.94 -50.81
CA ALA F 323 3.94 -18.89 -51.69
C ALA F 323 3.55 -19.18 -53.13
N VAL F 324 2.63 -20.11 -53.33
CA VAL F 324 2.19 -20.37 -54.68
C VAL F 324 1.45 -19.15 -55.21
N ALA F 325 0.61 -18.57 -54.38
CA ALA F 325 -0.10 -17.38 -54.78
C ALA F 325 0.87 -16.29 -55.19
N LYS F 326 2.05 -16.25 -54.58
CA LYS F 326 3.03 -15.25 -55.02
C LYS F 326 3.61 -15.61 -56.39
N GLN F 327 3.95 -16.87 -56.61
CA GLN F 327 4.49 -17.27 -57.90
C GLN F 327 3.48 -17.02 -59.01
N LYS F 328 2.19 -17.29 -58.77
CA LYS F 328 1.21 -17.05 -59.81
C LYS F 328 1.02 -15.56 -60.10
N LYS F 329 1.29 -14.69 -59.11
CA LYS F 329 1.17 -13.24 -59.33
C LYS F 329 2.35 -12.71 -60.15
N GLN F 330 3.56 -13.16 -59.82
CA GLN F 330 4.74 -12.71 -60.55
C GLN F 330 4.66 -13.17 -61.98
N GLN F 331 4.22 -14.40 -62.19
CA GLN F 331 4.17 -14.97 -63.52
C GLN F 331 3.25 -14.16 -64.42
N ALA F 332 2.22 -13.53 -63.87
CA ALA F 332 1.31 -12.76 -64.73
C ALA F 332 1.99 -11.48 -65.24
N GLN F 333 2.32 -10.56 -64.35
CA GLN F 333 2.92 -9.30 -64.79
C GLN F 333 4.36 -9.15 -64.36
N ALA G 18 -28.47 -62.20 -26.95
CA ALA G 18 -29.49 -62.32 -25.92
C ALA G 18 -28.94 -62.89 -24.59
N ASN G 19 -28.19 -64.00 -24.67
CA ASN G 19 -27.64 -64.67 -23.49
C ASN G 19 -26.11 -64.78 -23.64
N SER G 20 -25.43 -63.77 -23.13
CA SER G 20 -23.98 -63.75 -23.08
C SER G 20 -23.57 -62.59 -22.19
N GLY G 21 -22.37 -62.71 -21.65
CA GLY G 21 -21.76 -61.63 -20.92
C GLY G 21 -21.96 -61.70 -19.42
N PRO G 22 -22.12 -60.53 -18.82
CA PRO G 22 -22.30 -60.45 -17.37
C PRO G 22 -23.71 -60.78 -16.95
N ILE G 23 -24.60 -61.00 -17.91
CA ILE G 23 -25.98 -61.30 -17.54
C ILE G 23 -26.03 -62.63 -16.81
N SER G 24 -25.17 -63.56 -17.21
CA SER G 24 -25.12 -64.88 -16.58
C SER G 24 -24.69 -64.79 -15.13
N ILE G 25 -23.78 -63.88 -14.82
CA ILE G 25 -23.29 -63.84 -13.45
C ILE G 25 -24.40 -63.40 -12.48
N LEU G 26 -25.23 -62.42 -12.88
CA LEU G 26 -26.41 -62.10 -12.07
C LEU G 26 -27.36 -63.27 -11.95
N SER G 27 -27.45 -64.10 -12.98
CA SER G 27 -28.33 -65.26 -12.87
C SER G 27 -27.79 -66.25 -11.86
N TYR G 28 -26.50 -66.56 -11.92
CA TYR G 28 -25.95 -67.53 -11.00
C TYR G 28 -26.12 -67.04 -9.56
N CYS G 29 -25.97 -65.73 -9.37
CA CYS G 29 -26.11 -65.19 -8.02
C CYS G 29 -27.53 -65.28 -7.54
N GLY G 30 -28.49 -64.81 -8.32
CA GLY G 30 -29.86 -64.94 -7.90
C GLY G 30 -30.18 -66.39 -7.59
N SER G 31 -29.80 -67.30 -8.48
CA SER G 31 -30.22 -68.69 -8.29
C SER G 31 -29.53 -69.32 -7.09
N SER G 32 -28.30 -68.90 -6.76
CA SER G 32 -27.69 -69.31 -5.49
C SER G 32 -28.48 -68.76 -4.31
N ILE G 33 -28.77 -67.46 -4.34
CA ILE G 33 -29.48 -66.84 -3.24
C ILE G 33 -30.87 -67.45 -3.10
N LEU G 34 -31.53 -67.69 -4.23
CA LEU G 34 -32.86 -68.27 -4.19
C LEU G 34 -32.83 -69.66 -3.62
N MET G 35 -31.76 -70.40 -3.92
CA MET G 35 -31.66 -71.75 -3.38
C MET G 35 -31.15 -71.75 -1.94
N THR G 36 -30.30 -70.81 -1.55
CA THR G 36 -29.88 -70.79 -0.16
C THR G 36 -31.09 -70.58 0.74
N VAL G 37 -31.95 -69.65 0.34
CA VAL G 37 -33.09 -69.24 1.16
C VAL G 37 -34.17 -70.31 1.20
N THR G 38 -34.43 -70.97 0.07
CA THR G 38 -35.42 -72.05 0.06
C THR G 38 -35.03 -73.20 0.99
N ASN G 39 -33.73 -73.50 1.10
CA ASN G 39 -33.30 -74.62 1.95
C ASN G 39 -33.34 -74.29 3.42
N LYS G 40 -33.20 -73.01 3.76
CA LYS G 40 -33.14 -72.63 5.17
C LYS G 40 -34.45 -72.07 5.67
N PHE G 41 -35.33 -71.64 4.78
CA PHE G 41 -36.62 -71.08 5.15
C PHE G 41 -37.80 -71.90 4.64
N VAL G 42 -37.93 -72.13 3.33
CA VAL G 42 -39.09 -72.87 2.83
C VAL G 42 -39.06 -74.32 3.29
N VAL G 43 -37.88 -74.94 3.24
CA VAL G 43 -37.70 -76.34 3.62
C VAL G 43 -37.03 -76.39 4.99
N ASN G 44 -37.83 -76.72 6.01
CA ASN G 44 -37.34 -76.77 7.37
C ASN G 44 -36.48 -78.00 7.57
N LEU G 45 -35.26 -77.77 8.05
CA LEU G 45 -34.27 -78.83 8.22
C LEU G 45 -34.08 -79.53 6.89
N LYS G 46 -33.14 -79.00 6.11
CA LYS G 46 -32.69 -79.60 4.87
C LYS G 46 -31.45 -80.48 5.10
N ASP G 47 -31.11 -80.75 6.37
CA ASP G 47 -30.02 -81.65 6.76
C ASP G 47 -30.51 -83.10 6.83
N PHE G 48 -30.74 -83.67 5.64
CA PHE G 48 -31.40 -84.96 5.43
C PHE G 48 -30.51 -86.14 5.84
N ASN G 49 -31.15 -87.30 6.03
CA ASN G 49 -30.42 -88.52 6.38
C ASN G 49 -29.61 -89.03 5.20
N MET G 50 -30.22 -89.07 4.02
CA MET G 50 -29.62 -89.60 2.80
C MET G 50 -29.41 -88.44 1.83
N ASN G 51 -28.22 -87.86 1.88
CA ASN G 51 -27.95 -86.67 1.09
C ASN G 51 -27.94 -86.98 -0.40
N PHE G 52 -27.40 -88.15 -0.78
CA PHE G 52 -27.28 -88.49 -2.20
C PHE G 52 -28.63 -88.78 -2.85
N VAL G 53 -29.65 -89.22 -2.09
CA VAL G 53 -30.98 -89.44 -2.68
C VAL G 53 -31.74 -88.12 -2.86
N MET G 54 -31.59 -87.20 -1.91
CA MET G 54 -32.13 -85.86 -2.13
C MET G 54 -31.54 -85.24 -3.39
N LEU G 55 -30.24 -85.43 -3.61
CA LEU G 55 -29.64 -84.92 -4.84
C LEU G 55 -30.09 -85.73 -6.05
N PHE G 56 -30.46 -86.99 -5.85
CA PHE G 56 -30.99 -87.77 -6.96
C PHE G 56 -32.36 -87.27 -7.37
N VAL G 57 -33.20 -86.88 -6.40
CA VAL G 57 -34.49 -86.31 -6.73
C VAL G 57 -34.31 -84.95 -7.38
N GLN G 58 -33.38 -84.14 -6.85
CA GLN G 58 -33.07 -82.81 -7.39
C GLN G 58 -32.69 -82.88 -8.86
N SER G 59 -31.85 -83.86 -9.25
CA SER G 59 -31.54 -84.06 -10.67
C SER G 59 -32.66 -84.72 -11.46
N LEU G 60 -33.51 -85.52 -10.80
CA LEU G 60 -34.68 -86.10 -11.47
C LEU G 60 -35.77 -85.06 -11.76
N VAL G 61 -35.93 -84.07 -10.87
CA VAL G 61 -36.83 -82.96 -11.17
C VAL G 61 -36.32 -82.15 -12.36
N CYS G 62 -35.02 -81.82 -12.34
CA CYS G 62 -34.40 -81.06 -13.42
C CYS G 62 -34.53 -81.81 -14.73
N THR G 63 -34.43 -83.14 -14.66
CA THR G 63 -34.60 -83.97 -15.84
C THR G 63 -36.02 -83.90 -16.39
N ILE G 64 -37.01 -84.17 -15.54
CA ILE G 64 -38.41 -84.16 -16.00
C ILE G 64 -38.76 -82.79 -16.55
N THR G 65 -38.38 -81.75 -15.82
CA THR G 65 -38.70 -80.39 -16.22
C THR G 65 -38.22 -80.10 -17.63
N LEU G 66 -37.02 -80.58 -17.98
CA LEU G 66 -36.48 -80.31 -19.31
C LEU G 66 -37.29 -81.00 -20.40
N ILE G 67 -37.74 -82.23 -20.16
CA ILE G 67 -38.49 -82.89 -21.21
C ILE G 67 -39.80 -82.14 -21.47
N ILE G 68 -40.47 -81.69 -20.39
CA ILE G 68 -41.70 -80.93 -20.57
C ILE G 68 -41.46 -79.67 -21.39
N LEU G 69 -40.35 -78.97 -21.12
CA LEU G 69 -40.05 -77.75 -21.88
C LEU G 69 -39.65 -78.07 -23.31
N ARG G 70 -39.06 -79.25 -23.53
CA ARG G 70 -38.67 -79.66 -24.87
C ARG G 70 -39.87 -79.76 -25.80
N ILE G 71 -40.99 -80.29 -25.30
CA ILE G 71 -42.19 -80.44 -26.10
C ILE G 71 -43.03 -79.16 -26.05
N LEU G 72 -42.51 -78.08 -25.45
CA LEU G 72 -43.17 -76.77 -25.46
C LEU G 72 -42.19 -75.61 -25.78
N GLY G 73 -41.87 -75.44 -27.07
CA GLY G 73 -40.99 -74.39 -27.53
C GLY G 73 -40.96 -74.17 -29.04
N PHE G 77 -35.44 -77.80 -26.85
CA PHE G 77 -34.19 -77.03 -26.83
C PHE G 77 -32.85 -77.80 -26.54
N ARG G 78 -32.92 -79.13 -26.34
CA ARG G 78 -31.79 -79.97 -25.91
C ARG G 78 -31.66 -81.24 -26.79
N SER G 79 -30.57 -82.01 -26.62
CA SER G 79 -30.32 -83.21 -27.45
C SER G 79 -29.87 -84.44 -26.64
N LEU G 80 -30.01 -85.63 -27.23
CA LEU G 80 -29.67 -86.88 -26.53
C LEU G 80 -28.81 -87.79 -27.41
N ASN G 81 -27.58 -88.13 -26.98
CA ASN G 81 -26.60 -88.87 -27.80
C ASN G 81 -26.08 -90.14 -27.16
N LYS G 82 -25.11 -90.71 -27.89
CA LYS G 82 -24.25 -91.83 -27.55
C LYS G 82 -22.77 -91.46 -27.58
N THR G 83 -22.34 -90.62 -28.53
CA THR G 83 -20.95 -90.13 -28.52
C THR G 83 -20.75 -89.02 -27.52
N ASP G 84 -21.69 -88.08 -27.43
CA ASP G 84 -21.58 -87.05 -26.40
C ASP G 84 -21.66 -87.65 -25.00
N ALA G 85 -22.42 -88.72 -24.85
CA ALA G 85 -22.55 -89.35 -23.54
C ALA G 85 -21.22 -89.94 -23.07
N LYS G 86 -20.49 -90.64 -23.94
CA LYS G 86 -19.22 -91.25 -23.57
C LYS G 86 -18.15 -90.20 -23.28
N ASN G 87 -18.35 -88.97 -23.74
CA ASN G 87 -17.45 -87.90 -23.36
C ASN G 87 -17.93 -87.12 -22.14
N TRP G 88 -19.22 -87.11 -21.85
CA TRP G 88 -19.70 -86.39 -20.68
C TRP G 88 -19.71 -87.23 -19.40
N PHE G 89 -19.71 -88.55 -19.51
CA PHE G 89 -19.83 -89.37 -18.32
C PHE G 89 -18.80 -89.00 -17.26
N PRO G 90 -17.54 -88.78 -17.61
CA PRO G 90 -16.57 -88.32 -16.60
C PRO G 90 -16.92 -86.99 -15.99
N ILE G 91 -17.52 -86.05 -16.75
CA ILE G 91 -17.90 -84.79 -16.12
C ILE G 91 -18.93 -85.04 -15.03
N SER G 92 -19.94 -85.86 -15.33
CA SER G 92 -20.94 -86.16 -14.32
C SER G 92 -20.34 -86.98 -13.19
N PHE G 93 -19.41 -87.87 -13.49
CA PHE G 93 -18.79 -88.60 -12.39
C PHE G 93 -17.93 -87.66 -11.53
N LEU G 94 -17.25 -86.71 -12.16
CA LEU G 94 -16.49 -85.73 -11.37
C LEU G 94 -17.42 -84.94 -10.47
N LEU G 95 -18.62 -84.63 -10.98
CA LEU G 95 -19.58 -83.79 -10.24
C LEU G 95 -20.04 -84.49 -8.98
N VAL G 96 -20.45 -85.75 -9.11
CA VAL G 96 -20.93 -86.54 -7.97
C VAL G 96 -19.81 -86.80 -6.98
N LEU G 97 -18.61 -87.12 -7.48
CA LEU G 97 -17.47 -87.24 -6.60
C LEU G 97 -17.14 -85.90 -5.95
N MET G 98 -17.28 -84.80 -6.70
CA MET G 98 -16.99 -83.49 -6.12
C MET G 98 -17.82 -83.26 -4.86
N ILE G 99 -19.11 -83.57 -4.92
CA ILE G 99 -19.97 -83.45 -3.75
C ILE G 99 -19.53 -84.45 -2.68
N TYR G 100 -19.14 -85.66 -3.10
CA TYR G 100 -18.80 -86.67 -2.11
C TYR G 100 -17.60 -86.22 -1.28
N THR G 101 -16.55 -85.70 -1.93
CA THR G 101 -15.41 -85.23 -1.15
C THR G 101 -15.78 -84.01 -0.30
N SER G 102 -16.61 -83.11 -0.82
CA SER G 102 -16.96 -81.93 -0.03
C SER G 102 -17.78 -82.33 1.18
N SER G 103 -18.66 -83.32 1.03
CA SER G 103 -19.41 -83.81 2.18
C SER G 103 -18.48 -84.48 3.20
N LYS G 104 -17.62 -85.40 2.74
CA LYS G 104 -16.67 -86.04 3.66
C LYS G 104 -15.64 -85.05 4.20
N ALA G 105 -15.24 -84.07 3.41
CA ALA G 105 -14.31 -83.06 3.91
C ALA G 105 -14.94 -82.21 5.00
N LEU G 106 -16.24 -81.92 4.86
CA LEU G 106 -16.95 -81.10 5.84
C LEU G 106 -17.29 -81.85 7.14
N GLN G 107 -17.21 -83.18 7.14
CA GLN G 107 -17.47 -83.91 8.38
C GLN G 107 -16.38 -83.62 9.41
N TYR G 108 -15.14 -83.43 8.94
CA TYR G 108 -13.98 -83.19 9.80
C TYR G 108 -13.47 -81.74 9.83
N LEU G 109 -13.85 -80.87 8.89
CA LEU G 109 -13.32 -79.51 8.86
C LEU G 109 -14.43 -78.46 9.01
N ALA G 110 -14.14 -77.40 9.79
CA ALA G 110 -15.08 -76.33 10.02
C ALA G 110 -15.31 -75.54 8.75
N VAL G 111 -16.53 -74.96 8.62
CA VAL G 111 -16.90 -74.27 7.37
C VAL G 111 -15.91 -73.18 7.05
N PRO G 112 -15.51 -72.30 7.96
CA PRO G 112 -14.53 -71.28 7.59
C PRO G 112 -13.25 -71.86 7.04
N ILE G 113 -12.76 -72.96 7.60
CA ILE G 113 -11.55 -73.57 7.03
C ILE G 113 -11.84 -74.15 5.66
N TYR G 114 -13.00 -74.79 5.51
CA TYR G 114 -13.39 -75.32 4.22
C TYR G 114 -13.30 -74.23 3.18
N THR G 115 -13.79 -73.04 3.55
CA THR G 115 -13.75 -71.90 2.64
C THR G 115 -12.33 -71.44 2.37
N ILE G 116 -11.45 -71.47 3.36
CA ILE G 116 -10.05 -71.14 3.06
C ILE G 116 -9.61 -71.91 1.82
N PHE G 117 -9.65 -73.24 1.92
CA PHE G 117 -9.23 -74.13 0.84
C PHE G 117 -10.12 -74.05 -0.39
N LYS G 118 -11.44 -73.87 -0.22
CA LYS G 118 -12.26 -73.74 -1.41
C LYS G 118 -11.87 -72.51 -2.17
N ASN G 119 -11.37 -71.50 -1.48
CA ASN G 119 -10.90 -70.34 -2.21
C ASN G 119 -9.54 -70.59 -2.83
N LEU G 120 -8.74 -71.48 -2.23
CA LEU G 120 -7.45 -71.78 -2.83
C LEU G 120 -7.58 -72.52 -4.15
N THR G 121 -8.68 -73.25 -4.35
CA THR G 121 -8.86 -73.90 -5.64
C THR G 121 -9.02 -72.89 -6.77
N ILE G 122 -9.61 -71.72 -6.50
CA ILE G 122 -9.70 -70.71 -7.54
C ILE G 122 -8.34 -70.46 -8.14
N ILE G 123 -7.28 -70.55 -7.35
CA ILE G 123 -5.94 -70.31 -7.89
C ILE G 123 -5.49 -71.40 -8.87
N LEU G 124 -5.58 -72.68 -8.47
CA LEU G 124 -5.18 -73.72 -9.43
C LEU G 124 -6.15 -73.80 -10.61
N ILE G 125 -7.44 -73.51 -10.40
CA ILE G 125 -8.33 -73.46 -11.53
C ILE G 125 -7.84 -72.41 -12.52
N ALA G 126 -7.43 -71.25 -12.02
CA ALA G 126 -6.86 -70.22 -12.88
C ALA G 126 -5.63 -70.72 -13.61
N TYR G 127 -4.71 -71.37 -12.90
CA TYR G 127 -3.53 -71.89 -13.57
C TYR G 127 -3.78 -73.21 -14.27
N GLY G 128 -4.92 -73.85 -14.01
CA GLY G 128 -5.33 -74.99 -14.81
C GLY G 128 -5.86 -74.53 -16.15
N GLU G 129 -6.57 -73.40 -16.17
CA GLU G 129 -7.04 -72.77 -17.39
C GLU G 129 -5.88 -72.34 -18.30
N VAL G 130 -4.69 -72.09 -17.73
CA VAL G 130 -3.52 -71.82 -18.56
C VAL G 130 -3.11 -73.08 -19.30
N LEU G 131 -3.17 -74.23 -18.64
CA LEU G 131 -2.83 -75.54 -19.17
C LEU G 131 -3.94 -76.20 -19.99
N PHE G 132 -5.14 -75.60 -20.04
CA PHE G 132 -6.28 -76.11 -20.79
C PHE G 132 -6.61 -75.31 -22.03
N PHE G 133 -6.44 -73.98 -22.01
CA PHE G 133 -6.79 -73.11 -23.14
C PHE G 133 -5.60 -72.22 -23.45
N GLY G 134 -5.00 -71.63 -22.43
CA GLY G 134 -3.82 -70.81 -22.65
C GLY G 134 -3.86 -69.44 -22.04
N GLY G 135 -5.06 -68.99 -21.66
CA GLY G 135 -5.17 -67.68 -21.09
C GLY G 135 -4.38 -67.56 -19.80
N SER G 136 -3.15 -67.04 -19.90
CA SER G 136 -2.26 -66.87 -18.75
C SER G 136 -2.92 -66.00 -17.66
N VAL G 137 -2.52 -66.22 -16.41
CA VAL G 137 -3.04 -65.49 -15.26
C VAL G 137 -2.38 -64.12 -15.20
N THR G 138 -3.16 -63.06 -15.28
CA THR G 138 -2.57 -61.72 -15.16
C THR G 138 -2.10 -61.49 -13.74
N SER G 139 -1.08 -60.64 -13.58
CA SER G 139 -0.63 -60.29 -12.24
C SER G 139 -1.76 -59.64 -11.45
N MET G 140 -2.62 -58.87 -12.11
CA MET G 140 -3.72 -58.22 -11.39
C MET G 140 -4.77 -59.23 -10.96
N GLU G 141 -4.99 -60.28 -11.76
CA GLU G 141 -5.91 -61.36 -11.39
C GLU G 141 -5.40 -62.09 -10.15
N LEU G 142 -4.09 -62.26 -10.09
CA LEU G 142 -3.49 -62.94 -8.96
C LEU G 142 -3.78 -62.20 -7.68
N SER G 143 -3.72 -60.86 -7.73
CA SER G 143 -3.97 -60.06 -6.52
C SER G 143 -5.34 -60.36 -5.94
N SER G 144 -6.31 -60.62 -6.83
CA SER G 144 -7.66 -60.96 -6.40
C SER G 144 -7.66 -62.23 -5.58
N PHE G 145 -7.01 -63.27 -6.07
CA PHE G 145 -7.04 -64.55 -5.39
C PHE G 145 -6.32 -64.44 -4.05
N LEU G 146 -5.27 -63.63 -3.96
CA LEU G 146 -4.65 -63.44 -2.67
C LEU G 146 -5.57 -62.69 -1.71
N LEU G 147 -6.40 -61.76 -2.23
CA LEU G 147 -7.37 -61.05 -1.40
C LEU G 147 -8.55 -61.93 -0.99
N MET G 148 -8.98 -62.83 -1.88
CA MET G 148 -10.05 -63.76 -1.52
C MET G 148 -9.56 -64.79 -0.52
N VAL G 149 -8.28 -65.15 -0.64
CA VAL G 149 -7.66 -66.00 0.35
C VAL G 149 -7.46 -65.25 1.65
N LEU G 150 -6.95 -64.01 1.58
CA LEU G 150 -6.91 -63.17 2.77
C LEU G 150 -8.26 -63.10 3.43
N SER G 151 -9.29 -62.78 2.65
CA SER G 151 -10.65 -62.60 3.19
C SER G 151 -11.05 -63.79 4.05
N SER G 152 -10.96 -65.00 3.49
CA SER G 152 -11.39 -66.19 4.22
C SER G 152 -10.54 -66.43 5.47
N VAL G 153 -9.23 -66.26 5.36
CA VAL G 153 -8.38 -66.44 6.53
C VAL G 153 -8.77 -65.47 7.63
N VAL G 154 -8.96 -64.21 7.28
CA VAL G 154 -9.39 -63.28 8.30
C VAL G 154 -10.74 -63.72 8.84
N ALA G 155 -11.61 -64.24 7.98
CA ALA G 155 -12.92 -64.68 8.44
C ALA G 155 -12.82 -65.90 9.35
N THR G 156 -11.92 -66.84 9.05
CA THR G 156 -11.71 -67.93 10.00
C THR G 156 -11.08 -67.41 11.27
N TRP G 157 -10.04 -66.60 11.10
CA TRP G 157 -9.40 -65.99 12.25
C TRP G 157 -10.44 -65.28 13.10
N GLY G 158 -11.58 -64.90 12.54
CA GLY G 158 -12.67 -64.40 13.34
C GLY G 158 -13.74 -65.44 13.63
N ASP G 159 -13.36 -66.65 14.06
CA ASP G 159 -14.33 -67.74 14.28
C ASP G 159 -13.78 -68.79 15.28
N GLN G 160 -14.62 -69.77 15.63
CA GLN G 160 -14.26 -70.89 16.49
C GLN G 160 -14.14 -72.22 15.71
N GLN G 161 -15.26 -72.79 15.31
CA GLN G 161 -15.19 -74.05 14.60
C GLN G 161 -16.18 -74.02 13.47
N ALA G 179 -4.20 -87.03 15.25
CA ALA G 179 -5.25 -88.02 15.48
C ALA G 179 -6.55 -87.65 14.76
N SER G 180 -6.99 -86.39 14.93
CA SER G 180 -8.32 -85.94 14.53
C SER G 180 -8.34 -85.07 13.27
N PHE G 181 -7.54 -84.01 13.19
CA PHE G 181 -7.47 -83.21 11.96
C PHE G 181 -7.37 -84.11 10.72
N ASN G 182 -6.54 -85.19 10.82
CA ASN G 182 -5.93 -85.90 9.69
C ASN G 182 -6.88 -86.38 8.61
N PRO G 183 -8.01 -87.02 8.93
CA PRO G 183 -8.90 -87.48 7.85
C PRO G 183 -9.47 -86.33 7.03
N GLY G 184 -9.78 -85.19 7.67
CA GLY G 184 -10.40 -84.07 6.97
C GLY G 184 -9.52 -83.45 5.92
N TYR G 185 -8.21 -83.38 6.18
CA TYR G 185 -7.33 -82.75 5.21
C TYR G 185 -7.17 -83.64 3.96
N PHE G 186 -7.28 -84.97 4.10
CA PHE G 186 -7.24 -85.80 2.90
C PHE G 186 -8.47 -85.54 2.04
N TRP G 187 -9.66 -85.52 2.65
CA TRP G 187 -10.86 -85.32 1.86
C TRP G 187 -10.95 -83.93 1.26
N MET G 188 -10.34 -82.90 1.87
CA MET G 188 -10.28 -81.62 1.17
C MET G 188 -9.35 -81.70 -0.03
N PHE G 189 -8.20 -82.36 0.12
CA PHE G 189 -7.27 -82.41 -0.99
C PHE G 189 -7.91 -83.11 -2.18
N THR G 190 -8.65 -84.17 -1.92
CA THR G 190 -9.29 -84.89 -3.01
C THR G 190 -10.52 -84.14 -3.53
N ASN G 191 -11.06 -83.20 -2.74
CA ASN G 191 -12.15 -82.33 -3.19
C ASN G 191 -11.63 -81.22 -4.09
N CYS G 192 -10.44 -80.68 -3.82
CA CYS G 192 -9.94 -79.59 -4.65
C CYS G 192 -9.66 -80.03 -6.09
N ILE G 193 -9.09 -81.22 -6.27
CA ILE G 193 -8.75 -81.61 -7.63
C ILE G 193 -10.01 -82.04 -8.38
N THR G 194 -10.96 -82.72 -7.74
CA THR G 194 -12.16 -83.07 -8.50
C THR G 194 -13.01 -81.84 -8.77
N SER G 195 -12.88 -80.80 -7.93
CA SER G 195 -13.59 -79.53 -8.19
C SER G 195 -12.97 -78.77 -9.35
N ALA G 196 -11.65 -78.81 -9.50
CA ALA G 196 -11.01 -78.16 -10.64
C ALA G 196 -11.21 -78.98 -11.91
N LEU G 197 -10.94 -80.30 -11.84
CA LEU G 197 -11.16 -81.18 -12.98
C LEU G 197 -12.62 -81.20 -13.38
N PHE G 198 -13.53 -80.87 -12.46
CA PHE G 198 -14.93 -80.83 -12.84
C PHE G 198 -15.26 -79.62 -13.73
N VAL G 199 -14.95 -78.40 -13.27
CA VAL G 199 -15.32 -77.23 -14.06
C VAL G 199 -14.40 -77.07 -15.25
N LEU G 200 -13.17 -77.59 -15.16
CA LEU G 200 -12.24 -77.40 -16.26
C LEU G 200 -12.63 -78.33 -17.40
N ILE G 201 -12.84 -79.60 -17.08
CA ILE G 201 -13.13 -80.57 -18.12
C ILE G 201 -14.54 -80.38 -18.68
N MET G 202 -15.47 -79.86 -17.88
CA MET G 202 -16.78 -79.52 -18.44
C MET G 202 -16.67 -78.39 -19.46
N ARG G 203 -16.00 -77.31 -19.09
CA ARG G 203 -15.86 -76.15 -19.97
C ARG G 203 -15.19 -76.52 -21.28
N LYS G 204 -14.23 -77.46 -21.24
CA LYS G 204 -13.56 -77.91 -22.45
C LYS G 204 -14.53 -78.62 -23.39
N ARG G 205 -15.20 -79.65 -22.88
CA ARG G 205 -16.16 -80.38 -23.70
C ARG G 205 -17.37 -79.52 -24.06
N ILE G 206 -17.64 -78.43 -23.32
CA ILE G 206 -18.67 -77.49 -23.77
C ILE G 206 -18.21 -76.79 -25.03
N LYS G 207 -17.09 -76.06 -24.95
CA LYS G 207 -16.61 -75.37 -26.13
C LYS G 207 -16.18 -76.31 -27.26
N LEU G 208 -15.86 -77.58 -26.97
CA LEU G 208 -15.54 -78.49 -28.08
C LEU G 208 -16.76 -78.87 -28.88
N THR G 209 -17.86 -79.25 -28.22
CA THR G 209 -19.08 -79.67 -28.92
C THR G 209 -20.17 -78.59 -28.90
N ASN G 210 -19.79 -77.32 -28.81
CA ASN G 210 -20.71 -76.20 -28.92
C ASN G 210 -22.01 -76.50 -28.14
N PHE G 211 -21.87 -76.97 -26.89
CA PHE G 211 -23.04 -77.24 -26.04
C PHE G 211 -23.68 -75.93 -25.63
N LYS G 212 -24.97 -75.80 -25.88
CA LYS G 212 -25.65 -74.61 -25.43
C LYS G 212 -26.34 -74.92 -24.11
N ASP G 213 -26.62 -73.87 -23.34
CA ASP G 213 -27.13 -73.99 -21.99
C ASP G 213 -28.49 -74.66 -22.09
N PHE G 214 -28.63 -75.88 -21.60
CA PHE G 214 -29.83 -76.73 -21.77
C PHE G 214 -29.31 -78.12 -22.07
N ASP G 215 -28.35 -78.21 -23.00
CA ASP G 215 -27.61 -79.45 -23.21
C ASP G 215 -26.64 -79.72 -22.04
N THR G 216 -25.89 -78.69 -21.64
CA THR G 216 -25.02 -78.84 -20.49
C THR G 216 -25.85 -79.16 -19.26
N MET G 217 -27.01 -78.52 -19.13
CA MET G 217 -27.89 -78.82 -18.01
C MET G 217 -28.46 -80.24 -18.12
N PHE G 218 -28.96 -80.61 -19.30
CA PHE G 218 -29.58 -81.93 -19.46
C PHE G 218 -28.58 -83.05 -19.21
N TYR G 219 -27.40 -82.97 -19.85
CA TYR G 219 -26.37 -84.00 -19.75
C TYR G 219 -25.79 -84.13 -18.34
N ASN G 220 -25.76 -83.04 -17.57
CA ASN G 220 -25.33 -83.14 -16.18
C ASN G 220 -26.38 -83.88 -15.35
N ASN G 221 -27.64 -83.50 -15.51
CA ASN G 221 -28.63 -84.08 -14.62
C ASN G 221 -28.92 -85.54 -14.95
N VAL G 222 -29.00 -85.87 -16.24
CA VAL G 222 -29.32 -87.25 -16.62
C VAL G 222 -28.14 -88.17 -16.34
N LEU G 223 -26.97 -87.83 -16.85
CA LEU G 223 -25.81 -88.69 -16.62
C LEU G 223 -25.42 -88.73 -15.17
N ALA G 224 -25.97 -87.83 -14.36
CA ALA G 224 -25.73 -87.87 -12.93
C ALA G 224 -26.62 -88.91 -12.24
N LEU G 225 -27.90 -89.03 -12.66
CA LEU G 225 -28.78 -89.99 -12.00
C LEU G 225 -28.08 -91.33 -11.73
N PRO G 226 -27.35 -91.93 -12.68
CA PRO G 226 -26.77 -93.25 -12.39
C PRO G 226 -25.68 -93.21 -11.33
N ILE G 227 -24.80 -92.22 -11.41
CA ILE G 227 -23.69 -92.10 -10.47
C ILE G 227 -24.19 -91.68 -9.10
N LEU G 228 -25.28 -90.91 -9.02
CA LEU G 228 -25.81 -90.56 -7.70
C LEU G 228 -26.34 -91.78 -6.98
N LEU G 229 -27.03 -92.68 -7.70
CA LEU G 229 -27.55 -93.88 -7.05
C LEU G 229 -26.41 -94.81 -6.64
N LEU G 230 -25.36 -94.86 -7.44
CA LEU G 230 -24.20 -95.67 -7.09
C LEU G 230 -23.52 -95.15 -5.84
N PHE G 231 -23.51 -93.82 -5.67
CA PHE G 231 -22.93 -93.24 -4.46
C PHE G 231 -23.85 -93.40 -3.26
N SER G 232 -25.17 -93.48 -3.45
CA SER G 232 -26.06 -93.67 -2.31
C SER G 232 -25.95 -95.09 -1.75
N PHE G 233 -25.96 -96.10 -2.64
CA PHE G 233 -25.94 -97.49 -2.15
C PHE G 233 -24.60 -97.86 -1.53
N CYS G 234 -23.51 -97.22 -1.95
CA CYS G 234 -22.17 -97.56 -1.49
C CYS G 234 -21.86 -96.98 -0.11
N VAL G 235 -22.43 -95.83 0.21
CA VAL G 235 -22.09 -95.08 1.42
C VAL G 235 -23.27 -95.03 2.40
N GLU G 236 -24.47 -94.73 1.91
CA GLU G 236 -25.64 -94.67 2.80
C GLU G 236 -26.19 -96.07 3.14
N ASP G 237 -26.85 -96.15 4.30
CA ASP G 237 -27.44 -97.40 4.80
C ASP G 237 -28.92 -97.51 4.48
N TRP G 238 -29.26 -98.54 3.70
CA TRP G 238 -30.61 -98.82 3.24
C TRP G 238 -31.20 -99.90 4.14
N SER G 239 -32.19 -99.52 4.96
CA SER G 239 -32.85 -100.47 5.86
C SER G 239 -34.34 -100.19 5.83
N SER G 240 -35.12 -101.22 5.46
CA SER G 240 -36.56 -101.04 5.32
C SER G 240 -37.23 -100.78 6.66
N VAL G 241 -36.72 -101.42 7.72
CA VAL G 241 -37.32 -101.28 9.05
C VAL G 241 -37.05 -99.91 9.66
N ASN G 242 -35.97 -99.26 9.26
CA ASN G 242 -35.59 -97.96 9.81
C ASN G 242 -35.69 -96.85 8.77
N LEU G 243 -34.79 -96.81 7.80
CA LEU G 243 -34.68 -95.62 6.96
C LEU G 243 -35.85 -95.48 6.00
N THR G 244 -36.70 -96.52 5.85
CA THR G 244 -37.92 -96.40 5.05
C THR G 244 -38.96 -95.50 5.73
N ASN G 245 -39.01 -95.52 7.06
CA ASN G 245 -39.88 -94.64 7.83
C ASN G 245 -39.38 -93.18 7.87
N ASN G 246 -38.09 -92.95 7.65
CA ASN G 246 -37.54 -91.60 7.79
C ASN G 246 -37.93 -90.64 6.66
N PHE G 247 -38.12 -91.12 5.42
CA PHE G 247 -38.56 -90.25 4.31
C PHE G 247 -40.07 -90.45 4.05
N SER G 248 -40.87 -89.54 4.62
CA SER G 248 -42.32 -89.59 4.63
C SER G 248 -42.95 -88.76 3.51
N ASN G 249 -44.29 -88.60 3.58
CA ASN G 249 -45.02 -87.75 2.64
C ASN G 249 -44.59 -86.28 2.73
N ASP G 250 -44.22 -85.81 3.92
CA ASP G 250 -43.85 -84.41 4.08
C ASP G 250 -42.42 -84.13 3.61
N SER G 251 -41.50 -85.05 3.90
CA SER G 251 -40.12 -84.87 3.45
C SER G 251 -40.00 -85.01 1.94
N LEU G 252 -40.74 -85.94 1.34
CA LEU G 252 -40.72 -86.08 -0.11
C LEU G 252 -41.18 -84.80 -0.76
N THR G 253 -42.18 -84.16 -0.17
CA THR G 253 -42.62 -82.88 -0.69
C THR G 253 -41.47 -81.88 -0.64
N ALA G 254 -40.64 -81.96 0.40
CA ALA G 254 -39.51 -81.04 0.51
C ALA G 254 -38.50 -81.23 -0.62
N MET G 255 -38.26 -82.48 -1.04
CA MET G 255 -37.21 -82.67 -2.05
C MET G 255 -37.63 -82.12 -3.40
N ILE G 256 -38.92 -82.11 -3.68
CA ILE G 256 -39.39 -81.53 -4.92
C ILE G 256 -39.37 -80.01 -4.83
N ILE G 257 -39.72 -79.48 -3.65
CA ILE G 257 -39.54 -78.04 -3.44
C ILE G 257 -38.07 -77.68 -3.63
N SER G 258 -37.16 -78.46 -3.06
CA SER G 258 -35.73 -78.17 -3.24
C SER G 258 -35.29 -78.41 -4.67
N GLY G 259 -35.88 -79.42 -5.33
CA GLY G 259 -35.55 -79.66 -6.72
C GLY G 259 -36.02 -78.54 -7.64
N VAL G 260 -37.21 -77.99 -7.37
CA VAL G 260 -37.65 -76.86 -8.18
C VAL G 260 -36.70 -75.69 -7.96
N ALA G 261 -36.20 -75.54 -6.74
CA ALA G 261 -35.23 -74.47 -6.51
C ALA G 261 -33.93 -74.71 -7.27
N SER G 262 -33.47 -75.98 -7.31
CA SER G 262 -32.17 -76.27 -7.91
C SER G 262 -32.18 -76.10 -9.42
N VAL G 263 -33.36 -75.98 -10.03
CA VAL G 263 -33.43 -75.76 -11.47
C VAL G 263 -32.74 -74.46 -11.84
N GLY G 264 -32.84 -73.44 -11.00
CA GLY G 264 -32.12 -72.20 -11.27
C GLY G 264 -30.61 -72.39 -11.37
N ILE G 265 -29.98 -72.79 -10.24
CA ILE G 265 -28.52 -72.95 -10.18
C ILE G 265 -28.03 -74.02 -11.17
N SER G 266 -28.85 -75.01 -11.50
CA SER G 266 -28.41 -76.00 -12.49
C SER G 266 -28.21 -75.37 -13.86
N TYR G 267 -29.15 -74.53 -14.29
CA TYR G 267 -29.04 -73.94 -15.63
C TYR G 267 -27.89 -72.95 -15.66
N CYS G 268 -27.81 -72.08 -14.65
CA CYS G 268 -26.88 -70.96 -14.58
C CYS G 268 -25.43 -71.36 -14.34
N SER G 269 -25.17 -72.54 -13.78
CA SER G 269 -23.78 -72.97 -13.67
C SER G 269 -23.18 -73.16 -15.05
N GLY G 270 -23.84 -74.00 -15.86
CA GLY G 270 -23.33 -74.29 -17.18
C GLY G 270 -23.40 -73.09 -18.08
N TRP G 271 -24.32 -72.19 -17.82
CA TRP G 271 -24.30 -70.96 -18.59
C TRP G 271 -23.09 -70.12 -18.19
N CYS G 272 -22.86 -69.95 -16.89
CA CYS G 272 -21.75 -69.11 -16.44
C CYS G 272 -20.41 -69.63 -16.95
N VAL G 273 -20.10 -70.89 -16.67
CA VAL G 273 -18.80 -71.39 -17.11
C VAL G 273 -18.63 -71.23 -18.63
N ARG G 274 -19.73 -71.34 -19.41
CA ARG G 274 -19.64 -71.28 -20.87
C ARG G 274 -19.24 -69.89 -21.37
N VAL G 275 -20.03 -68.87 -20.98
CA VAL G 275 -19.81 -67.53 -21.51
C VAL G 275 -18.62 -66.83 -20.84
N THR G 276 -18.37 -67.07 -19.55
CA THR G 276 -17.22 -66.43 -18.92
C THR G 276 -16.04 -67.40 -18.81
N SER G 277 -15.76 -67.99 -17.64
CA SER G 277 -14.65 -68.92 -17.60
C SER G 277 -14.83 -69.89 -16.44
N SER G 278 -13.94 -70.90 -16.39
CA SER G 278 -13.91 -71.83 -15.26
C SER G 278 -13.46 -71.14 -13.97
N THR G 279 -12.61 -70.12 -14.10
CA THR G 279 -12.16 -69.32 -12.96
C THR G 279 -13.18 -68.27 -12.57
N THR G 280 -13.82 -67.61 -13.52
CA THR G 280 -14.88 -66.67 -13.19
C THR G 280 -16.03 -67.36 -12.43
N TYR G 281 -16.40 -68.58 -12.84
CA TYR G 281 -17.43 -69.33 -12.12
C TYR G 281 -16.99 -69.64 -10.70
N SER G 282 -15.69 -69.95 -10.54
CA SER G 282 -15.13 -70.31 -9.25
C SER G 282 -15.07 -69.10 -8.32
N MET G 283 -14.89 -67.91 -8.90
CA MET G 283 -14.82 -66.66 -8.17
C MET G 283 -16.21 -66.17 -7.74
N VAL G 284 -17.14 -66.08 -8.70
CA VAL G 284 -18.50 -65.63 -8.37
C VAL G 284 -19.16 -66.57 -7.35
N GLY G 285 -18.93 -67.88 -7.46
CA GLY G 285 -19.49 -68.80 -6.48
C GLY G 285 -18.99 -68.50 -5.08
N ALA G 286 -17.71 -68.14 -4.99
CA ALA G 286 -17.14 -67.73 -3.72
C ALA G 286 -17.70 -66.38 -3.30
N LEU G 287 -17.94 -65.50 -4.27
CA LEU G 287 -18.46 -64.17 -3.95
C LEU G 287 -19.90 -64.26 -3.44
N ASN G 288 -20.71 -65.20 -3.98
CA ASN G 288 -22.11 -65.35 -3.59
C ASN G 288 -22.28 -65.46 -2.09
N LYS G 289 -21.35 -66.13 -1.41
CA LYS G 289 -21.51 -66.35 0.02
C LYS G 289 -21.46 -65.03 0.79
N LEU G 290 -20.73 -64.02 0.27
CA LEU G 290 -20.52 -62.77 1.02
C LEU G 290 -21.77 -61.96 1.26
N PRO G 291 -22.56 -61.61 0.24
CA PRO G 291 -23.80 -60.85 0.51
C PRO G 291 -24.76 -61.58 1.43
N ILE G 292 -24.85 -62.91 1.31
CA ILE G 292 -25.71 -63.70 2.20
C ILE G 292 -25.24 -63.56 3.64
N ALA G 293 -23.94 -63.59 3.86
CA ALA G 293 -23.41 -63.38 5.20
C ALA G 293 -23.67 -61.96 5.66
N LEU G 294 -23.57 -61.00 4.72
CA LEU G 294 -23.87 -59.60 4.98
C LEU G 294 -25.35 -59.40 5.24
N SER G 295 -26.21 -60.21 4.61
CA SER G 295 -27.61 -60.17 5.00
C SER G 295 -27.77 -60.63 6.44
N GLY G 296 -27.05 -61.69 6.81
CA GLY G 296 -27.12 -62.17 8.18
C GLY G 296 -26.66 -61.13 9.18
N LEU G 297 -25.77 -60.23 8.74
CA LEU G 297 -25.35 -59.15 9.62
C LEU G 297 -26.37 -58.01 9.62
N ILE G 298 -27.06 -57.76 8.50
CA ILE G 298 -28.08 -56.73 8.47
C ILE G 298 -29.45 -57.23 8.91
N PHE G 299 -29.98 -58.31 8.34
CA PHE G 299 -31.35 -58.70 8.68
C PHE G 299 -31.51 -59.40 10.02
N PHE G 300 -30.45 -59.62 10.80
CA PHE G 300 -30.55 -60.36 12.07
C PHE G 300 -29.67 -59.75 13.16
N ASP G 301 -30.12 -59.90 14.42
CA ASP G 301 -29.46 -59.35 15.61
C ASP G 301 -28.47 -60.30 16.27
N ALA G 302 -27.94 -61.28 15.53
CA ALA G 302 -26.94 -62.17 16.06
C ALA G 302 -25.62 -61.44 16.31
N PRO G 303 -24.82 -61.89 17.28
CA PRO G 303 -23.51 -61.29 17.53
C PRO G 303 -22.58 -61.38 16.33
N ARG G 304 -21.80 -60.30 16.12
CA ARG G 304 -20.93 -60.07 14.98
C ARG G 304 -19.48 -59.87 15.43
N ASN G 305 -18.50 -59.94 14.50
CA ASN G 305 -17.09 -59.67 14.82
C ASN G 305 -16.48 -58.74 13.78
N PHE G 306 -15.57 -57.87 14.22
CA PHE G 306 -14.89 -56.98 13.29
C PHE G 306 -14.06 -57.77 12.29
N LEU G 307 -13.45 -58.86 12.75
CA LEU G 307 -12.71 -59.74 11.85
C LEU G 307 -13.63 -60.37 10.80
N SER G 308 -14.89 -60.64 11.16
CA SER G 308 -15.88 -61.14 10.20
C SER G 308 -16.39 -60.04 9.27
N ILE G 309 -16.62 -58.86 9.83
CA ILE G 309 -17.06 -57.70 9.05
C ILE G 309 -15.98 -57.26 8.09
N LEU G 310 -14.74 -57.23 8.57
CA LEU G 310 -13.61 -56.92 7.69
C LEU G 310 -13.49 -57.95 6.56
N SER G 311 -13.52 -59.25 6.87
CA SER G 311 -13.33 -60.25 5.83
C SER G 311 -14.28 -60.01 4.67
N ILE G 312 -15.54 -59.64 4.98
CA ILE G 312 -16.56 -59.41 3.94
C ILE G 312 -16.16 -58.30 2.98
N PHE G 313 -15.70 -57.17 3.51
CA PHE G 313 -15.31 -56.12 2.58
C PHE G 313 -13.95 -56.43 1.96
N ILE G 314 -13.10 -57.18 2.68
CA ILE G 314 -11.88 -57.68 2.05
C ILE G 314 -12.30 -58.51 0.87
N GLY G 315 -13.30 -59.37 1.09
CA GLY G 315 -13.88 -60.14 0.00
C GLY G 315 -14.54 -59.30 -1.08
N PHE G 316 -15.19 -58.19 -0.69
CA PHE G 316 -15.75 -57.30 -1.72
C PHE G 316 -14.61 -56.60 -2.44
N LEU G 317 -13.61 -56.15 -1.71
CA LEU G 317 -12.43 -55.65 -2.38
C LEU G 317 -11.90 -56.69 -3.33
N SER G 318 -12.12 -57.96 -3.03
CA SER G 318 -11.60 -59.02 -3.90
C SER G 318 -12.32 -58.99 -5.25
N GLY G 319 -13.65 -58.97 -5.23
CA GLY G 319 -14.37 -59.01 -6.49
C GLY G 319 -14.07 -57.80 -7.35
N ILE G 320 -13.96 -56.63 -6.72
CA ILE G 320 -13.73 -55.40 -7.47
C ILE G 320 -12.40 -55.44 -8.21
N ILE G 321 -11.34 -55.89 -7.53
CA ILE G 321 -10.06 -55.97 -8.21
C ILE G 321 -10.12 -56.97 -9.36
N TYR G 322 -10.94 -58.04 -9.21
CA TYR G 322 -11.09 -59.04 -10.26
C TYR G 322 -11.77 -58.48 -11.50
N ALA G 323 -12.84 -57.69 -11.34
CA ALA G 323 -13.52 -57.12 -12.49
C ALA G 323 -12.59 -56.22 -13.27
N VAL G 324 -11.77 -55.44 -12.56
CA VAL G 324 -10.86 -54.55 -13.27
C VAL G 324 -9.83 -55.38 -14.01
N ALA G 325 -9.34 -56.45 -13.36
CA ALA G 325 -8.39 -57.31 -14.03
C ALA G 325 -8.99 -57.83 -15.32
N LYS G 326 -10.30 -58.13 -15.32
CA LYS G 326 -10.94 -58.60 -16.55
C LYS G 326 -11.04 -57.49 -17.58
N GLN G 327 -11.40 -56.28 -17.16
CA GLN G 327 -11.46 -55.17 -18.12
C GLN G 327 -10.09 -54.91 -18.73
N LYS G 328 -9.02 -55.01 -17.94
CA LYS G 328 -7.70 -54.78 -18.50
C LYS G 328 -7.26 -55.90 -19.44
N LYS G 329 -7.77 -57.13 -19.23
CA LYS G 329 -7.42 -58.22 -20.15
C LYS G 329 -8.09 -58.05 -21.50
N GLN G 330 -9.37 -57.64 -21.50
CA GLN G 330 -10.13 -57.49 -22.73
C GLN G 330 -9.61 -56.33 -23.57
N GLN G 331 -9.34 -55.19 -22.94
CA GLN G 331 -8.92 -54.03 -23.69
C GLN G 331 -7.56 -54.31 -24.35
N ALA G 332 -6.69 -55.06 -23.66
CA ALA G 332 -5.39 -55.35 -24.23
C ALA G 332 -5.49 -56.32 -25.39
N GLN G 333 -6.28 -57.38 -25.24
CA GLN G 333 -6.33 -58.39 -26.27
C GLN G 333 -7.64 -58.37 -27.03
N ALA H 18 32.55 60.92 27.20
CA ALA H 18 32.01 61.56 26.00
C ALA H 18 32.88 61.32 24.73
N ASN H 19 34.21 61.38 24.88
CA ASN H 19 35.15 61.18 23.78
C ASN H 19 36.13 60.03 24.09
N SER H 20 35.73 58.83 23.65
CA SER H 20 36.57 57.65 23.62
C SER H 20 35.86 56.57 22.82
N GLY H 21 36.69 55.65 22.30
CA GLY H 21 36.24 54.50 21.58
C GLY H 21 36.28 54.65 20.07
N PRO H 22 35.29 54.05 19.41
CA PRO H 22 35.27 54.11 17.94
C PRO H 22 34.80 55.45 17.42
N ILE H 23 34.35 56.34 18.29
CA ILE H 23 33.87 57.63 17.81
C ILE H 23 35.03 58.42 17.22
N SER H 24 36.23 58.23 17.79
CA SER H 24 37.42 58.91 17.29
C SER H 24 37.78 58.46 15.88
N ILE H 25 37.54 57.19 15.57
CA ILE H 25 37.90 56.70 14.25
C ILE H 25 37.02 57.34 13.18
N LEU H 26 35.71 57.47 13.43
CA LEU H 26 34.87 58.19 12.48
C LEU H 26 35.31 59.63 12.33
N SER H 27 35.78 60.25 13.40
CA SER H 27 36.25 61.62 13.26
C SER H 27 37.45 61.67 12.34
N TYR H 28 38.40 60.76 12.54
CA TYR H 28 39.61 60.81 11.73
C TYR H 28 39.25 60.64 10.26
N CYS H 29 38.28 59.77 9.98
CA CYS H 29 37.87 59.54 8.59
C CYS H 29 37.21 60.77 7.98
N GLY H 30 36.19 61.30 8.62
CA GLY H 30 35.59 62.50 8.08
C GLY H 30 36.65 63.57 7.85
N SER H 31 37.52 63.78 8.84
CA SER H 31 38.49 64.86 8.69
C SER H 31 39.51 64.53 7.60
N SER H 32 39.83 63.25 7.40
CA SER H 32 40.64 62.90 6.24
C SER H 32 39.88 63.20 4.95
N ILE H 33 38.65 62.71 4.87
CA ILE H 33 37.82 62.90 3.67
C ILE H 33 37.54 64.38 3.44
N LEU H 34 37.25 65.12 4.51
CA LEU H 34 37.00 66.55 4.35
C LEU H 34 38.25 67.25 3.88
N MET H 35 39.40 66.79 4.35
CA MET H 35 40.65 67.42 3.93
C MET H 35 41.08 66.96 2.54
N THR H 36 40.78 65.71 2.17
CA THR H 36 41.13 65.33 0.81
C THR H 36 40.38 66.17 -0.19
N VAL H 37 39.09 66.37 0.04
CA VAL H 37 38.20 67.04 -0.91
C VAL H 37 38.49 68.53 -1.00
N THR H 38 38.79 69.16 0.12
CA THR H 38 39.16 70.57 0.08
C THR H 38 40.40 70.79 -0.81
N ASN H 39 41.36 69.84 -0.78
CA ASN H 39 42.60 70.00 -1.54
C ASN H 39 42.45 69.77 -3.03
N LYS H 40 41.51 68.93 -3.45
CA LYS H 40 41.36 68.61 -4.86
C LYS H 40 40.22 69.37 -5.50
N PHE H 41 39.32 69.92 -4.70
CA PHE H 41 38.20 70.66 -5.26
C PHE H 41 38.21 72.14 -4.88
N VAL H 42 38.14 72.49 -3.58
CA VAL H 42 38.03 73.90 -3.21
C VAL H 42 39.29 74.68 -3.57
N VAL H 43 40.46 74.08 -3.35
CA VAL H 43 41.73 74.71 -3.67
C VAL H 43 42.29 74.10 -4.95
N ASN H 44 42.18 74.87 -6.04
CA ASN H 44 42.61 74.42 -7.36
C ASN H 44 44.13 74.42 -7.41
N LEU H 45 44.69 73.27 -7.76
CA LEU H 45 46.14 73.09 -7.78
C LEU H 45 46.69 73.43 -6.42
N LYS H 46 46.72 72.42 -5.57
CA LYS H 46 47.36 72.47 -4.27
C LYS H 46 48.79 71.97 -4.34
N ASP H 47 49.32 71.79 -5.56
CA ASP H 47 50.72 71.41 -5.82
C ASP H 47 51.60 72.67 -5.88
N PHE H 48 51.83 73.23 -4.69
CA PHE H 48 52.51 74.51 -4.47
C PHE H 48 54.03 74.41 -4.68
N ASN H 49 54.65 75.59 -4.84
CA ASN H 49 56.11 75.65 -5.01
C ASN H 49 56.85 75.32 -3.71
N MET H 50 56.39 75.88 -2.57
CA MET H 50 57.02 75.76 -1.24
C MET H 50 56.12 75.00 -0.27
N ASN H 51 56.36 73.70 -0.12
CA ASN H 51 55.47 72.84 0.64
C ASN H 51 55.53 73.13 2.15
N PHE H 52 56.74 73.34 2.71
CA PHE H 52 56.88 73.51 4.15
C PHE H 52 56.28 74.84 4.63
N VAL H 53 56.17 75.84 3.75
CA VAL H 53 55.54 77.08 4.16
C VAL H 53 54.02 76.94 4.20
N MET H 54 53.44 76.20 3.26
CA MET H 54 52.01 75.91 3.38
C MET H 54 51.70 75.17 4.67
N LEU H 55 52.54 74.19 5.03
CA LEU H 55 52.34 73.48 6.28
C LEU H 55 52.65 74.36 7.48
N PHE H 56 53.50 75.36 7.29
CA PHE H 56 53.77 76.27 8.38
C PHE H 56 52.55 77.16 8.66
N VAL H 57 51.82 77.54 7.60
CA VAL H 57 50.58 78.30 7.77
C VAL H 57 49.47 77.43 8.34
N GLN H 58 49.34 76.22 7.82
CA GLN H 58 48.33 75.25 8.28
C GLN H 58 48.47 75.04 9.76
N SER H 59 49.71 74.92 10.26
CA SER H 59 49.96 74.81 11.71
C SER H 59 49.76 76.13 12.43
N LEU H 60 49.96 77.25 11.74
CA LEU H 60 49.67 78.55 12.33
C LEU H 60 48.16 78.82 12.44
N VAL H 61 47.39 78.31 11.49
CA VAL H 61 45.93 78.38 11.61
C VAL H 61 45.46 77.57 12.82
N CYS H 62 45.99 76.36 12.98
CA CYS H 62 45.65 75.52 14.13
C CYS H 62 46.06 76.18 15.43
N THR H 63 47.20 76.86 15.44
CA THR H 63 47.66 77.55 16.64
C THR H 63 46.72 78.69 17.00
N ILE H 64 46.48 79.62 16.08
CA ILE H 64 45.58 80.74 16.37
C ILE H 64 44.19 80.24 16.72
N THR H 65 43.68 79.27 15.97
CA THR H 65 42.34 78.78 16.21
C THR H 65 42.17 78.35 17.67
N LEU H 66 43.18 77.66 18.21
CA LEU H 66 43.06 77.13 19.56
C LEU H 66 43.06 78.25 20.63
N ILE H 67 43.87 79.29 20.45
CA ILE H 67 43.92 80.32 21.49
C ILE H 67 42.59 81.06 21.58
N ILE H 68 41.95 81.32 20.43
CA ILE H 68 40.63 81.93 20.46
C ILE H 68 39.65 81.03 21.23
N LEU H 69 39.73 79.72 20.98
CA LEU H 69 38.85 78.81 21.68
C LEU H 69 39.22 78.71 23.13
N ARG H 70 40.50 78.94 23.47
CA ARG H 70 40.90 78.92 24.87
C ARG H 70 40.19 80.04 25.62
N ILE H 71 40.05 81.20 24.98
CA ILE H 71 39.40 82.33 25.64
C ILE H 71 37.89 82.30 25.46
N LEU H 72 37.32 81.21 24.89
CA LEU H 72 35.87 81.00 24.77
C LEU H 72 35.51 79.53 25.14
N GLY H 73 35.43 79.26 26.46
CA GLY H 73 35.10 77.92 26.94
C GLY H 73 34.79 77.88 28.45
N PHE H 77 40.89 75.18 27.18
CA PHE H 77 41.03 73.72 27.14
C PHE H 77 42.46 73.09 27.09
N ARG H 78 43.52 73.89 26.99
CA ARG H 78 44.89 73.42 26.77
C ARG H 78 45.89 74.12 27.74
N SER H 79 47.18 73.70 27.71
CA SER H 79 48.22 74.21 28.60
C SER H 79 49.52 74.54 27.86
N LEU H 80 50.40 75.35 28.48
CA LEU H 80 51.68 75.77 27.88
C LEU H 80 52.83 75.59 28.88
N ASN H 81 53.86 74.79 28.56
CA ASN H 81 54.93 74.46 29.54
C ASN H 81 56.34 74.75 29.08
N LYS H 82 57.26 74.31 29.95
CA LYS H 82 58.71 74.27 29.76
C LYS H 82 59.29 72.88 29.87
N THR H 83 58.75 72.03 30.77
CA THR H 83 59.17 70.63 30.86
C THR H 83 58.57 69.80 29.74
N ASP H 84 57.28 70.01 29.48
CA ASP H 84 56.62 69.31 28.38
C ASP H 84 57.24 69.66 27.04
N ALA H 85 57.73 70.89 26.91
CA ALA H 85 58.33 71.32 25.64
C ALA H 85 59.58 70.50 25.31
N LYS H 86 60.44 70.25 26.30
CA LYS H 86 61.68 69.50 26.11
C LYS H 86 61.41 68.01 25.89
N ASN H 87 60.24 67.52 26.23
CA ASN H 87 59.88 66.16 25.90
C ASN H 87 59.07 66.02 24.63
N TRP H 88 58.35 67.05 24.22
CA TRP H 88 57.58 66.96 22.98
C TRP H 88 58.35 67.37 21.72
N PHE H 89 59.42 68.14 21.87
CA PHE H 89 60.13 68.64 20.70
C PHE H 89 60.54 67.53 19.75
N PRO H 90 61.03 66.39 20.20
CA PRO H 90 61.33 65.31 19.26
C PRO H 90 60.09 64.83 18.53
N ILE H 91 58.93 64.83 19.18
CA ILE H 91 57.71 64.42 18.48
C ILE H 91 57.43 65.36 17.32
N SER H 92 57.52 66.67 17.55
CA SER H 92 57.32 67.64 16.47
C SER H 92 58.40 67.51 15.42
N PHE H 93 59.64 67.32 15.85
CA PHE H 93 60.70 67.15 14.89
C PHE H 93 60.54 65.85 14.10
N LEU H 94 60.11 64.78 14.75
CA LEU H 94 59.84 63.58 14.00
C LEU H 94 58.76 63.85 12.97
N LEU H 95 57.79 64.68 13.33
CA LEU H 95 56.63 64.93 12.47
C LEU H 95 57.06 65.63 11.20
N VAL H 96 57.82 66.71 11.35
CA VAL H 96 58.24 67.49 10.22
C VAL H 96 59.15 66.67 9.33
N LEU H 97 60.08 65.93 9.94
CA LEU H 97 60.93 65.01 9.20
C LEU H 97 60.14 63.89 8.54
N MET H 98 59.08 63.40 9.22
CA MET H 98 58.21 62.39 8.60
C MET H 98 57.65 62.89 7.28
N ILE H 99 57.21 64.14 7.27
CA ILE H 99 56.74 64.76 6.04
C ILE H 99 57.91 64.94 5.07
N TYR H 100 59.09 65.26 5.60
CA TYR H 100 60.22 65.50 4.72
C TYR H 100 60.60 64.21 4.00
N THR H 101 60.69 63.09 4.72
CA THR H 101 61.02 61.83 4.04
C THR H 101 59.91 61.40 3.10
N SER H 102 58.65 61.62 3.44
CA SER H 102 57.58 61.21 2.54
C SER H 102 57.57 62.05 1.26
N SER H 103 57.89 63.34 1.38
CA SER H 103 57.96 64.20 0.22
C SER H 103 59.10 63.79 -0.72
N LYS H 104 60.30 63.59 -0.17
CA LYS H 104 61.46 63.15 -0.96
C LYS H 104 61.29 61.73 -1.51
N ALA H 105 60.60 60.84 -0.79
CA ALA H 105 60.35 59.48 -1.28
C ALA H 105 59.42 59.47 -2.46
N LEU H 106 58.39 60.33 -2.44
CA LEU H 106 57.44 60.38 -3.54
C LEU H 106 58.03 61.02 -4.80
N GLN H 107 59.17 61.70 -4.66
CA GLN H 107 59.82 62.22 -5.86
C GLN H 107 60.31 61.08 -6.72
N TYR H 108 60.77 59.98 -6.09
CA TYR H 108 61.34 58.83 -6.78
C TYR H 108 60.50 57.54 -6.81
N LEU H 109 59.45 57.41 -6.02
CA LEU H 109 58.64 56.18 -6.04
C LEU H 109 57.17 56.45 -6.40
N ALA H 110 56.57 55.53 -7.18
CA ALA H 110 55.19 55.70 -7.60
C ALA H 110 54.25 55.57 -6.41
N VAL H 111 53.13 56.31 -6.48
CA VAL H 111 52.18 56.33 -5.36
C VAL H 111 51.70 54.92 -5.03
N PRO H 112 51.31 54.07 -5.99
CA PRO H 112 50.93 52.72 -5.61
C PRO H 112 52.05 52.01 -4.89
N ILE H 113 53.31 52.22 -5.31
CA ILE H 113 54.45 51.66 -4.61
C ILE H 113 54.67 52.35 -3.27
N TYR H 114 54.57 53.68 -3.23
CA TYR H 114 54.67 54.33 -1.93
C TYR H 114 53.75 53.69 -0.94
N THR H 115 52.54 53.35 -1.38
CA THR H 115 51.58 52.75 -0.46
C THR H 115 52.06 51.38 0.02
N ILE H 116 52.65 50.54 -0.84
CA ILE H 116 53.08 49.23 -0.35
C ILE H 116 53.84 49.38 0.97
N PHE H 117 54.96 50.11 0.94
CA PHE H 117 55.79 50.27 2.13
C PHE H 117 55.07 51.05 3.23
N LYS H 118 54.23 52.04 2.88
CA LYS H 118 53.48 52.72 3.93
C LYS H 118 52.57 51.74 4.62
N ASN H 119 52.13 50.70 3.90
CA ASN H 119 51.36 49.63 4.54
C ASN H 119 52.24 48.68 5.32
N LEU H 120 53.51 48.50 4.91
CA LEU H 120 54.40 47.62 5.65
C LEU H 120 54.83 48.25 6.98
N THR H 121 54.85 49.59 7.03
CA THR H 121 55.20 50.23 8.29
C THR H 121 54.20 49.88 9.39
N ILE H 122 52.94 49.63 9.03
CA ILE H 122 51.96 49.19 10.01
C ILE H 122 52.43 47.96 10.75
N ILE H 123 53.25 47.14 10.08
CA ILE H 123 53.80 45.89 10.68
C ILE H 123 54.78 46.27 11.79
N LEU H 124 55.77 47.11 11.47
CA LEU H 124 56.78 47.58 12.47
C LEU H 124 56.07 48.39 13.55
N ILE H 125 55.10 49.21 13.16
CA ILE H 125 54.32 50.04 14.13
C ILE H 125 53.55 49.11 15.07
N ALA H 126 52.92 48.08 14.51
CA ALA H 126 52.15 47.10 15.30
C ALA H 126 53.08 46.40 16.28
N TYR H 127 54.24 45.93 15.79
CA TYR H 127 55.24 45.23 16.63
C TYR H 127 55.92 46.25 17.54
N GLY H 128 56.20 47.44 17.03
CA GLY H 128 56.83 48.50 17.80
C GLY H 128 56.07 48.75 19.08
N GLU H 129 54.74 48.60 19.04
CA GLU H 129 53.89 48.69 20.23
C GLU H 129 54.16 47.58 21.25
N VAL H 130 54.69 46.43 20.84
CA VAL H 130 55.04 45.38 21.80
C VAL H 130 56.21 45.82 22.66
N LEU H 131 57.20 46.47 22.04
CA LEU H 131 58.42 46.95 22.66
C LEU H 131 58.26 48.27 23.43
N PHE H 132 57.09 48.91 23.36
CA PHE H 132 56.77 50.16 24.04
C PHE H 132 55.80 49.99 25.19
N PHE H 133 54.81 49.11 25.04
CA PHE H 133 53.77 48.92 26.02
C PHE H 133 53.66 47.44 26.33
N GLY H 134 53.62 46.60 25.30
CA GLY H 134 53.64 45.18 25.57
C GLY H 134 52.53 44.38 24.94
N GLY H 135 51.49 45.09 24.46
CA GLY H 135 50.34 44.42 23.88
C GLY H 135 50.73 43.60 22.67
N SER H 136 51.01 42.31 22.91
CA SER H 136 51.51 41.39 21.89
C SER H 136 50.60 41.34 20.67
N VAL H 137 51.21 41.12 19.50
CA VAL H 137 50.48 41.10 18.24
C VAL H 137 49.75 39.79 18.12
N THR H 138 48.42 39.84 18.07
CA THR H 138 47.70 38.58 17.92
C THR H 138 47.98 37.99 16.55
N SER H 139 47.85 36.68 16.46
CA SER H 139 47.99 36.04 15.16
C SER H 139 46.95 36.55 14.19
N MET H 140 45.74 36.87 14.69
CA MET H 140 44.66 37.39 13.84
C MET H 140 44.97 38.82 13.38
N GLU H 141 45.62 39.61 14.24
CA GLU H 141 46.05 40.95 13.82
C GLU H 141 47.06 40.84 12.70
N LEU H 142 47.96 39.88 12.82
CA LEU H 142 48.97 39.67 11.80
C LEU H 142 48.32 39.38 10.47
N SER H 143 47.18 38.66 10.49
CA SER H 143 46.45 38.36 9.26
C SER H 143 46.00 39.63 8.57
N SER H 144 45.56 40.61 9.36
CA SER H 144 45.11 41.89 8.81
C SER H 144 46.23 42.58 8.06
N PHE H 145 47.40 42.67 8.70
CA PHE H 145 48.50 43.38 8.08
C PHE H 145 48.94 42.69 6.79
N LEU H 146 48.88 41.37 6.74
CA LEU H 146 49.24 40.70 5.50
C LEU H 146 48.22 40.99 4.40
N LEU H 147 46.94 41.16 4.76
CA LEU H 147 45.92 41.51 3.76
C LEU H 147 46.06 42.93 3.25
N MET H 148 46.48 43.88 4.10
CA MET H 148 46.70 45.22 3.59
C MET H 148 47.92 45.27 2.68
N VAL H 149 48.93 44.45 2.97
CA VAL H 149 50.05 44.29 2.05
C VAL H 149 49.58 43.57 0.79
N LEU H 150 48.80 42.49 0.95
CA LEU H 150 48.18 41.91 -0.24
C LEU H 150 47.43 42.97 -1.02
N SER H 151 46.51 43.67 -0.35
CA SER H 151 45.69 44.63 -1.05
C SER H 151 46.55 45.57 -1.87
N SER H 152 47.51 46.23 -1.22
CA SER H 152 48.32 47.22 -1.95
C SER H 152 49.11 46.56 -3.06
N VAL H 153 49.73 45.42 -2.78
CA VAL H 153 50.51 44.79 -3.83
C VAL H 153 49.61 44.48 -5.01
N VAL H 154 48.39 44.02 -4.74
CA VAL H 154 47.45 43.82 -5.84
C VAL H 154 47.15 45.13 -6.54
N ALA H 155 47.04 46.23 -5.77
CA ALA H 155 46.77 47.54 -6.36
C ALA H 155 47.91 48.03 -7.25
N THR H 156 49.17 47.83 -6.82
CA THR H 156 50.28 48.18 -7.71
C THR H 156 50.27 47.35 -8.97
N TRP H 157 50.08 46.04 -8.82
CA TRP H 157 50.04 45.16 -9.98
C TRP H 157 48.99 45.66 -10.96
N GLY H 158 47.98 46.38 -10.47
CA GLY H 158 47.04 46.97 -11.39
C GLY H 158 47.40 48.40 -11.75
N ASP H 159 48.68 48.68 -12.05
CA ASP H 159 49.05 50.06 -12.35
C ASP H 159 50.35 50.12 -13.18
N GLN H 160 50.67 51.36 -13.58
CA GLN H 160 51.87 51.69 -14.35
C GLN H 160 52.89 52.44 -13.51
N GLN H 161 52.63 53.72 -13.22
CA GLN H 161 53.54 54.49 -12.42
C GLN H 161 52.68 55.36 -11.54
N PHE H 181 65.71 54.30 -9.65
CA PHE H 181 65.18 53.66 -8.44
C PHE H 181 65.91 54.19 -7.20
N ASN H 182 67.23 53.93 -7.16
CA ASN H 182 68.04 53.85 -5.93
C ASN H 182 67.82 54.96 -4.92
N PRO H 183 67.74 56.23 -5.30
CA PRO H 183 67.54 57.28 -4.30
C PRO H 183 66.20 57.15 -3.58
N GLY H 184 65.15 56.76 -4.31
CA GLY H 184 63.83 56.69 -3.72
C GLY H 184 63.70 55.63 -2.64
N TYR H 185 64.36 54.49 -2.83
CA TYR H 185 64.22 53.46 -1.83
C TYR H 185 64.93 53.88 -0.53
N PHE H 186 65.93 54.77 -0.62
CA PHE H 186 66.57 55.26 0.61
C PHE H 186 65.58 56.10 1.42
N TRP H 187 64.87 57.01 0.74
CA TRP H 187 63.95 57.92 1.41
C TRP H 187 62.69 57.23 1.96
N MET H 188 62.23 56.12 1.35
CA MET H 188 61.14 55.32 1.95
C MET H 188 61.58 54.61 3.22
N PHE H 189 62.81 54.10 3.26
CA PHE H 189 63.22 53.42 4.47
C PHE H 189 63.26 54.36 5.67
N THR H 190 63.79 55.56 5.47
CA THR H 190 63.89 56.50 6.57
C THR H 190 62.54 57.12 6.92
N ASN H 191 61.58 57.15 6.00
CA ASN H 191 60.23 57.60 6.30
C ASN H 191 59.51 56.58 7.17
N CYS H 192 59.81 55.30 6.95
CA CYS H 192 59.18 54.28 7.73
C CYS H 192 59.56 54.38 9.18
N ILE H 193 60.84 54.65 9.47
CA ILE H 193 61.22 54.65 10.87
C ILE H 193 60.73 55.94 11.54
N THR H 194 60.80 57.09 10.85
CA THR H 194 60.27 58.27 11.51
C THR H 194 58.75 58.21 11.59
N SER H 195 58.08 57.48 10.69
CA SER H 195 56.62 57.34 10.82
C SER H 195 56.25 56.56 12.06
N ALA H 196 57.04 55.53 12.39
CA ALA H 196 56.84 54.70 13.59
C ALA H 196 57.31 55.42 14.85
N LEU H 197 58.52 56.00 14.80
CA LEU H 197 59.03 56.75 15.93
C LEU H 197 58.12 57.92 16.24
N PHE H 198 57.41 58.41 15.24
CA PHE H 198 56.50 59.51 15.50
C PHE H 198 55.25 59.05 16.24
N VAL H 199 54.50 58.09 15.70
CA VAL H 199 53.24 57.73 16.33
C VAL H 199 53.44 56.99 17.63
N LEU H 200 54.58 56.28 17.76
CA LEU H 200 54.86 55.48 18.94
C LEU H 200 55.35 56.37 20.07
N ILE H 201 56.31 57.25 19.76
CA ILE H 201 56.83 58.10 20.82
C ILE H 201 55.81 59.15 21.22
N MET H 202 54.93 59.56 20.31
CA MET H 202 53.83 60.47 20.67
C MET H 202 52.85 59.82 21.64
N ARG H 203 52.38 58.62 21.32
CA ARG H 203 51.41 57.90 22.15
C ARG H 203 51.95 57.64 23.55
N LYS H 204 53.27 57.37 23.67
CA LYS H 204 53.92 57.17 24.95
C LYS H 204 53.88 58.43 25.81
N ARG H 205 54.42 59.54 25.30
CA ARG H 205 54.38 60.78 26.04
C ARG H 205 52.96 61.30 26.20
N ILE H 206 52.01 60.85 25.39
CA ILE H 206 50.62 61.19 25.67
C ILE H 206 50.16 60.50 26.94
N LYS H 207 50.25 59.16 26.96
CA LYS H 207 49.84 58.43 28.14
C LYS H 207 50.73 58.69 29.37
N LEU H 208 51.97 59.17 29.19
CA LEU H 208 52.79 59.54 30.36
C LEU H 208 52.32 60.84 31.01
N THR H 209 52.08 61.88 30.21
CA THR H 209 51.68 63.20 30.73
C THR H 209 50.17 63.45 30.61
N ASN H 210 49.35 62.41 30.61
CA ASN H 210 47.89 62.51 30.58
C ASN H 210 47.45 63.68 29.69
N PHE H 211 48.02 63.78 28.48
CA PHE H 211 47.68 64.82 27.53
C PHE H 211 46.28 64.54 27.01
N LYS H 212 45.39 65.51 27.08
CA LYS H 212 44.08 65.35 26.47
C LYS H 212 44.09 66.01 25.09
N ASP H 213 43.16 65.60 24.24
CA ASP H 213 43.09 66.06 22.86
C ASP H 213 42.83 67.56 22.84
N PHE H 214 43.78 68.33 22.32
CA PHE H 214 43.80 69.80 22.36
C PHE H 214 45.20 70.21 22.79
N ASP H 215 45.69 69.54 23.84
CA ASP H 215 47.11 69.62 24.21
C ASP H 215 47.98 68.86 23.22
N THR H 216 47.58 67.64 22.83
CA THR H 216 48.33 66.96 21.78
C THR H 216 48.28 67.79 20.51
N MET H 217 47.12 68.39 20.24
CA MET H 217 46.97 69.24 19.05
C MET H 217 47.81 70.51 19.17
N PHE H 218 47.70 71.22 20.29
CA PHE H 218 48.40 72.50 20.41
C PHE H 218 49.92 72.30 20.38
N TYR H 219 50.43 71.33 21.14
CA TYR H 219 51.88 71.09 21.21
C TYR H 219 52.46 70.65 19.88
N ASN H 220 51.67 69.95 19.06
CA ASN H 220 52.14 69.58 17.73
C ASN H 220 52.18 70.79 16.81
N ASN H 221 51.14 71.62 16.84
CA ASN H 221 51.10 72.74 15.92
C ASN H 221 52.10 73.84 16.29
N VAL H 222 52.29 74.09 17.58
CA VAL H 222 53.21 75.15 18.02
C VAL H 222 54.67 74.74 17.81
N LEU H 223 55.08 73.62 18.41
CA LEU H 223 56.48 73.21 18.31
C LEU H 223 56.87 72.83 16.91
N ALA H 224 55.87 72.63 16.03
CA ALA H 224 56.12 72.37 14.62
C ALA H 224 56.49 73.64 13.89
N LEU H 225 55.81 74.77 14.20
CA LEU H 225 56.17 76.03 13.56
C LEU H 225 57.67 76.23 13.44
N PRO H 226 58.47 76.06 14.50
CA PRO H 226 59.91 76.32 14.36
C PRO H 226 60.64 75.30 13.48
N ILE H 227 60.31 74.02 13.63
CA ILE H 227 60.96 73.00 12.83
C ILE H 227 60.48 73.05 11.38
N LEU H 228 59.25 73.54 11.15
CA LEU H 228 58.78 73.74 9.78
C LEU H 228 59.57 74.83 9.06
N LEU H 229 59.88 75.93 9.77
CA LEU H 229 60.67 76.99 9.15
C LEU H 229 62.11 76.58 8.92
N LEU H 230 62.67 75.77 9.80
CA LEU H 230 64.02 75.26 9.60
C LEU H 230 64.09 74.37 8.36
N PHE H 231 63.04 73.59 8.11
CA PHE H 231 63.01 72.73 6.95
C PHE H 231 62.77 73.51 5.66
N SER H 232 62.04 74.63 5.71
CA SER H 232 61.82 75.40 4.50
C SER H 232 63.10 76.12 4.06
N PHE H 233 63.82 76.76 4.98
CA PHE H 233 65.01 77.48 4.58
C PHE H 233 66.11 76.55 4.09
N CYS H 234 66.15 75.31 4.60
CA CYS H 234 67.23 74.41 4.25
C CYS H 234 67.03 73.77 2.88
N VAL H 235 65.79 73.61 2.45
CA VAL H 235 65.45 72.82 1.26
C VAL H 235 64.89 73.70 0.12
N GLU H 236 63.98 74.63 0.43
CA GLU H 236 63.41 75.49 -0.61
C GLU H 236 64.33 76.65 -1.00
N ASP H 237 64.16 77.14 -2.23
CA ASP H 237 64.92 78.27 -2.76
C ASP H 237 64.14 79.57 -2.59
N TRP H 238 64.70 80.48 -1.77
CA TRP H 238 64.09 81.76 -1.42
C TRP H 238 64.74 82.83 -2.29
N SER H 239 63.98 83.35 -3.28
CA SER H 239 64.47 84.37 -4.19
C SER H 239 63.38 85.41 -4.36
N SER H 240 63.66 86.65 -3.93
CA SER H 240 62.63 87.68 -3.91
C SER H 240 62.18 88.03 -5.30
N VAL H 241 63.12 88.01 -6.26
CA VAL H 241 62.76 88.35 -7.62
C VAL H 241 61.90 87.25 -8.23
N ASN H 242 61.99 86.03 -7.70
CA ASN H 242 61.26 84.94 -8.30
C ASN H 242 60.12 84.42 -7.43
N LEU H 243 60.48 83.70 -6.38
CA LEU H 243 59.46 82.95 -5.66
C LEU H 243 58.53 83.85 -4.87
N THR H 244 58.88 85.14 -4.74
CA THR H 244 58.01 86.13 -4.10
C THR H 244 56.75 86.41 -4.90
N ASN H 245 56.88 86.41 -6.24
CA ASN H 245 55.74 86.57 -7.13
C ASN H 245 54.86 85.33 -7.20
N ASN H 246 55.40 84.15 -6.89
CA ASN H 246 54.62 82.94 -7.06
C ASN H 246 53.50 82.82 -6.02
N PHE H 247 53.70 83.31 -4.81
CA PHE H 247 52.63 83.29 -3.81
C PHE H 247 52.00 84.67 -3.69
N SER H 248 50.87 84.83 -4.39
CA SER H 248 50.10 86.05 -4.55
C SER H 248 48.95 86.13 -3.53
N ASN H 249 48.06 87.13 -3.71
CA ASN H 249 46.87 87.28 -2.88
C ASN H 249 45.92 86.07 -2.99
N ASP H 250 45.86 85.43 -4.16
CA ASP H 250 44.94 84.32 -4.37
C ASP H 250 45.47 83.02 -3.78
N SER H 251 46.78 82.77 -3.91
CA SER H 251 47.38 81.57 -3.34
C SER H 251 47.40 81.62 -1.81
N LEU H 252 47.63 82.79 -1.24
CA LEU H 252 47.57 82.92 0.22
C LEU H 252 46.19 82.58 0.72
N THR H 253 45.15 82.96 -0.04
CA THR H 253 43.80 82.60 0.35
C THR H 253 43.65 81.08 0.43
N ALA H 254 44.35 80.36 -0.45
CA ALA H 254 44.27 78.90 -0.42
C ALA H 254 44.85 78.29 0.87
N MET H 255 45.93 78.85 1.40
CA MET H 255 46.57 78.19 2.55
C MET H 255 45.72 78.28 3.81
N ILE H 256 44.91 79.32 3.94
CA ILE H 256 44.06 79.43 5.12
C ILE H 256 42.85 78.51 5.01
N ILE H 257 42.30 78.40 3.80
CA ILE H 257 41.23 77.43 3.58
C ILE H 257 41.75 76.04 3.92
N SER H 258 42.97 75.72 3.45
CA SER H 258 43.55 74.42 3.78
C SER H 258 43.90 74.34 5.24
N GLY H 259 44.34 75.44 5.84
CA GLY H 259 44.59 75.43 7.27
C GLY H 259 43.31 75.21 8.04
N VAL H 260 42.23 75.85 7.60
CA VAL H 260 40.96 75.58 8.24
C VAL H 260 40.59 74.13 8.03
N ALA H 261 40.91 73.58 6.85
CA ALA H 261 40.62 72.17 6.61
C ALA H 261 41.42 71.28 7.54
N SER H 262 42.69 71.63 7.78
CA SER H 262 43.60 70.80 8.55
C SER H 262 43.30 70.78 10.04
N VAL H 263 42.49 71.71 10.56
CA VAL H 263 42.12 71.63 11.97
C VAL H 263 41.33 70.35 12.21
N GLY H 264 40.58 69.90 11.22
CA GLY H 264 39.89 68.64 11.40
C GLY H 264 40.85 67.51 11.72
N ILE H 265 41.73 67.16 10.77
CA ILE H 265 42.65 66.05 10.97
C ILE H 265 43.62 66.29 12.14
N SER H 266 44.02 67.54 12.41
CA SER H 266 44.97 67.76 13.51
C SER H 266 44.42 67.35 14.86
N TYR H 267 43.15 67.64 15.14
CA TYR H 267 42.66 67.27 16.45
C TYR H 267 42.56 65.75 16.57
N CYS H 268 41.96 65.11 15.53
CA CYS H 268 41.60 63.68 15.48
C CYS H 268 42.77 62.71 15.30
N SER H 269 43.92 63.17 14.81
CA SER H 269 45.10 62.31 14.80
C SER H 269 45.49 61.91 16.22
N GLY H 270 45.69 62.92 17.08
CA GLY H 270 46.03 62.69 18.48
C GLY H 270 44.87 62.17 19.31
N TRP H 271 43.65 62.48 18.91
CA TRP H 271 42.53 61.84 19.56
C TRP H 271 42.55 60.36 19.23
N CYS H 272 42.71 60.01 17.95
CA CYS H 272 42.71 58.61 17.54
C CYS H 272 43.82 57.83 18.22
N VAL H 273 45.07 58.29 18.06
CA VAL H 273 46.19 57.53 18.64
C VAL H 273 46.02 57.34 20.15
N ARG H 274 45.43 58.34 20.84
CA ARG H 274 45.29 58.27 22.29
C ARG H 274 44.30 57.19 22.70
N VAL H 275 43.04 57.30 22.26
CA VAL H 275 42.04 56.40 22.78
C VAL H 275 42.18 55.00 22.18
N THR H 276 42.58 54.88 20.91
CA THR H 276 42.75 53.53 20.38
C THR H 276 44.21 53.13 20.43
N SER H 277 44.93 53.10 19.31
CA SER H 277 46.32 52.69 19.42
C SER H 277 47.14 53.25 18.27
N SER H 278 48.47 53.17 18.42
CA SER H 278 49.30 53.60 17.30
C SER H 278 49.08 52.70 16.11
N THR H 279 48.79 51.42 16.35
CA THR H 279 48.51 50.46 15.30
C THR H 279 47.09 50.63 14.76
N THR H 280 46.14 50.96 15.62
CA THR H 280 44.81 51.31 15.15
C THR H 280 44.82 52.59 14.26
N TYR H 281 45.54 53.64 14.68
CA TYR H 281 45.65 54.86 13.86
C TYR H 281 46.31 54.58 12.53
N SER H 282 47.31 53.71 12.51
CA SER H 282 48.04 53.43 11.27
C SER H 282 47.16 52.65 10.30
N MET H 283 46.28 51.81 10.83
CA MET H 283 45.41 50.98 10.01
C MET H 283 44.28 51.81 9.39
N VAL H 284 43.61 52.61 10.21
CA VAL H 284 42.54 53.48 9.76
C VAL H 284 43.06 54.45 8.68
N GLY H 285 44.27 54.99 8.85
CA GLY H 285 44.83 55.87 7.83
C GLY H 285 45.03 55.18 6.50
N ALA H 286 45.51 53.93 6.54
CA ALA H 286 45.65 53.15 5.33
C ALA H 286 44.27 52.78 4.79
N LEU H 287 43.31 52.56 5.69
CA LEU H 287 41.96 52.24 5.24
C LEU H 287 41.26 53.44 4.62
N ASN H 288 41.51 54.64 5.15
CA ASN H 288 40.86 55.86 4.66
C ASN H 288 40.96 56.03 3.16
N LYS H 289 42.10 55.60 2.59
CA LYS H 289 42.36 55.81 1.17
C LYS H 289 41.37 55.03 0.33
N LEU H 290 40.83 53.91 0.86
CA LEU H 290 40.00 53.00 0.07
C LEU H 290 38.64 53.56 -0.34
N PRO H 291 37.80 54.04 0.55
CA PRO H 291 36.50 54.56 0.12
C PRO H 291 36.64 55.74 -0.83
N ILE H 292 37.68 56.55 -0.64
CA ILE H 292 37.98 57.63 -1.59
C ILE H 292 38.33 57.05 -2.96
N ALA H 293 39.12 55.98 -2.98
CA ALA H 293 39.41 55.34 -4.25
C ALA H 293 38.16 54.74 -4.83
N LEU H 294 37.30 54.20 -3.95
CA LEU H 294 36.01 53.65 -4.34
C LEU H 294 35.06 54.71 -4.84
N SER H 295 35.12 55.90 -4.24
CA SER H 295 34.30 56.99 -4.75
C SER H 295 34.75 57.38 -6.14
N GLY H 296 36.05 57.48 -6.35
CA GLY H 296 36.53 57.80 -7.69
C GLY H 296 36.07 56.79 -8.71
N LEU H 297 35.71 55.57 -8.26
CA LEU H 297 35.17 54.58 -9.18
C LEU H 297 33.69 54.77 -9.43
N ILE H 298 32.92 55.20 -8.42
CA ILE H 298 31.49 55.40 -8.58
C ILE H 298 31.18 56.77 -9.16
N PHE H 299 31.66 57.82 -8.52
CA PHE H 299 31.26 59.16 -8.96
C PHE H 299 31.91 59.60 -10.25
N PHE H 300 32.77 58.80 -10.88
CA PHE H 300 33.44 59.20 -12.10
C PHE H 300 33.53 58.07 -13.11
N ASP H 301 33.52 58.43 -14.39
CA ASP H 301 33.55 57.51 -15.51
C ASP H 301 34.95 57.25 -16.08
N ALA H 302 36.00 57.47 -15.29
CA ALA H 302 37.34 57.13 -15.77
C ALA H 302 37.53 55.62 -15.82
N PRO H 303 38.42 55.15 -16.70
CA PRO H 303 38.68 53.70 -16.80
C PRO H 303 39.18 53.09 -15.50
N ARG H 304 38.70 51.88 -15.21
CA ARG H 304 38.92 51.12 -13.98
C ARG H 304 39.64 49.80 -14.27
N ASN H 305 40.18 49.12 -13.25
CA ASN H 305 40.82 47.81 -13.43
C ASN H 305 40.30 46.79 -12.42
N PHE H 306 40.19 45.54 -12.88
CA PHE H 306 39.75 44.50 -11.96
C PHE H 306 40.75 44.36 -10.84
N LEU H 307 42.03 44.44 -11.17
CA LEU H 307 43.07 44.34 -10.16
C LEU H 307 42.94 45.48 -9.14
N SER H 308 42.51 46.66 -9.60
CA SER H 308 42.29 47.76 -8.67
C SER H 308 41.02 47.55 -7.85
N ILE H 309 39.96 47.05 -8.48
CA ILE H 309 38.74 46.82 -7.74
C ILE H 309 38.96 45.76 -6.67
N LEU H 310 39.72 44.70 -7.00
CA LEU H 310 40.04 43.68 -6.01
C LEU H 310 40.75 44.28 -4.81
N SER H 311 41.86 44.99 -5.06
CA SER H 311 42.64 45.52 -3.97
C SER H 311 41.76 46.28 -3.00
N ILE H 312 40.76 47.01 -3.53
CA ILE H 312 39.84 47.75 -2.66
C ILE H 312 39.09 46.80 -1.74
N PHE H 313 38.49 45.77 -2.29
CA PHE H 313 37.76 44.86 -1.42
C PHE H 313 38.70 43.96 -0.65
N ILE H 314 39.89 43.67 -1.19
CA ILE H 314 40.88 42.98 -0.39
C ILE H 314 41.22 43.83 0.81
N GLY H 315 41.45 45.13 0.59
CA GLY H 315 41.65 46.03 1.70
C GLY H 315 40.43 46.11 2.62
N PHE H 316 39.21 46.06 2.07
CA PHE H 316 38.06 46.09 2.96
C PHE H 316 38.03 44.82 3.79
N LEU H 317 38.27 43.68 3.15
CA LEU H 317 38.40 42.44 3.89
C LEU H 317 39.43 42.59 4.97
N SER H 318 40.44 43.40 4.72
CA SER H 318 41.47 43.60 5.72
C SER H 318 40.91 44.31 6.93
N GLY H 319 40.14 45.39 6.73
CA GLY H 319 39.64 46.11 7.88
C GLY H 319 38.74 45.25 8.74
N ILE H 320 37.90 44.43 8.11
CA ILE H 320 36.98 43.58 8.85
C ILE H 320 37.72 42.56 9.69
N ILE H 321 38.80 41.98 9.16
CA ILE H 321 39.56 41.04 9.95
C ILE H 321 40.18 41.72 11.17
N TYR H 322 40.55 43.00 11.05
CA TYR H 322 41.18 43.73 12.17
C TYR H 322 40.19 44.02 13.30
N ALA H 323 38.96 44.43 12.97
CA ALA H 323 37.98 44.75 13.99
C ALA H 323 37.65 43.52 14.81
N VAL H 324 37.61 42.37 14.17
CA VAL H 324 37.39 41.14 14.91
C VAL H 324 38.60 40.84 15.78
N ALA H 325 39.80 41.01 15.22
CA ALA H 325 40.99 40.88 16.04
C ALA H 325 40.91 41.86 17.19
N LYS H 326 40.37 43.04 16.96
CA LYS H 326 40.20 44.00 18.04
C LYS H 326 39.15 43.51 19.03
N GLN H 327 38.03 42.99 18.54
CA GLN H 327 37.01 42.47 19.43
C GLN H 327 37.54 41.31 20.25
N LYS H 328 38.34 40.44 19.65
CA LYS H 328 38.85 39.32 20.43
C LYS H 328 39.89 39.76 21.47
N LYS H 329 40.62 40.85 21.22
CA LYS H 329 41.65 41.29 22.17
C LYS H 329 41.02 41.90 23.42
N GLN H 330 39.95 42.69 23.24
CA GLN H 330 39.29 43.36 24.36
C GLN H 330 38.62 42.36 25.31
N GLN H 331 37.95 41.37 24.74
CA GLN H 331 37.25 40.40 25.57
C GLN H 331 38.22 39.60 26.42
N ALA H 332 39.43 39.37 25.90
CA ALA H 332 40.42 38.60 26.66
C ALA H 332 40.87 39.38 27.89
N GLN H 333 41.06 40.69 27.75
CA GLN H 333 41.61 41.54 28.80
C GLN H 333 40.53 42.37 29.48
#